data_8IPQ
#
_entry.id   8IPQ
#
_cell.length_a   1.00
_cell.length_b   1.00
_cell.length_c   1.00
_cell.angle_alpha   90.00
_cell.angle_beta   90.00
_cell.angle_gamma   90.00
#
_symmetry.space_group_name_H-M   'P 1'
#
loop_
_entity.id
_entity.type
_entity.pdbx_description
1 polymer 'Transmembrane ATP-binding protein ABC transporter cydD'
2 polymer "Component linked with the assembly of cytochrome' ABC transporter ATP-binding protein CydC"
#
loop_
_entity_poly.entity_id
_entity_poly.type
_entity_poly.pdbx_seq_one_letter_code
_entity_poly.pdbx_strand_id
1 'polypeptide(L)'
;SYFQSNVVIAGCTIASAVVLAHIVAGIITNPATALGGETDWAPGLVALAVLWSVRVVAQWFQGRLSQRGATAVIGELSRQ
VLSSVTTSSPRRLAADRDSAAAVVTRGLDGLRPYFTGYLPAVVLAGILTPAALVVMAAYDWQAAAIVVIALPLIPIFMVL
IGLLTAERSAAALTAMTTLQGRMLDLIAGIPTLRAVGRAGGSVQRIAELSASHRRSTMATLRISFLSALVLELLATLGVA
LVAVSVGLRLVFGDMTLAAGLTALLLAPEVFWPLRRVGAAFHAAQDGKTAAEQALRLCAEPHPPTGHEVVPAGAPVIEVP
ALKAVMEPGRVTVLTGPNGVGKSTLLQAILGLQESPCGPILVAGVEVGALDRSAWWGRLAWMPHRPVLVPGTVRENLELL
GPVPGLDEVCRSVGFDEVLGELPDGSETPLGRGGVGLSLGQRQRLGLVRALGAPADVLLLDEPTAHLDGALEDRVLAAIV
ARARAGATVVMVGHRAPVLAAADHVVTMESSLVAP
;
B,C
2 'polypeptide(L)'
;VPLLRHDPLLRLTLELLRPRLGRFLLAAALGVLSLGSALALAGISAWLITRAWQMPPVLDLTVAVVAVRALGISRGVLGY
CQRLASHDSALRAAANARTGLYRKLADAPPDEAMRLPSGELVARLGPAVDELADVLVRALLPIVVAVVLGCAAVGVIAVI
SPASAAVLAVCLVVAGVVAPALAARAAHASETVAAEHRSQRDTAGMLALEHAPELRVSGRLDSVIATFERHHRAWGEAAD
RAAAPAAVAAAMPTAAMGVSVVGAVIAGIALAPTVAPTTAAILMLLPLSAFEATTALPDAAAQLMRSRVAARRLLELTTP
TPLRSRPDVATVDLAPGDRLAVVGPSGSGKTTMLMAIADRLNGAGGETPQRAAVFAEDAHLFDTTVRDNLLVVRGDATDT
ELVAALDRVGLGEWLAGLPDGLSTVLVGGAAAVSAGQRRRLLIARALISAFPVVLLDEPTENLDAGDARQMLEGLLTPGA
LFAADRTVVVATHHLPPGFDCPIVRCTGRLAVAGRYLGGIKAFDYKDDDDK
;
A,D
#
# COMPACT_ATOMS: atom_id res chain seq x y z
N SER A 1 -2.63 13.57 -21.79
CA SER A 1 -1.53 12.60 -21.82
C SER A 1 -0.69 12.71 -20.54
N TYR A 2 -1.26 13.31 -19.50
CA TYR A 2 -0.53 13.48 -18.22
C TYR A 2 -0.22 12.11 -17.63
N PHE A 3 -1.27 11.34 -17.30
CA PHE A 3 -1.05 10.05 -16.67
C PHE A 3 -0.30 9.10 -17.59
N GLN A 4 -0.56 9.16 -18.89
CA GLN A 4 0.18 8.31 -19.82
C GLN A 4 1.67 8.63 -19.79
N SER A 5 2.01 9.92 -19.80
CA SER A 5 3.42 10.31 -19.76
C SER A 5 4.06 9.88 -18.45
N ASN A 6 3.35 10.05 -17.32
CA ASN A 6 3.93 9.66 -16.05
C ASN A 6 4.12 8.15 -15.95
N VAL A 7 3.18 7.37 -16.50
CA VAL A 7 3.34 5.93 -16.53
C VAL A 7 4.55 5.54 -17.37
N VAL A 8 4.72 6.20 -18.52
CA VAL A 8 5.88 5.91 -19.36
C VAL A 8 7.17 6.21 -18.62
N ILE A 9 7.23 7.35 -17.93
CA ILE A 9 8.44 7.72 -17.19
C ILE A 9 8.73 6.71 -16.09
N ALA A 10 7.71 6.32 -15.33
CA ALA A 10 7.93 5.34 -14.27
C ALA A 10 8.42 4.01 -14.83
N GLY A 11 7.82 3.54 -15.92
CA GLY A 11 8.24 2.29 -16.51
C GLY A 11 9.66 2.34 -17.02
N CYS A 12 10.03 3.43 -17.69
CA CYS A 12 11.37 3.55 -18.24
C CYS A 12 12.42 3.89 -17.19
N THR A 13 12.00 4.26 -15.97
CA THR A 13 12.95 4.32 -14.87
C THR A 13 13.20 2.95 -14.27
N ILE A 14 12.12 2.22 -13.96
CA ILE A 14 12.27 0.92 -13.31
C ILE A 14 12.98 -0.06 -14.24
N ALA A 15 12.56 -0.12 -15.50
CA ALA A 15 13.18 -1.04 -16.45
C ALA A 15 14.64 -0.68 -16.69
N SER A 16 14.96 0.61 -16.75
CA SER A 16 16.36 1.01 -16.92
C SER A 16 17.21 0.55 -15.74
N ALA A 17 16.70 0.73 -14.51
CA ALA A 17 17.46 0.28 -13.35
C ALA A 17 17.67 -1.23 -13.39
N VAL A 18 16.62 -1.99 -13.71
CA VAL A 18 16.72 -3.44 -13.71
C VAL A 18 17.70 -3.91 -14.78
N VAL A 19 17.59 -3.36 -15.98
CA VAL A 19 18.46 -3.77 -17.07
C VAL A 19 19.91 -3.43 -16.75
N LEU A 20 20.15 -2.24 -16.18
CA LEU A 20 21.52 -1.87 -15.83
C LEU A 20 22.09 -2.81 -14.79
N ALA A 21 21.31 -3.15 -13.76
CA ALA A 21 21.80 -4.06 -12.73
C ALA A 21 22.13 -5.42 -13.34
N HIS A 22 21.26 -5.93 -14.21
CA HIS A 22 21.53 -7.23 -14.81
C HIS A 22 22.77 -7.20 -15.70
N ILE A 23 22.95 -6.11 -16.45
CA ILE A 23 24.14 -6.01 -17.29
C ILE A 23 25.41 -6.00 -16.46
N VAL A 24 25.42 -5.21 -15.38
CA VAL A 24 26.61 -5.14 -14.53
C VAL A 24 26.88 -6.51 -13.91
N ALA A 25 25.85 -7.17 -13.40
CA ALA A 25 26.05 -8.49 -12.82
C ALA A 25 26.56 -9.48 -13.85
N GLY A 26 26.03 -9.43 -15.06
CA GLY A 26 26.44 -10.37 -16.09
C GLY A 26 27.87 -10.17 -16.52
N ILE A 27 28.32 -8.93 -16.62
CA ILE A 27 29.66 -8.65 -17.13
C ILE A 27 30.67 -8.43 -16.00
N ILE A 28 30.28 -8.67 -14.75
CA ILE A 28 31.26 -8.82 -13.68
C ILE A 28 31.67 -10.28 -13.50
N THR A 29 30.70 -11.20 -13.54
CA THR A 29 30.98 -12.59 -13.22
C THR A 29 31.71 -13.31 -14.35
N ASN A 30 31.53 -12.88 -15.60
CA ASN A 30 32.13 -13.52 -16.75
C ASN A 30 33.01 -12.51 -17.48
N PRO A 31 34.25 -12.32 -17.03
CA PRO A 31 35.17 -11.36 -17.67
C PRO A 31 35.97 -11.99 -18.80
N ALA A 32 35.25 -12.51 -19.80
CA ALA A 32 35.90 -13.15 -20.94
C ALA A 32 36.42 -12.11 -21.92
N THR A 39 28.61 -10.66 -26.73
CA THR A 39 27.41 -11.47 -26.54
C THR A 39 26.28 -10.62 -25.94
N ASP A 40 26.42 -10.29 -24.67
CA ASP A 40 25.45 -9.46 -23.96
C ASP A 40 25.59 -7.99 -24.27
N TRP A 41 26.60 -7.60 -25.05
CA TRP A 41 26.84 -6.19 -25.33
C TRP A 41 25.81 -5.63 -26.30
N ALA A 42 25.35 -6.45 -27.24
CA ALA A 42 24.44 -5.92 -28.27
C ALA A 42 23.03 -5.69 -27.73
N PRO A 43 22.32 -6.69 -27.17
CA PRO A 43 20.93 -6.46 -26.79
C PRO A 43 20.79 -5.53 -25.59
N GLY A 44 21.54 -5.81 -24.52
CA GLY A 44 21.35 -5.06 -23.28
C GLY A 44 21.69 -3.59 -23.42
N LEU A 45 22.81 -3.29 -24.07
CA LEU A 45 23.22 -1.90 -24.21
C LEU A 45 22.21 -1.11 -25.03
N VAL A 46 21.75 -1.68 -26.13
CA VAL A 46 20.76 -0.99 -26.96
C VAL A 46 19.45 -0.83 -26.19
N ALA A 47 19.08 -1.83 -25.39
CA ALA A 47 17.87 -1.71 -24.59
C ALA A 47 17.99 -0.56 -23.60
N LEU A 48 19.14 -0.46 -22.92
CA LEU A 48 19.34 0.63 -21.97
C LEU A 48 19.33 1.99 -22.67
N ALA A 49 19.97 2.07 -23.84
CA ALA A 49 20.02 3.33 -24.56
C ALA A 49 18.62 3.78 -24.99
N VAL A 50 17.82 2.86 -25.53
CA VAL A 50 16.48 3.24 -25.97
C VAL A 50 15.58 3.55 -24.77
N LEU A 51 15.79 2.87 -23.64
CA LEU A 51 15.01 3.20 -22.45
C LEU A 51 15.30 4.63 -22.00
N TRP A 52 16.59 5.00 -21.93
CA TRP A 52 16.92 6.37 -21.55
C TRP A 52 16.38 7.37 -22.56
N SER A 53 16.45 7.03 -23.85
CA SER A 53 15.97 7.95 -24.89
C SER A 53 14.48 8.21 -24.76
N VAL A 54 13.68 7.14 -24.58
CA VAL A 54 12.25 7.35 -24.46
C VAL A 54 11.92 8.06 -23.16
N ARG A 55 12.69 7.83 -22.09
CA ARG A 55 12.46 8.58 -20.87
C ARG A 55 12.70 10.08 -21.08
N VAL A 56 13.76 10.43 -21.80
CA VAL A 56 14.04 11.83 -22.08
C VAL A 56 12.92 12.45 -22.91
N VAL A 57 12.48 11.74 -23.95
CA VAL A 57 11.41 12.28 -24.79
C VAL A 57 10.14 12.46 -23.99
N ALA A 58 9.83 11.51 -23.11
CA ALA A 58 8.65 11.64 -22.26
C ALA A 58 8.77 12.85 -21.34
N GLN A 59 9.96 13.10 -20.80
CA GLN A 59 10.15 14.26 -19.93
C GLN A 59 9.89 15.55 -20.69
N TRP A 60 10.44 15.66 -21.89
CA TRP A 60 10.24 16.88 -22.67
C TRP A 60 8.78 17.09 -23.03
N PHE A 61 8.10 16.01 -23.46
CA PHE A 61 6.68 16.12 -23.78
C PHE A 61 5.87 16.51 -22.56
N GLN A 62 6.23 15.95 -21.39
CA GLN A 62 5.57 16.32 -20.14
C GLN A 62 5.73 17.80 -19.86
N GLY A 63 6.93 18.34 -20.08
CA GLY A 63 7.14 19.76 -19.86
C GLY A 63 6.27 20.62 -20.75
N ARG A 64 6.23 20.30 -22.04
CA ARG A 64 5.40 21.10 -22.97
C ARG A 64 3.93 21.01 -22.60
N LEU A 65 3.44 19.81 -22.29
CA LEU A 65 2.04 19.64 -21.93
C LEU A 65 1.70 20.39 -20.66
N SER A 66 2.58 20.36 -19.66
CA SER A 66 2.31 21.08 -18.42
C SER A 66 2.25 22.57 -18.66
N GLN A 67 3.17 23.09 -19.49
CA GLN A 67 3.14 24.53 -19.79
C GLN A 67 1.81 24.92 -20.44
N ARG A 68 1.40 24.17 -21.47
CA ARG A 68 0.15 24.50 -22.15
C ARG A 68 -1.03 24.42 -21.20
N GLY A 69 -1.10 23.37 -20.39
CA GLY A 69 -2.21 23.23 -19.46
C GLY A 69 -2.27 24.34 -18.45
N ALA A 70 -1.11 24.72 -17.90
CA ALA A 70 -1.08 25.81 -16.92
C ALA A 70 -1.55 27.11 -17.55
N THR A 71 -1.09 27.41 -18.77
CA THR A 71 -1.53 28.65 -19.43
C THR A 71 -3.04 28.64 -19.64
N ALA A 72 -3.58 27.52 -20.12
CA ALA A 72 -5.02 27.45 -20.37
C ALA A 72 -5.81 27.61 -19.08
N VAL A 73 -5.37 26.97 -18.00
CA VAL A 73 -6.09 27.06 -16.73
C VAL A 73 -6.05 28.48 -16.20
N ILE A 74 -4.88 29.13 -16.28
CA ILE A 74 -4.79 30.53 -15.83
C ILE A 74 -5.76 31.39 -16.62
N GLY A 75 -5.79 31.21 -17.93
CA GLY A 75 -6.68 32.04 -18.75
C GLY A 75 -8.15 31.84 -18.41
N GLU A 76 -8.56 30.58 -18.30
CA GLU A 76 -9.96 30.30 -18.01
C GLU A 76 -10.36 30.81 -16.63
N LEU A 77 -9.49 30.62 -15.63
CA LEU A 77 -9.79 31.09 -14.29
C LEU A 77 -9.89 32.61 -14.25
N SER A 78 -8.96 33.30 -14.92
CA SER A 78 -9.02 34.76 -14.96
C SER A 78 -10.31 35.24 -15.61
N ARG A 79 -10.67 34.64 -16.75
CA ARG A 79 -11.89 35.04 -17.44
C ARG A 79 -13.12 34.81 -16.57
N GLN A 80 -13.19 33.65 -15.92
CA GLN A 80 -14.35 33.36 -15.09
C GLN A 80 -14.44 34.29 -13.89
N VAL A 81 -13.30 34.60 -13.25
CA VAL A 81 -13.32 35.51 -12.12
C VAL A 81 -13.80 36.88 -12.55
N LEU A 82 -13.26 37.40 -13.65
CA LEU A 82 -13.65 38.73 -14.11
C LEU A 82 -15.12 38.77 -14.50
N SER A 83 -15.61 37.73 -15.18
CA SER A 83 -17.01 37.70 -15.58
C SER A 83 -17.92 37.63 -14.35
N SER A 84 -17.57 36.81 -13.37
CA SER A 84 -18.44 36.62 -12.22
C SER A 84 -18.49 37.88 -11.35
N VAL A 85 -17.35 38.54 -11.13
CA VAL A 85 -17.35 39.71 -10.27
C VAL A 85 -18.10 40.87 -10.91
N THR A 86 -18.26 40.87 -12.23
CA THR A 86 -18.86 41.98 -12.96
C THR A 86 -20.38 41.89 -13.04
N THR A 87 -21.03 41.17 -12.14
CA THR A 87 -22.48 41.08 -12.15
C THR A 87 -23.06 42.32 -11.45
N SER A 88 -24.34 42.26 -11.12
CA SER A 88 -25.04 43.39 -10.51
C SER A 88 -24.68 43.47 -9.02
N SER A 89 -25.44 44.26 -8.27
CA SER A 89 -25.25 44.47 -6.85
C SER A 89 -23.86 45.04 -6.57
N PRO A 90 -23.62 46.32 -6.91
CA PRO A 90 -22.29 46.91 -6.69
C PRO A 90 -21.89 47.01 -5.23
N ARG A 91 -22.78 46.59 -4.33
CA ARG A 91 -22.44 46.59 -2.91
C ARG A 91 -21.22 45.71 -2.63
N ARG A 92 -21.20 44.50 -3.21
CA ARG A 92 -20.02 43.65 -3.08
C ARG A 92 -18.89 44.11 -3.99
N LEU A 93 -19.22 44.76 -5.12
CA LEU A 93 -18.19 45.20 -6.04
C LEU A 93 -17.30 46.26 -5.42
N ALA A 94 -17.90 47.24 -4.74
CA ALA A 94 -17.11 48.32 -4.15
C ALA A 94 -16.17 47.79 -3.08
N ALA A 95 -16.47 46.63 -2.50
CA ALA A 95 -15.62 46.05 -1.47
C ALA A 95 -14.58 45.09 -2.03
N ASP A 96 -14.90 44.34 -3.08
CA ASP A 96 -14.00 43.32 -3.61
C ASP A 96 -13.32 43.71 -4.92
N ARG A 97 -13.46 44.97 -5.35
CA ARG A 97 -12.78 45.38 -6.58
C ARG A 97 -11.27 45.32 -6.43
N ASP A 98 -10.74 45.63 -5.24
CA ASP A 98 -9.30 45.55 -5.03
C ASP A 98 -8.81 44.11 -5.15
N SER A 99 -9.51 43.17 -4.51
CA SER A 99 -9.14 41.76 -4.62
C SER A 99 -9.25 41.27 -6.05
N ALA A 100 -10.33 41.63 -6.74
CA ALA A 100 -10.50 41.18 -8.11
C ALA A 100 -9.41 41.74 -9.02
N ALA A 101 -9.08 43.03 -8.85
CA ALA A 101 -8.00 43.62 -9.63
C ALA A 101 -6.66 42.96 -9.32
N ALA A 102 -6.44 42.59 -8.07
CA ALA A 102 -5.22 41.86 -7.72
C ALA A 102 -5.18 40.52 -8.43
N VAL A 103 -6.32 39.83 -8.50
CA VAL A 103 -6.34 38.49 -9.08
C VAL A 103 -5.98 38.53 -10.56
N VAL A 104 -6.63 39.39 -11.33
CA VAL A 104 -6.33 39.49 -12.77
C VAL A 104 -5.20 40.50 -12.90
N THR A 105 -4.00 40.05 -12.57
CA THR A 105 -2.78 40.84 -12.57
C THR A 105 -1.64 39.85 -12.40
N ARG A 106 -0.43 40.33 -12.10
CA ARG A 106 0.64 39.43 -11.71
C ARG A 106 0.37 38.89 -10.31
N GLY A 107 -0.77 38.23 -10.13
CA GLY A 107 -1.14 37.64 -8.86
C GLY A 107 -1.60 36.20 -9.04
N LEU A 108 -1.87 35.82 -10.29
CA LEU A 108 -2.17 34.44 -10.64
C LEU A 108 -0.99 33.75 -11.30
N ASP A 109 0.03 34.49 -11.72
CA ASP A 109 1.21 33.90 -12.33
C ASP A 109 2.00 33.03 -11.35
N GLY A 110 1.70 33.12 -10.06
CA GLY A 110 2.32 32.26 -9.08
C GLY A 110 1.79 30.84 -9.05
N LEU A 111 0.74 30.55 -9.81
CA LEU A 111 0.24 29.19 -9.93
C LEU A 111 0.97 28.39 -11.00
N ARG A 112 1.82 29.04 -11.80
CA ARG A 112 2.62 28.31 -12.77
C ARG A 112 3.54 27.28 -12.12
N PRO A 113 4.30 27.60 -11.06
CA PRO A 113 5.09 26.54 -10.41
C PRO A 113 4.25 25.41 -9.86
N TYR A 114 3.05 25.69 -9.36
CA TYR A 114 2.18 24.64 -8.85
C TYR A 114 1.81 23.66 -9.95
N PHE A 115 1.54 24.15 -11.16
CA PHE A 115 1.20 23.29 -12.27
C PHE A 115 2.42 22.71 -12.98
N THR A 116 3.61 23.22 -12.70
CA THR A 116 4.82 22.77 -13.39
C THR A 116 5.63 21.77 -12.59
N GLY A 117 5.98 22.11 -11.34
CA GLY A 117 6.90 21.28 -10.58
C GLY A 117 6.30 20.53 -9.42
N TYR A 118 5.00 20.68 -9.18
CA TYR A 118 4.34 20.02 -8.06
C TYR A 118 3.39 18.93 -8.50
N LEU A 119 2.48 19.22 -9.43
CA LEU A 119 1.54 18.20 -9.88
C LEU A 119 2.23 17.01 -10.54
N PRO A 120 3.13 17.19 -11.50
CA PRO A 120 3.86 16.00 -12.01
C PRO A 120 4.64 15.30 -10.93
N ALA A 121 5.19 16.04 -9.97
CA ALA A 121 5.93 15.41 -8.88
C ALA A 121 5.03 14.51 -8.05
N VAL A 122 3.84 14.98 -7.69
CA VAL A 122 2.95 14.17 -6.87
C VAL A 122 2.40 12.98 -7.65
N VAL A 123 2.11 13.17 -8.94
CA VAL A 123 1.65 12.04 -9.75
C VAL A 123 2.73 10.98 -9.86
N LEU A 124 3.97 11.41 -10.12
CA LEU A 124 5.07 10.45 -10.19
C LEU A 124 5.31 9.77 -8.85
N ALA A 125 5.17 10.52 -7.76
CA ALA A 125 5.31 9.89 -6.44
C ALA A 125 4.24 8.84 -6.23
N GLY A 126 3.03 9.09 -6.71
CA GLY A 126 1.96 8.12 -6.54
C GLY A 126 2.10 6.91 -7.43
N ILE A 127 2.77 7.05 -8.57
CA ILE A 127 2.89 5.93 -9.51
C ILE A 127 4.17 5.14 -9.31
N LEU A 128 5.32 5.84 -9.40
CA LEU A 128 6.61 5.17 -9.48
C LEU A 128 6.92 4.39 -8.20
N THR A 129 6.65 4.98 -7.04
CA THR A 129 7.06 4.34 -5.78
C THR A 129 6.44 2.97 -5.59
N PRO A 130 5.12 2.77 -5.70
CA PRO A 130 4.59 1.40 -5.55
C PRO A 130 5.05 0.45 -6.62
N ALA A 131 5.23 0.91 -7.87
CA ALA A 131 5.65 -0.01 -8.93
C ALA A 131 7.09 -0.47 -8.71
N ALA A 132 7.98 0.46 -8.35
CA ALA A 132 9.35 0.06 -8.03
C ALA A 132 9.39 -0.84 -6.81
N LEU A 133 8.52 -0.57 -5.82
CA LEU A 133 8.42 -1.47 -4.68
C LEU A 133 8.01 -2.87 -5.11
N VAL A 134 7.05 -2.97 -6.03
CA VAL A 134 6.59 -4.27 -6.51
C VAL A 134 7.72 -5.01 -7.20
N VAL A 135 8.44 -4.32 -8.08
CA VAL A 135 9.51 -4.98 -8.83
C VAL A 135 10.62 -5.43 -7.90
N MET A 136 11.01 -4.58 -6.95
CA MET A 136 12.04 -4.95 -5.99
C MET A 136 11.60 -6.15 -5.15
N ALA A 137 10.33 -6.16 -4.73
CA ALA A 137 9.83 -7.31 -3.99
C ALA A 137 9.88 -8.58 -4.81
N ALA A 138 9.54 -8.48 -6.11
CA ALA A 138 9.62 -9.65 -6.96
C ALA A 138 11.04 -10.18 -7.05
N TYR A 139 12.02 -9.28 -7.20
CA TYR A 139 13.41 -9.73 -7.26
C TYR A 139 13.98 -10.10 -5.90
N ASP A 140 13.52 -9.46 -4.83
CA ASP A 140 14.06 -9.74 -3.50
C ASP A 140 13.08 -9.23 -2.45
N TRP A 141 12.59 -10.12 -1.60
CA TRP A 141 11.55 -9.74 -0.66
C TRP A 141 12.07 -9.17 0.64
N GLN A 142 13.32 -9.45 1.02
CA GLN A 142 13.84 -8.91 2.27
C GLN A 142 14.10 -7.41 2.17
N ALA A 143 14.72 -6.97 1.08
CA ALA A 143 14.93 -5.53 0.89
C ALA A 143 13.61 -4.80 0.77
N ALA A 144 12.63 -5.42 0.09
CA ALA A 144 11.30 -4.81 0.02
C ALA A 144 10.67 -4.72 1.39
N ALA A 145 10.86 -5.74 2.23
CA ALA A 145 10.32 -5.68 3.58
C ALA A 145 10.95 -4.55 4.37
N ILE A 146 12.26 -4.36 4.23
CA ILE A 146 12.94 -3.26 4.94
C ILE A 146 12.41 -1.91 4.46
N VAL A 147 12.29 -1.74 3.14
CA VAL A 147 11.79 -0.48 2.60
C VAL A 147 10.36 -0.23 3.05
N VAL A 148 9.54 -1.27 3.06
CA VAL A 148 8.15 -1.13 3.50
C VAL A 148 8.09 -0.73 4.97
N ILE A 149 8.91 -1.36 5.80
CA ILE A 149 8.92 -0.99 7.21
C ILE A 149 9.32 0.47 7.36
N ALA A 150 10.26 0.93 6.51
CA ALA A 150 10.67 2.32 6.57
C ALA A 150 9.56 3.28 6.14
N LEU A 151 8.78 2.91 5.13
CA LEU A 151 7.90 3.90 4.50
C LEU A 151 6.83 4.47 5.43
N PRO A 152 6.00 3.67 6.12
CA PRO A 152 5.13 4.28 7.14
C PRO A 152 5.85 4.58 8.43
N LEU A 153 7.03 5.17 8.32
CA LEU A 153 7.71 5.78 9.46
C LEU A 153 7.98 7.25 9.23
N ILE A 154 7.73 7.76 8.03
CA ILE A 154 7.77 9.19 7.75
C ILE A 154 6.53 9.84 8.35
N PRO A 155 5.31 9.43 8.01
CA PRO A 155 4.14 10.11 8.61
C PRO A 155 4.08 10.02 10.12
N ILE A 156 4.47 8.88 10.70
CA ILE A 156 4.42 8.73 12.15
C ILE A 156 5.34 9.73 12.83
N PHE A 157 6.60 9.78 12.38
CA PHE A 157 7.56 10.68 13.00
C PHE A 157 7.22 12.14 12.71
N MET A 158 6.74 12.43 11.52
CA MET A 158 6.35 13.80 11.19
C MET A 158 5.20 14.27 12.09
N VAL A 159 4.19 13.42 12.28
CA VAL A 159 3.08 13.79 13.15
C VAL A 159 3.55 13.93 14.58
N LEU A 160 4.39 13.01 15.05
CA LEU A 160 4.88 13.08 16.43
C LEU A 160 5.66 14.37 16.65
N ILE A 161 6.51 14.75 15.70
CA ILE A 161 7.30 15.97 15.85
C ILE A 161 6.39 17.20 15.79
N GLY A 162 5.47 17.24 14.83
CA GLY A 162 4.61 18.39 14.67
C GLY A 162 3.53 18.52 15.72
N LEU A 163 3.31 17.47 16.52
CA LEU A 163 2.38 17.54 17.64
C LEU A 163 3.07 17.78 18.97
N LEU A 164 4.27 17.22 19.16
CA LEU A 164 4.99 17.43 20.41
C LEU A 164 5.48 18.87 20.54
N THR A 165 5.90 19.48 19.43
CA THR A 165 6.47 20.82 19.45
C THR A 165 5.55 21.86 18.83
N ALA A 166 4.24 21.61 18.83
CA ALA A 166 3.29 22.60 18.33
C ALA A 166 2.89 23.58 19.41
N GLU A 167 3.88 24.14 20.08
CA GLU A 167 3.72 25.24 21.03
C GLU A 167 4.72 26.34 20.79
N ARG A 168 5.96 26.00 20.44
CA ARG A 168 6.97 26.99 20.14
C ARG A 168 6.84 27.53 18.73
N SER A 169 6.32 26.72 17.80
CA SER A 169 6.17 27.18 16.42
C SER A 169 5.18 28.34 16.33
N ALA A 170 4.04 28.22 17.01
CA ALA A 170 3.04 29.29 16.95
C ALA A 170 3.55 30.57 17.59
N ALA A 171 4.19 30.46 18.75
CA ALA A 171 4.75 31.64 19.40
C ALA A 171 5.83 32.29 18.55
N ALA A 172 6.70 31.48 17.95
CA ALA A 172 7.75 32.01 17.10
C ALA A 172 7.16 32.71 15.89
N LEU A 173 6.12 32.13 15.28
CA LEU A 173 5.49 32.77 14.13
C LEU A 173 4.82 34.08 14.52
N THR A 174 4.15 34.12 15.67
CA THR A 174 3.53 35.36 16.11
C THR A 174 4.56 36.45 16.36
N ALA A 175 5.65 36.10 17.05
CA ALA A 175 6.71 37.08 17.28
C ALA A 175 7.30 37.54 15.95
N MET A 176 7.51 36.60 15.02
CA MET A 176 8.03 36.94 13.71
C MET A 176 7.15 37.98 13.02
N THR A 177 5.84 37.71 12.93
CA THR A 177 4.98 38.61 12.18
C THR A 177 4.84 39.96 12.87
N THR A 178 4.74 39.97 14.20
CA THR A 178 4.63 41.25 14.91
C THR A 178 5.89 42.09 14.71
N LEU A 179 7.07 41.49 14.89
CA LEU A 179 8.29 42.24 14.71
C LEU A 179 8.48 42.69 13.27
N GLN A 180 8.10 41.85 12.31
CA GLN A 180 8.20 42.25 10.90
C GLN A 180 7.29 43.44 10.62
N GLY A 181 6.07 43.43 11.16
CA GLY A 181 5.21 44.59 11.02
C GLY A 181 5.81 45.83 11.65
N ARG A 182 6.45 45.68 12.81
CA ARG A 182 7.14 46.81 13.43
C ARG A 182 8.18 47.40 12.48
N MET A 183 9.03 46.54 11.91
CA MET A 183 10.05 47.02 10.97
C MET A 183 9.42 47.69 9.77
N LEU A 184 8.39 47.08 9.19
CA LEU A 184 7.80 47.62 7.97
C LEU A 184 7.19 49.00 8.23
N ASP A 185 6.49 49.16 9.35
CA ASP A 185 5.90 50.47 9.63
C ASP A 185 6.98 51.50 9.96
N LEU A 186 8.04 51.09 10.67
CA LEU A 186 9.09 52.05 11.01
C LEU A 186 9.81 52.53 9.75
N ILE A 187 10.15 51.61 8.85
CA ILE A 187 10.77 51.99 7.60
C ILE A 187 9.80 52.76 6.71
N ALA A 188 8.50 52.55 6.89
CA ALA A 188 7.53 53.31 6.10
C ALA A 188 7.58 54.79 6.40
N GLY A 189 7.85 55.16 7.65
CA GLY A 189 7.77 56.55 8.07
C GLY A 189 9.09 57.29 8.14
N ILE A 190 10.13 56.78 7.47
CA ILE A 190 11.43 57.45 7.51
C ILE A 190 11.39 58.86 6.96
N PRO A 191 10.72 59.17 5.84
CA PRO A 191 10.69 60.59 5.40
C PRO A 191 10.02 61.50 6.41
N THR A 192 9.02 61.00 7.14
CA THR A 192 8.37 61.82 8.16
C THR A 192 9.34 62.19 9.26
N LEU A 193 10.19 61.25 9.67
CA LEU A 193 11.20 61.51 10.69
C LEU A 193 12.45 62.18 10.12
N ARG A 194 12.54 62.31 8.80
CA ARG A 194 13.70 62.99 8.21
C ARG A 194 13.67 64.48 8.49
N ALA A 195 12.54 65.12 8.26
CA ALA A 195 12.45 66.58 8.42
C ALA A 195 11.98 66.98 9.81
N VAL A 196 12.61 66.41 10.84
CA VAL A 196 12.41 66.77 12.22
C VAL A 196 13.77 66.72 12.93
N GLY A 197 13.75 67.00 14.24
CA GLY A 197 14.98 66.94 15.00
C GLY A 197 15.56 65.54 15.06
N ARG A 198 14.71 64.54 15.27
CA ARG A 198 15.15 63.15 15.41
C ARG A 198 15.27 62.53 14.04
N ALA A 199 16.41 62.75 13.38
CA ALA A 199 16.67 62.19 12.06
C ALA A 199 17.41 60.86 12.12
N GLY A 200 18.47 60.78 12.91
CA GLY A 200 19.25 59.56 13.06
C GLY A 200 19.16 58.89 14.41
N GLY A 201 18.24 59.32 15.28
CA GLY A 201 18.11 58.70 16.59
C GLY A 201 17.41 57.37 16.60
N SER A 202 16.80 56.97 15.48
CA SER A 202 16.11 55.69 15.37
C SER A 202 17.00 54.60 14.79
N VAL A 203 18.26 54.91 14.46
CA VAL A 203 19.14 53.91 13.87
C VAL A 203 19.45 52.81 14.88
N GLN A 204 19.53 53.15 16.16
CA GLN A 204 19.84 52.15 17.17
C GLN A 204 18.71 51.14 17.32
N ARG A 205 17.46 51.59 17.23
CA ARG A 205 16.32 50.72 17.45
C ARG A 205 16.28 49.58 16.42
N ILE A 206 16.51 49.91 15.14
CA ILE A 206 16.47 48.91 14.09
C ILE A 206 17.51 47.83 14.33
N ALA A 207 18.61 48.16 15.01
CA ALA A 207 19.65 47.16 15.27
C ALA A 207 19.11 45.98 16.06
N GLU A 208 18.68 46.21 17.30
CA GLU A 208 18.21 45.07 18.07
C GLU A 208 16.83 44.59 17.61
N LEU A 209 16.07 45.43 16.89
CA LEU A 209 14.85 44.91 16.28
C LEU A 209 15.18 43.84 15.24
N SER A 210 16.19 44.10 14.40
CA SER A 210 16.66 43.10 13.44
C SER A 210 17.23 41.88 14.16
N ALA A 211 17.97 42.11 15.24
CA ALA A 211 18.53 40.98 15.98
C ALA A 211 17.43 40.07 16.51
N SER A 212 16.40 40.66 17.13
CA SER A 212 15.31 39.85 17.68
C SER A 212 14.51 39.17 16.58
N HIS A 213 14.24 39.89 15.48
CA HIS A 213 13.51 39.28 14.38
C HIS A 213 14.28 38.11 13.78
N ARG A 214 15.59 38.27 13.61
CA ARG A 214 16.37 37.20 13.01
C ARG A 214 16.52 36.01 13.95
N ARG A 215 16.60 36.24 15.26
CA ARG A 215 16.63 35.08 16.16
C ARG A 215 15.27 34.39 16.21
N SER A 216 14.17 35.13 16.11
CA SER A 216 12.86 34.50 16.05
C SER A 216 12.70 33.67 14.77
N THR A 217 13.12 34.22 13.63
CA THR A 217 13.06 33.45 12.41
C THR A 217 14.02 32.27 12.46
N MET A 218 15.11 32.40 13.21
CA MET A 218 16.00 31.26 13.42
C MET A 218 15.28 30.15 14.15
N ALA A 219 14.54 30.50 15.20
CA ALA A 219 13.77 29.50 15.95
C ALA A 219 12.75 28.82 15.05
N THR A 220 12.02 29.61 14.26
CA THR A 220 10.98 28.99 13.43
C THR A 220 11.59 28.15 12.31
N LEU A 221 12.75 28.55 11.77
CA LEU A 221 13.41 27.72 10.76
C LEU A 221 13.94 26.43 11.37
N ARG A 222 14.48 26.51 12.58
CA ARG A 222 14.96 25.31 13.26
C ARG A 222 13.83 24.33 13.51
N ILE A 223 12.66 24.85 13.90
CA ILE A 223 11.52 23.97 14.14
C ILE A 223 10.99 23.39 12.82
N SER A 224 10.90 24.23 11.78
CA SER A 224 10.24 23.82 10.54
C SER A 224 11.10 22.97 9.62
N PHE A 225 12.38 22.78 9.90
CA PHE A 225 13.15 21.95 8.93
C PHE A 225 13.13 20.47 9.33
N LEU A 226 12.62 20.15 10.53
CA LEU A 226 12.72 18.77 10.99
C LEU A 226 12.12 17.79 10.00
N SER A 227 11.13 18.22 9.22
CA SER A 227 10.53 17.32 8.23
C SER A 227 11.54 16.89 7.18
N ALA A 228 12.35 17.83 6.70
CA ALA A 228 13.39 17.49 5.73
C ALA A 228 14.42 16.54 6.35
N LEU A 229 14.77 16.78 7.62
CA LEU A 229 15.70 15.88 8.29
C LEU A 229 15.15 14.46 8.37
N VAL A 230 13.87 14.34 8.75
CA VAL A 230 13.26 13.02 8.87
C VAL A 230 13.23 12.32 7.51
N LEU A 231 12.83 13.05 6.47
CA LEU A 231 12.74 12.44 5.15
C LEU A 231 14.11 12.00 4.66
N GLU A 232 15.12 12.86 4.78
CA GLU A 232 16.48 12.50 4.36
C GLU A 232 16.98 11.30 5.15
N LEU A 233 16.79 11.31 6.47
CA LEU A 233 17.31 10.25 7.31
C LEU A 233 16.67 8.91 6.95
N LEU A 234 15.35 8.90 6.74
CA LEU A 234 14.71 7.63 6.40
C LEU A 234 15.10 7.18 5.00
N ALA A 235 15.10 8.08 4.02
CA ALA A 235 15.43 7.68 2.65
C ALA A 235 16.88 7.27 2.51
N THR A 236 17.74 7.63 3.46
CA THR A 236 19.13 7.18 3.44
C THR A 236 19.35 5.92 4.26
N LEU A 237 18.73 5.83 5.44
CA LEU A 237 18.84 4.63 6.25
C LEU A 237 18.20 3.44 5.56
N GLY A 238 17.18 3.66 4.73
CA GLY A 238 16.62 2.56 3.96
C GLY A 238 17.66 1.92 3.06
N VAL A 239 18.39 2.74 2.30
CA VAL A 239 19.41 2.22 1.42
C VAL A 239 20.56 1.62 2.21
N ALA A 240 20.92 2.24 3.33
CA ALA A 240 22.00 1.69 4.15
C ALA A 240 21.64 0.29 4.65
N LEU A 241 20.43 0.13 5.18
CA LEU A 241 20.02 -1.17 5.72
C LEU A 241 19.85 -2.19 4.60
N VAL A 242 19.33 -1.78 3.44
CA VAL A 242 19.21 -2.69 2.32
C VAL A 242 20.58 -3.20 1.91
N ALA A 243 21.55 -2.29 1.82
CA ALA A 243 22.91 -2.69 1.43
C ALA A 243 23.51 -3.64 2.46
N VAL A 244 23.35 -3.33 3.75
CA VAL A 244 23.91 -4.19 4.79
C VAL A 244 23.29 -5.57 4.72
N SER A 245 21.96 -5.64 4.59
CA SER A 245 21.30 -6.93 4.57
C SER A 245 21.71 -7.76 3.35
N VAL A 246 21.70 -7.15 2.17
CA VAL A 246 22.02 -7.88 0.96
C VAL A 246 23.46 -8.36 1.00
N GLY A 247 24.38 -7.50 1.44
CA GLY A 247 25.77 -7.91 1.53
C GLY A 247 25.99 -9.01 2.54
N LEU A 248 25.33 -8.91 3.70
CA LEU A 248 25.56 -9.89 4.76
C LEU A 248 24.96 -11.24 4.42
N ARG A 249 23.82 -11.28 3.75
CA ARG A 249 23.22 -12.56 3.39
C ARG A 249 23.59 -13.02 1.99
N LEU A 250 24.42 -12.26 1.28
CA LEU A 250 25.00 -12.73 0.03
C LEU A 250 26.35 -13.39 0.22
N VAL A 251 27.01 -13.16 1.36
CA VAL A 251 28.32 -13.73 1.59
C VAL A 251 28.28 -15.24 1.71
N PHE A 252 27.14 -15.82 2.09
CA PHE A 252 27.03 -17.28 2.16
C PHE A 252 26.45 -17.86 0.87
N GLY A 253 26.99 -17.42 -0.27
CA GLY A 253 26.68 -17.97 -1.58
C GLY A 253 25.24 -18.37 -1.84
N ASP A 254 24.28 -17.64 -1.29
CA ASP A 254 22.88 -18.05 -1.33
C ASP A 254 21.98 -17.00 -1.97
N MET A 255 22.53 -16.16 -2.85
CA MET A 255 21.74 -15.16 -3.52
C MET A 255 22.49 -14.60 -4.72
N THR A 256 21.84 -14.57 -5.89
CA THR A 256 22.50 -14.13 -7.10
C THR A 256 22.92 -12.67 -6.98
N LEU A 257 24.05 -12.34 -7.60
CA LEU A 257 24.52 -10.96 -7.58
C LEU A 257 23.53 -10.03 -8.28
N ALA A 258 22.87 -10.52 -9.32
CA ALA A 258 21.95 -9.69 -10.08
C ALA A 258 20.79 -9.21 -9.21
N ALA A 259 20.24 -10.10 -8.38
CA ALA A 259 19.15 -9.68 -7.50
C ALA A 259 19.61 -8.64 -6.50
N GLY A 260 20.81 -8.82 -5.94
CA GLY A 260 21.32 -7.85 -4.99
C GLY A 260 21.52 -6.49 -5.63
N LEU A 261 22.12 -6.46 -6.81
CA LEU A 261 22.32 -5.19 -7.50
C LEU A 261 21.00 -4.55 -7.87
N THR A 262 20.01 -5.36 -8.27
CA THR A 262 18.72 -4.82 -8.63
C THR A 262 18.04 -4.17 -7.42
N ALA A 263 18.05 -4.85 -6.28
CA ALA A 263 17.46 -4.26 -5.08
C ALA A 263 18.20 -2.99 -4.67
N LEU A 264 19.52 -3.02 -4.73
CA LEU A 264 20.31 -1.86 -4.33
C LEU A 264 20.05 -0.68 -5.24
N LEU A 265 19.92 -0.92 -6.54
CA LEU A 265 19.67 0.17 -7.47
C LEU A 265 18.23 0.66 -7.40
N LEU A 266 17.29 -0.21 -7.02
CA LEU A 266 15.89 0.18 -7.00
C LEU A 266 15.46 0.85 -5.71
N ALA A 267 16.23 0.69 -4.62
CA ALA A 267 15.90 1.45 -3.41
C ALA A 267 15.89 2.96 -3.64
N PRO A 268 16.91 3.57 -4.26
CA PRO A 268 16.83 5.02 -4.50
C PRO A 268 15.67 5.42 -5.39
N GLU A 269 15.31 4.60 -6.38
CA GLU A 269 14.16 4.93 -7.21
C GLU A 269 12.87 4.93 -6.40
N VAL A 270 12.76 4.04 -5.41
CA VAL A 270 11.61 4.07 -4.52
C VAL A 270 11.62 5.35 -3.69
N PHE A 271 12.77 5.73 -3.16
CA PHE A 271 12.80 6.81 -2.16
C PHE A 271 12.97 8.21 -2.75
N TRP A 272 13.21 8.34 -4.05
CA TRP A 272 13.47 9.68 -4.60
C TRP A 272 12.21 10.53 -4.79
N PRO A 273 11.14 10.03 -5.42
CA PRO A 273 10.00 10.91 -5.72
C PRO A 273 9.39 11.56 -4.51
N LEU A 274 9.38 10.90 -3.35
CA LEU A 274 8.88 11.54 -2.14
C LEU A 274 9.74 12.74 -1.76
N ARG A 275 11.06 12.61 -1.89
CA ARG A 275 11.94 13.74 -1.62
C ARG A 275 11.71 14.87 -2.62
N ARG A 276 11.49 14.52 -3.89
CA ARG A 276 11.21 15.53 -4.89
C ARG A 276 9.92 16.28 -4.56
N VAL A 277 8.88 15.56 -4.14
CA VAL A 277 7.62 16.19 -3.76
C VAL A 277 7.83 17.10 -2.55
N GLY A 278 8.58 16.64 -1.57
CA GLY A 278 8.84 17.46 -0.39
C GLY A 278 9.57 18.74 -0.75
N ALA A 279 10.56 18.64 -1.65
CA ALA A 279 11.28 19.83 -2.09
C ALA A 279 10.37 20.78 -2.85
N ALA A 280 9.50 20.25 -3.70
CA ALA A 280 8.66 21.10 -4.54
C ALA A 280 7.43 21.64 -3.81
N PHE A 281 7.11 21.13 -2.63
CA PHE A 281 5.89 21.58 -1.94
C PHE A 281 5.98 23.05 -1.56
N HIS A 282 7.07 23.46 -0.92
CA HIS A 282 7.15 24.81 -0.36
C HIS A 282 7.08 25.89 -1.41
N ALA A 283 7.30 25.55 -2.69
CA ALA A 283 7.23 26.51 -3.77
C ALA A 283 5.83 26.62 -4.37
N ALA A 284 4.84 25.91 -3.82
CA ALA A 284 3.50 25.91 -4.37
C ALA A 284 2.45 26.40 -3.40
N GLN A 285 2.84 26.86 -2.20
CA GLN A 285 1.86 27.39 -1.26
C GLN A 285 1.19 28.65 -1.79
N ASP A 286 1.97 29.55 -2.40
CA ASP A 286 1.41 30.81 -2.88
C ASP A 286 0.39 30.59 -3.98
N GLY A 287 0.68 29.69 -4.93
CA GLY A 287 -0.25 29.42 -6.00
C GLY A 287 -1.57 28.88 -5.49
N LYS A 288 -1.52 27.98 -4.50
CA LYS A 288 -2.75 27.44 -3.93
C LYS A 288 -3.57 28.53 -3.25
N THR A 289 -2.89 29.45 -2.53
CA THR A 289 -3.61 30.55 -1.90
C THR A 289 -4.28 31.45 -2.94
N ALA A 290 -3.56 31.76 -4.02
CA ALA A 290 -4.14 32.58 -5.07
C ALA A 290 -5.35 31.89 -5.70
N ALA A 291 -5.24 30.59 -5.96
CA ALA A 291 -6.36 29.85 -6.54
C ALA A 291 -7.55 29.83 -5.59
N GLU A 292 -7.29 29.64 -4.30
CA GLU A 292 -8.38 29.64 -3.32
C GLU A 292 -9.07 31.00 -3.27
N GLN A 293 -8.29 32.08 -3.28
CA GLN A 293 -8.87 33.42 -3.27
C GLN A 293 -9.69 33.66 -4.52
N ALA A 294 -9.19 33.24 -5.68
CA ALA A 294 -9.92 33.43 -6.92
C ALA A 294 -11.22 32.64 -6.93
N LEU A 295 -11.18 31.40 -6.43
CA LEU A 295 -12.39 30.58 -6.42
C LEU A 295 -13.39 31.06 -5.40
N ARG A 296 -12.94 31.71 -4.32
CA ARG A 296 -13.85 32.19 -3.30
C ARG A 296 -14.73 33.35 -3.76
N LEU A 297 -14.45 33.95 -4.92
CA LEU A 297 -15.17 35.11 -5.39
C LEU A 297 -15.88 34.85 -6.72
N CYS A 298 -16.40 33.65 -6.91
CA CYS A 298 -17.08 33.30 -8.15
C CYS A 298 -18.46 32.69 -7.94
N ALA A 299 -18.63 31.88 -6.90
CA ALA A 299 -19.85 31.09 -6.77
C ALA A 299 -21.05 31.90 -6.30
N GLU A 300 -20.83 32.90 -5.44
CA GLU A 300 -21.95 33.56 -4.76
C GLU A 300 -22.95 34.23 -5.70
N PRO A 301 -22.53 35.09 -6.70
CA PRO A 301 -23.59 35.81 -7.45
C PRO A 301 -24.63 35.02 -8.23
N HIS A 302 -25.91 35.28 -7.96
CA HIS A 302 -26.99 34.61 -8.70
C HIS A 302 -28.09 35.63 -9.01
N PRO A 303 -28.07 36.25 -10.20
CA PRO A 303 -29.06 37.27 -10.57
C PRO A 303 -30.50 36.76 -10.63
N PRO A 304 -31.46 37.53 -10.09
CA PRO A 304 -32.86 37.10 -10.05
C PRO A 304 -33.80 37.87 -11.00
N THR A 305 -34.79 38.55 -10.41
CA THR A 305 -35.84 39.37 -11.07
C THR A 305 -36.90 38.66 -11.92
N GLY A 306 -37.99 39.34 -12.25
CA GLY A 306 -39.07 38.70 -12.98
C GLY A 306 -39.22 38.98 -14.47
N HIS A 307 -40.46 38.93 -14.97
CA HIS A 307 -40.70 39.13 -16.40
C HIS A 307 -41.75 40.20 -16.70
N GLU A 308 -42.32 40.81 -15.67
CA GLU A 308 -43.27 41.90 -15.83
C GLU A 308 -42.67 42.99 -16.72
N VAL A 309 -43.50 43.51 -17.61
CA VAL A 309 -43.09 44.52 -18.59
C VAL A 309 -43.85 45.81 -18.30
N VAL A 310 -43.11 46.90 -18.15
CA VAL A 310 -43.74 48.21 -17.94
C VAL A 310 -44.51 48.61 -19.18
N PRO A 311 -45.73 49.14 -19.05
CA PRO A 311 -46.51 49.52 -20.23
C PRO A 311 -45.84 50.64 -21.01
N ALA A 312 -46.22 50.75 -22.28
CA ALA A 312 -45.62 51.73 -23.17
C ALA A 312 -45.89 53.14 -22.65
N GLY A 313 -44.91 54.01 -22.85
CA GLY A 313 -44.97 55.38 -22.35
C GLY A 313 -43.97 55.60 -21.24
N ALA A 314 -44.17 56.70 -20.52
CA ALA A 314 -43.31 57.04 -19.39
C ALA A 314 -44.02 56.67 -18.10
N PRO A 315 -43.54 55.67 -17.36
CA PRO A 315 -44.24 55.25 -16.13
C PRO A 315 -44.20 56.30 -15.03
N VAL A 316 -44.83 55.98 -13.90
CA VAL A 316 -44.83 56.81 -12.71
C VAL A 316 -43.97 56.11 -11.65
N ILE A 317 -43.00 56.82 -11.10
CA ILE A 317 -42.12 56.28 -10.06
C ILE A 317 -42.53 56.89 -8.73
N GLU A 318 -42.56 56.05 -7.70
CA GLU A 318 -43.01 56.48 -6.38
C GLU A 318 -42.06 55.93 -5.31
N VAL A 319 -41.76 56.77 -4.33
CA VAL A 319 -40.92 56.39 -3.20
C VAL A 319 -41.71 56.63 -1.92
N PRO A 320 -42.47 55.64 -1.43
CA PRO A 320 -43.24 55.85 -0.19
C PRO A 320 -42.38 56.17 1.01
N ALA A 321 -41.13 55.68 1.04
CA ALA A 321 -40.28 55.93 2.19
C ALA A 321 -39.99 57.43 2.36
N LEU A 322 -39.71 58.12 1.26
CA LEU A 322 -39.41 59.55 1.28
C LEU A 322 -40.57 60.40 0.77
N LYS A 323 -41.76 59.80 0.60
CA LYS A 323 -42.95 60.52 0.15
C LYS A 323 -42.70 61.22 -1.19
N ALA A 324 -41.95 60.56 -2.06
CA ALA A 324 -41.60 61.11 -3.36
C ALA A 324 -42.27 60.28 -4.45
N VAL A 325 -43.21 60.90 -5.17
CA VAL A 325 -43.89 60.27 -6.30
C VAL A 325 -43.67 61.19 -7.49
N MET A 326 -42.97 60.68 -8.51
CA MET A 326 -42.59 61.50 -9.65
C MET A 326 -43.36 61.04 -10.89
N GLU A 327 -44.12 61.96 -11.47
CA GLU A 327 -44.96 61.80 -12.64
C GLU A 327 -44.17 62.08 -13.91
N PRO A 328 -44.62 61.56 -15.05
CA PRO A 328 -43.91 61.80 -16.31
C PRO A 328 -44.03 63.24 -16.79
N GLY A 329 -43.07 63.64 -17.61
CA GLY A 329 -43.09 64.92 -18.28
C GLY A 329 -42.63 66.10 -17.45
N ARG A 330 -42.12 65.87 -16.25
CA ARG A 330 -41.73 66.95 -15.35
C ARG A 330 -40.29 66.74 -14.89
N VAL A 331 -39.69 67.83 -14.42
CA VAL A 331 -38.30 67.86 -14.01
C VAL A 331 -38.24 67.71 -12.48
N THR A 332 -37.39 66.80 -12.02
CA THR A 332 -37.25 66.51 -10.59
C THR A 332 -35.79 66.59 -10.19
N VAL A 333 -35.53 67.14 -9.01
CA VAL A 333 -34.18 67.28 -8.47
C VAL A 333 -34.15 66.67 -7.08
N LEU A 334 -32.97 66.18 -6.68
CA LEU A 334 -32.73 65.60 -5.37
C LEU A 334 -31.66 66.41 -4.66
N THR A 335 -31.87 66.72 -3.39
CA THR A 335 -30.92 67.50 -2.62
C THR A 335 -30.68 66.84 -1.26
N GLY A 336 -29.51 67.13 -0.70
CA GLY A 336 -29.14 66.59 0.59
C GLY A 336 -27.63 66.60 0.77
N PRO A 337 -27.15 66.09 1.90
CA PRO A 337 -25.70 66.01 2.12
C PRO A 337 -25.05 65.03 1.14
N ASN A 338 -23.72 65.00 1.19
CA ASN A 338 -22.96 64.17 0.27
C ASN A 338 -22.89 62.74 0.78
N GLY A 339 -23.28 61.79 -0.06
CA GLY A 339 -23.14 60.37 0.25
C GLY A 339 -24.26 59.75 1.05
N VAL A 340 -25.40 60.40 1.19
CA VAL A 340 -26.54 59.84 1.92
C VAL A 340 -27.36 59.04 0.91
N GLY A 341 -26.92 57.81 0.67
CA GLY A 341 -27.62 56.85 -0.18
C GLY A 341 -28.30 57.37 -1.43
N LYS A 342 -27.70 58.32 -2.13
CA LYS A 342 -28.29 58.86 -3.34
C LYS A 342 -27.82 58.16 -4.60
N SER A 343 -26.52 57.86 -4.70
CA SER A 343 -26.06 56.97 -5.75
C SER A 343 -26.61 55.57 -5.53
N THR A 344 -26.69 55.15 -4.27
CA THR A 344 -27.32 53.87 -3.95
C THR A 344 -28.79 53.87 -4.34
N LEU A 345 -29.51 54.96 -4.07
CA LEU A 345 -30.91 55.06 -4.47
C LEU A 345 -31.05 54.95 -5.98
N LEU A 346 -30.21 55.67 -6.72
CA LEU A 346 -30.31 55.62 -8.17
C LEU A 346 -30.00 54.23 -8.70
N GLN A 347 -28.86 53.65 -8.29
CA GLN A 347 -28.50 52.33 -8.76
C GLN A 347 -29.50 51.27 -8.30
N ALA A 348 -30.26 51.55 -7.24
CA ALA A 348 -31.35 50.67 -6.86
C ALA A 348 -32.54 50.81 -7.81
N ILE A 349 -32.83 52.04 -8.25
CA ILE A 349 -33.97 52.19 -9.16
C ILE A 349 -33.61 51.75 -10.57
N LEU A 350 -32.33 51.44 -10.76
CA LEU A 350 -31.93 50.78 -12.02
C LEU A 350 -32.11 49.28 -11.74
N GLY A 351 -32.36 48.91 -10.48
CA GLY A 351 -32.57 47.53 -10.12
C GLY A 351 -31.31 46.73 -9.90
N LEU A 352 -30.14 47.36 -9.91
CA LEU A 352 -28.89 46.65 -9.67
C LEU A 352 -28.86 46.05 -8.27
N GLN A 353 -29.31 46.80 -7.27
CA GLN A 353 -29.26 46.35 -5.89
C GLN A 353 -30.56 46.73 -5.19
N GLU A 354 -30.68 46.32 -3.93
CA GLU A 354 -31.87 46.61 -3.15
C GLU A 354 -31.97 48.11 -2.85
N SER A 355 -33.19 48.58 -2.67
CA SER A 355 -33.43 49.98 -2.35
C SER A 355 -33.22 50.21 -0.85
N PRO A 356 -32.26 51.05 -0.46
CA PRO A 356 -32.08 51.33 0.97
C PRO A 356 -33.27 52.00 1.62
N CYS A 357 -33.99 52.85 0.89
CA CYS A 357 -35.10 53.62 1.43
C CYS A 357 -36.42 52.98 0.99
N GLY A 358 -36.84 51.96 1.72
CA GLY A 358 -38.12 51.33 1.50
C GLY A 358 -38.23 50.66 0.15
N PRO A 359 -39.45 50.36 -0.27
CA PRO A 359 -39.68 49.79 -1.59
C PRO A 359 -39.93 50.85 -2.65
N ILE A 360 -39.56 50.51 -3.88
CA ILE A 360 -39.72 51.40 -5.03
C ILE A 360 -40.63 50.72 -6.03
N LEU A 361 -41.74 51.37 -6.36
CA LEU A 361 -42.73 50.84 -7.29
C LEU A 361 -42.63 51.61 -8.60
N VAL A 362 -42.35 50.91 -9.69
CA VAL A 362 -42.39 51.50 -11.02
C VAL A 362 -43.75 51.20 -11.64
N ALA A 363 -44.39 52.24 -12.18
CA ALA A 363 -45.72 52.13 -12.80
C ALA A 363 -46.70 51.38 -11.91
N GLY A 364 -46.47 51.37 -10.60
CA GLY A 364 -47.31 50.67 -9.65
C GLY A 364 -46.80 49.30 -9.23
N VAL A 365 -45.78 48.76 -9.91
CA VAL A 365 -45.26 47.43 -9.60
C VAL A 365 -43.85 47.56 -9.06
N GLU A 366 -43.50 46.68 -8.11
CA GLU A 366 -42.19 46.71 -7.47
C GLU A 366 -41.10 46.41 -8.49
N VAL A 367 -39.88 46.91 -8.19
CA VAL A 367 -38.73 46.65 -9.05
C VAL A 367 -38.32 45.18 -9.00
N GLY A 368 -38.70 44.45 -7.95
CA GLY A 368 -38.30 43.06 -7.84
C GLY A 368 -38.93 42.16 -8.88
N ALA A 369 -40.13 42.51 -9.35
CA ALA A 369 -40.79 41.77 -10.41
C ALA A 369 -40.50 42.30 -11.80
N LEU A 370 -39.69 43.35 -11.90
CA LEU A 370 -39.37 43.95 -13.18
C LEU A 370 -38.52 43.02 -14.03
N ASP A 371 -38.71 43.10 -15.34
CA ASP A 371 -37.83 42.42 -16.29
C ASP A 371 -36.72 43.39 -16.66
N ARG A 372 -35.51 43.12 -16.15
CA ARG A 372 -34.43 44.10 -16.25
C ARG A 372 -33.94 44.29 -17.68
N SER A 373 -34.03 43.25 -18.51
CA SER A 373 -33.54 43.36 -19.88
C SER A 373 -34.27 44.45 -20.65
N ALA A 374 -35.60 44.40 -20.65
CA ALA A 374 -36.38 45.43 -21.34
C ALA A 374 -36.41 46.74 -20.57
N TRP A 375 -36.37 46.68 -19.24
CA TRP A 375 -36.39 47.89 -18.43
C TRP A 375 -35.16 48.75 -18.71
N TRP A 376 -33.99 48.12 -18.84
CA TRP A 376 -32.76 48.86 -19.07
C TRP A 376 -32.71 49.52 -20.44
N GLY A 377 -33.52 49.03 -21.40
CA GLY A 377 -33.52 49.61 -22.73
C GLY A 377 -34.36 50.86 -22.89
N ARG A 378 -35.11 51.24 -21.87
CA ARG A 378 -35.97 52.42 -21.91
C ARG A 378 -35.34 53.62 -21.21
N LEU A 379 -34.02 53.60 -20.99
CA LEU A 379 -33.42 54.49 -20.02
C LEU A 379 -32.10 55.04 -20.54
N ALA A 380 -31.81 56.28 -20.14
CA ALA A 380 -30.55 56.97 -20.44
C ALA A 380 -29.86 57.26 -19.11
N TRP A 381 -28.90 56.41 -18.76
CA TRP A 381 -28.19 56.48 -17.48
C TRP A 381 -26.84 57.14 -17.71
N MET A 382 -26.68 58.38 -17.23
CA MET A 382 -25.41 59.06 -17.36
C MET A 382 -24.73 59.03 -16.01
N PRO A 383 -23.62 58.31 -15.85
CA PRO A 383 -22.99 58.20 -14.53
C PRO A 383 -22.00 59.32 -14.27
N HIS A 384 -21.44 59.34 -13.05
CA HIS A 384 -20.48 60.39 -12.70
C HIS A 384 -19.27 60.34 -13.62
N ARG A 385 -18.77 59.15 -13.91
CA ARG A 385 -17.65 58.97 -14.82
C ARG A 385 -18.14 58.28 -16.08
N PRO A 386 -18.20 58.96 -17.22
CA PRO A 386 -18.70 58.32 -18.45
C PRO A 386 -17.77 57.23 -18.95
N VAL A 387 -18.11 56.61 -20.09
CA VAL A 387 -17.28 55.59 -20.68
C VAL A 387 -16.22 56.26 -21.56
N LEU A 388 -14.95 56.02 -21.23
CA LEU A 388 -13.83 56.59 -22.00
C LEU A 388 -12.83 55.47 -22.23
N VAL A 389 -13.03 54.71 -23.31
CA VAL A 389 -12.09 53.65 -23.69
C VAL A 389 -10.96 54.29 -24.48
N PRO A 390 -9.71 53.88 -24.29
CA PRO A 390 -8.62 54.43 -25.12
C PRO A 390 -8.90 54.21 -26.60
N GLY A 391 -8.63 55.25 -27.39
CA GLY A 391 -8.92 55.22 -28.79
C GLY A 391 -9.20 56.64 -29.29
N THR A 392 -10.25 56.78 -30.08
CA THR A 392 -10.61 58.04 -30.69
C THR A 392 -11.95 58.54 -30.13
N VAL A 393 -12.28 59.78 -30.49
CA VAL A 393 -13.52 60.39 -30.00
C VAL A 393 -14.73 59.71 -30.61
N ARG A 394 -14.64 59.33 -31.89
CA ARG A 394 -15.80 58.78 -32.60
C ARG A 394 -16.31 57.51 -31.93
N GLU A 395 -15.39 56.58 -31.62
CA GLU A 395 -15.82 55.35 -30.94
C GLU A 395 -16.36 55.66 -29.55
N ASN A 396 -15.66 56.51 -28.79
CA ASN A 396 -16.12 56.86 -27.45
C ASN A 396 -17.51 57.47 -27.47
N LEU A 397 -17.91 58.08 -28.58
CA LEU A 397 -19.26 58.59 -28.72
C LEU A 397 -20.27 57.52 -29.11
N GLU A 398 -19.81 56.28 -29.35
CA GLU A 398 -20.69 55.24 -29.87
C GLU A 398 -20.72 53.96 -29.05
N LEU A 399 -19.90 53.84 -28.00
CA LEU A 399 -19.95 52.64 -27.17
C LEU A 399 -21.31 52.49 -26.50
N LEU A 400 -21.86 53.58 -25.97
CA LEU A 400 -23.16 53.55 -25.30
C LEU A 400 -24.29 53.52 -26.32
N GLY A 401 -24.22 52.52 -27.21
CA GLY A 401 -25.21 52.35 -28.25
C GLY A 401 -25.06 53.37 -29.36
N PRO A 402 -25.65 53.08 -30.52
CA PRO A 402 -25.66 54.07 -31.60
C PRO A 402 -26.48 55.28 -31.21
N VAL A 403 -26.08 56.44 -31.72
CA VAL A 403 -26.72 57.71 -31.40
C VAL A 403 -27.58 58.12 -32.59
N PRO A 404 -28.91 57.99 -32.52
CA PRO A 404 -29.76 58.39 -33.64
C PRO A 404 -30.02 59.89 -33.65
N GLY A 405 -29.11 60.68 -34.21
CA GLY A 405 -29.25 62.11 -34.18
C GLY A 405 -28.25 62.80 -33.28
N LEU A 406 -26.98 62.40 -33.39
CA LEU A 406 -25.93 63.02 -32.60
C LEU A 406 -25.78 64.50 -32.90
N ASP A 407 -26.12 64.94 -34.11
CA ASP A 407 -25.89 66.31 -34.51
C ASP A 407 -26.74 67.28 -33.68
N GLU A 408 -28.05 67.03 -33.60
CA GLU A 408 -28.90 67.97 -32.87
C GLU A 408 -28.67 67.89 -31.36
N VAL A 409 -28.35 66.71 -30.84
CA VAL A 409 -28.02 66.61 -29.42
C VAL A 409 -26.76 67.39 -29.10
N CYS A 410 -25.74 67.27 -29.95
CA CYS A 410 -24.50 68.03 -29.75
C CYS A 410 -24.77 69.52 -29.87
N ARG A 411 -25.63 69.92 -30.80
CA ARG A 411 -25.98 71.33 -30.92
C ARG A 411 -26.69 71.83 -29.66
N SER A 412 -27.60 71.03 -29.11
CA SER A 412 -28.30 71.42 -27.89
C SER A 412 -27.34 71.54 -26.71
N VAL A 413 -26.41 70.61 -26.58
CA VAL A 413 -25.47 70.65 -25.46
C VAL A 413 -24.28 71.56 -25.72
N GLY A 414 -23.87 71.72 -26.98
CA GLY A 414 -22.69 72.50 -27.28
C GLY A 414 -21.44 71.69 -27.53
N PHE A 415 -21.58 70.45 -27.97
CA PHE A 415 -20.41 69.62 -28.26
C PHE A 415 -19.71 70.06 -29.53
N ASP A 416 -20.36 70.86 -30.37
CA ASP A 416 -19.73 71.33 -31.60
C ASP A 416 -18.52 72.22 -31.31
N GLU A 417 -18.63 73.08 -30.29
CA GLU A 417 -17.49 73.87 -29.87
C GLU A 417 -16.35 73.00 -29.35
N VAL A 418 -16.67 71.78 -28.88
CA VAL A 418 -15.64 70.82 -28.53
C VAL A 418 -15.06 70.16 -29.77
N LEU A 419 -15.95 69.68 -30.66
CA LEU A 419 -15.49 69.04 -31.89
C LEU A 419 -14.82 70.05 -32.83
N GLY A 420 -15.26 71.31 -32.79
CA GLY A 420 -14.67 72.31 -33.67
C GLY A 420 -13.22 72.61 -33.33
N GLU A 421 -12.91 72.73 -32.04
CA GLU A 421 -11.54 73.05 -31.64
C GLU A 421 -10.60 71.86 -31.77
N LEU A 422 -11.12 70.64 -31.83
CA LEU A 422 -10.27 69.47 -31.99
C LEU A 422 -9.64 69.48 -33.37
N PRO A 423 -8.33 69.18 -33.48
CA PRO A 423 -7.68 69.26 -34.79
C PRO A 423 -8.27 68.33 -35.84
N ASP A 424 -8.73 67.15 -35.43
CA ASP A 424 -9.27 66.16 -36.37
C ASP A 424 -10.77 66.00 -36.22
N GLY A 425 -11.46 67.01 -35.69
CA GLY A 425 -12.89 66.85 -35.42
C GLY A 425 -13.11 65.75 -34.40
N SER A 426 -14.04 64.86 -34.71
CA SER A 426 -14.29 63.70 -33.85
C SER A 426 -13.34 62.54 -34.18
N GLU A 427 -12.04 62.85 -34.27
CA GLU A 427 -11.04 61.84 -34.56
C GLU A 427 -9.76 62.00 -33.75
N THR A 428 -9.71 62.96 -32.82
CA THR A 428 -8.52 63.13 -32.00
C THR A 428 -8.35 61.92 -31.07
N PRO A 429 -7.14 61.38 -30.95
CA PRO A 429 -6.93 60.23 -30.06
C PRO A 429 -7.27 60.56 -28.62
N LEU A 430 -7.82 59.58 -27.91
CA LEU A 430 -8.23 59.72 -26.53
C LEU A 430 -7.55 58.66 -25.67
N GLY A 431 -6.99 59.10 -24.55
CA GLY A 431 -6.26 58.21 -23.66
C GLY A 431 -7.17 57.52 -22.66
N ARG A 432 -6.54 56.74 -21.79
CA ARG A 432 -7.27 56.00 -20.76
C ARG A 432 -7.81 56.96 -19.71
N GLY A 433 -9.09 56.84 -19.40
CA GLY A 433 -9.72 57.67 -18.39
C GLY A 433 -10.02 59.08 -18.81
N GLY A 434 -9.81 59.43 -20.07
CA GLY A 434 -10.05 60.76 -20.57
C GLY A 434 -8.83 61.59 -20.91
N VAL A 435 -7.66 60.97 -21.02
CA VAL A 435 -6.45 61.72 -21.36
C VAL A 435 -6.61 62.35 -22.74
N GLY A 436 -6.23 63.62 -22.84
CA GLY A 436 -6.47 64.40 -24.03
C GLY A 436 -7.88 64.92 -24.16
N LEU A 437 -8.65 64.95 -23.07
CA LEU A 437 -10.06 65.29 -23.10
C LEU A 437 -10.43 65.93 -21.77
N SER A 438 -11.01 67.13 -21.83
CA SER A 438 -11.19 67.95 -20.64
C SER A 438 -12.34 67.45 -19.77
N LEU A 439 -12.20 67.70 -18.46
CA LEU A 439 -13.14 67.14 -17.49
C LEU A 439 -14.57 67.62 -17.74
N GLY A 440 -14.76 68.93 -17.83
CA GLY A 440 -16.08 69.44 -18.20
C GLY A 440 -16.48 69.02 -19.59
N GLN A 441 -15.50 68.90 -20.49
CA GLN A 441 -15.79 68.43 -21.83
C GLN A 441 -16.00 66.90 -21.84
N ARG A 442 -15.41 66.20 -20.88
CA ARG A 442 -15.82 64.81 -20.63
C ARG A 442 -17.28 64.75 -20.22
N GLN A 443 -17.71 65.64 -19.33
CA GLN A 443 -19.10 65.67 -18.93
C GLN A 443 -19.98 65.96 -20.14
N ARG A 444 -19.54 66.89 -20.99
CA ARG A 444 -20.27 67.20 -22.22
C ARG A 444 -20.43 65.98 -23.11
N LEU A 445 -19.35 65.20 -23.27
CA LEU A 445 -19.45 63.93 -23.97
C LEU A 445 -20.49 63.03 -23.30
N GLY A 446 -20.54 63.06 -21.96
CA GLY A 446 -21.52 62.26 -21.25
C GLY A 446 -22.95 62.65 -21.59
N LEU A 447 -23.21 63.96 -21.61
CA LEU A 447 -24.56 64.44 -21.98
C LEU A 447 -24.84 64.04 -23.44
N VAL A 448 -23.83 64.13 -24.31
CA VAL A 448 -24.03 63.78 -25.72
C VAL A 448 -24.48 62.34 -25.83
N ARG A 449 -23.80 61.44 -25.12
CA ARG A 449 -24.13 60.03 -25.23
C ARG A 449 -25.43 59.68 -24.49
N ALA A 450 -25.78 60.44 -23.47
CA ALA A 450 -26.94 60.10 -22.65
C ALA A 450 -28.23 60.74 -23.17
N LEU A 451 -28.24 62.08 -23.28
CA LEU A 451 -29.46 62.78 -23.67
C LEU A 451 -29.97 62.33 -25.02
N GLY A 452 -29.05 61.96 -25.92
CA GLY A 452 -29.47 61.42 -27.20
C GLY A 452 -29.67 59.92 -27.12
N ALA A 453 -30.91 59.49 -26.89
CA ALA A 453 -31.27 58.08 -26.78
C ALA A 453 -32.79 57.96 -26.70
N PRO A 454 -33.38 56.91 -27.27
CA PRO A 454 -34.82 56.70 -27.08
C PRO A 454 -35.09 56.13 -25.70
N ALA A 455 -35.61 56.97 -24.81
CA ALA A 455 -35.76 56.59 -23.40
C ALA A 455 -36.81 57.47 -22.75
N ASP A 456 -37.79 56.85 -22.11
CA ASP A 456 -38.83 57.59 -21.41
C ASP A 456 -38.47 57.92 -19.97
N VAL A 457 -37.35 57.41 -19.47
CA VAL A 457 -36.91 57.68 -18.11
C VAL A 457 -35.47 58.17 -18.17
N LEU A 458 -35.20 59.31 -17.53
CA LEU A 458 -33.89 59.94 -17.54
C LEU A 458 -33.39 60.10 -16.11
N LEU A 459 -32.22 59.52 -15.84
CA LEU A 459 -31.55 59.66 -14.54
C LEU A 459 -30.18 60.28 -14.77
N LEU A 460 -29.86 61.29 -13.98
CA LEU A 460 -28.59 61.99 -14.12
C LEU A 460 -28.04 62.31 -12.74
N ASP A 461 -26.74 62.08 -12.55
CA ASP A 461 -26.05 62.37 -11.29
C ASP A 461 -25.20 63.60 -11.51
N GLU A 462 -25.59 64.74 -10.93
CA GLU A 462 -24.83 66.00 -11.11
C GLU A 462 -24.58 66.30 -12.63
N PRO A 463 -25.64 66.62 -13.43
CA PRO A 463 -25.37 66.81 -14.88
C PRO A 463 -24.47 67.99 -15.20
N THR A 464 -24.33 68.96 -14.29
CA THR A 464 -23.60 70.19 -14.56
C THR A 464 -22.23 70.22 -13.91
N ALA A 465 -21.53 69.09 -13.89
CA ALA A 465 -20.20 69.03 -13.28
C ALA A 465 -19.16 69.67 -14.19
N HIS A 466 -18.31 70.51 -13.58
CA HIS A 466 -17.20 71.17 -14.29
C HIS A 466 -17.69 71.99 -15.48
N LEU A 467 -18.82 72.66 -15.31
CA LEU A 467 -19.41 73.45 -16.38
C LEU A 467 -19.62 74.88 -15.92
N ASP A 468 -19.45 75.82 -16.85
CA ASP A 468 -19.66 77.23 -16.57
C ASP A 468 -21.15 77.57 -16.67
N GLY A 469 -21.47 78.83 -16.42
CA GLY A 469 -22.87 79.24 -16.37
C GLY A 469 -23.60 79.06 -17.69
N ALA A 470 -22.95 79.43 -18.79
CA ALA A 470 -23.60 79.34 -20.10
C ALA A 470 -23.89 77.89 -20.47
N LEU A 471 -22.89 77.02 -20.34
CA LEU A 471 -23.10 75.62 -20.65
C LEU A 471 -24.08 74.96 -19.67
N GLU A 472 -24.04 75.38 -18.40
CA GLU A 472 -25.01 74.88 -17.44
C GLU A 472 -26.43 75.23 -17.86
N ASP A 473 -26.64 76.48 -18.27
CA ASP A 473 -27.96 76.89 -18.73
C ASP A 473 -28.37 76.13 -19.98
N ARG A 474 -27.43 75.93 -20.91
CA ARG A 474 -27.76 75.21 -22.15
C ARG A 474 -28.16 73.78 -21.86
N VAL A 475 -27.39 73.08 -21.02
CA VAL A 475 -27.72 71.69 -20.72
C VAL A 475 -29.01 71.59 -19.92
N LEU A 476 -29.25 72.55 -19.02
CA LEU A 476 -30.51 72.57 -18.29
C LEU A 476 -31.69 72.78 -19.22
N ALA A 477 -31.54 73.67 -20.20
CA ALA A 477 -32.62 73.89 -21.18
C ALA A 477 -32.85 72.66 -22.02
N ALA A 478 -31.77 71.98 -22.44
CA ALA A 478 -31.94 70.75 -23.21
C ALA A 478 -32.64 69.67 -22.39
N ILE A 479 -32.26 69.53 -21.11
CA ILE A 479 -32.90 68.56 -20.24
C ILE A 479 -34.37 68.91 -20.03
N VAL A 480 -34.68 70.20 -19.88
CA VAL A 480 -36.06 70.63 -19.72
C VAL A 480 -36.87 70.32 -20.97
N ALA A 481 -36.28 70.53 -22.15
CA ALA A 481 -36.96 70.18 -23.39
C ALA A 481 -37.21 68.68 -23.48
N ARG A 482 -36.21 67.88 -23.08
CA ARG A 482 -36.39 66.44 -23.08
C ARG A 482 -37.51 66.02 -22.13
N ALA A 483 -37.58 66.65 -20.95
CA ALA A 483 -38.65 66.37 -20.02
C ALA A 483 -40.01 66.76 -20.60
N ARG A 484 -40.07 67.92 -21.26
CA ARG A 484 -41.29 68.34 -21.93
C ARG A 484 -41.68 67.42 -23.07
N ALA A 485 -40.72 66.66 -23.60
CA ALA A 485 -41.02 65.64 -24.60
C ALA A 485 -41.72 64.42 -24.00
N GLY A 486 -42.04 64.44 -22.71
CA GLY A 486 -42.78 63.36 -22.08
C GLY A 486 -41.92 62.26 -21.51
N ALA A 487 -40.93 62.63 -20.70
CA ALA A 487 -40.04 61.66 -20.07
C ALA A 487 -39.84 62.02 -18.61
N THR A 488 -39.63 61.00 -17.78
CA THR A 488 -39.33 61.18 -16.37
C THR A 488 -37.85 61.50 -16.23
N VAL A 489 -37.54 62.74 -15.86
CA VAL A 489 -36.16 63.19 -15.72
C VAL A 489 -35.92 63.55 -14.26
N VAL A 490 -34.96 62.88 -13.63
CA VAL A 490 -34.64 63.09 -12.23
C VAL A 490 -33.14 63.25 -12.10
N MET A 491 -32.70 64.32 -11.43
CA MET A 491 -31.29 64.53 -11.12
C MET A 491 -31.09 64.51 -9.61
N VAL A 492 -29.86 64.76 -9.18
CA VAL A 492 -29.49 64.77 -7.78
C VAL A 492 -28.69 66.02 -7.48
N GLY A 493 -28.72 66.99 -8.40
CA GLY A 493 -27.95 68.21 -8.21
C GLY A 493 -28.35 68.96 -6.96
N HIS A 494 -27.36 69.54 -6.30
CA HIS A 494 -27.54 70.24 -5.04
C HIS A 494 -26.99 71.66 -5.11
N ARG A 495 -27.20 72.32 -6.24
CA ARG A 495 -26.78 73.70 -6.44
C ARG A 495 -28.00 74.55 -6.79
N ALA A 496 -27.84 75.87 -6.61
CA ALA A 496 -28.95 76.79 -6.87
C ALA A 496 -29.44 76.73 -8.31
N PRO A 497 -28.58 76.78 -9.35
CA PRO A 497 -29.12 76.65 -10.71
C PRO A 497 -29.84 75.33 -10.94
N VAL A 498 -29.33 74.23 -10.37
CA VAL A 498 -30.00 72.95 -10.50
C VAL A 498 -31.28 72.92 -9.69
N LEU A 499 -31.25 73.45 -8.47
CA LEU A 499 -32.42 73.42 -7.61
C LEU A 499 -33.57 74.23 -8.21
N ALA A 500 -33.26 75.41 -8.74
CA ALA A 500 -34.27 76.22 -9.43
C ALA A 500 -34.37 75.88 -10.91
N ALA A 501 -34.51 74.60 -11.22
CA ALA A 501 -34.76 74.15 -12.58
C ALA A 501 -35.67 72.94 -12.65
N ALA A 502 -36.16 72.44 -11.51
CA ALA A 502 -37.01 71.27 -11.46
C ALA A 502 -38.32 71.63 -10.77
N ASP A 503 -39.41 71.07 -11.29
CA ASP A 503 -40.74 71.41 -10.76
C ASP A 503 -40.92 70.90 -9.33
N HIS A 504 -40.19 69.85 -8.95
CA HIS A 504 -40.31 69.27 -7.62
C HIS A 504 -38.93 69.05 -7.02
N VAL A 505 -38.83 69.18 -5.71
CA VAL A 505 -37.58 69.03 -4.97
C VAL A 505 -37.78 67.97 -3.90
N VAL A 506 -36.87 67.01 -3.83
CA VAL A 506 -36.90 65.95 -2.84
C VAL A 506 -35.73 66.14 -1.90
N THR A 507 -35.98 65.99 -0.60
CA THR A 507 -35.00 66.33 0.43
C THR A 507 -34.66 65.08 1.23
N MET A 508 -34.28 64.01 0.52
CA MET A 508 -33.83 62.78 1.15
C MET A 508 -32.80 63.05 2.24
N GLU A 509 -33.06 62.52 3.42
CA GLU A 509 -32.28 62.79 4.62
C GLU A 509 -31.55 61.52 5.04
N SER A 510 -30.54 61.69 5.90
CA SER A 510 -29.72 60.60 6.39
C SER A 510 -30.54 59.63 7.22
N SER A 511 -29.87 58.56 7.68
CA SER A 511 -30.49 57.54 8.52
C SER A 511 -31.72 56.92 7.87
N HIS B 6 32.78 45.26 -14.05
CA HIS B 6 32.21 45.37 -12.71
C HIS B 6 30.72 45.68 -12.76
N ASP B 7 29.91 44.63 -12.65
CA ASP B 7 28.46 44.78 -12.64
C ASP B 7 27.98 45.32 -11.30
N PRO B 8 26.80 45.95 -11.27
CA PRO B 8 26.27 46.46 -9.98
C PRO B 8 26.06 45.38 -8.94
N LEU B 9 25.81 44.14 -9.34
CA LEU B 9 25.64 43.06 -8.38
C LEU B 9 26.91 42.86 -7.56
N LEU B 10 28.07 42.85 -8.22
CA LEU B 10 29.33 42.71 -7.50
C LEU B 10 29.59 43.90 -6.60
N ARG B 11 29.27 45.11 -7.08
CA ARG B 11 29.44 46.30 -6.26
C ARG B 11 28.58 46.23 -5.01
N LEU B 12 27.34 45.78 -5.14
CA LEU B 12 26.44 45.66 -4.00
C LEU B 12 26.84 44.52 -3.08
N THR B 13 27.53 43.49 -3.60
CA THR B 13 27.95 42.38 -2.76
C THR B 13 28.92 42.82 -1.68
N LEU B 14 29.94 43.58 -2.07
CA LEU B 14 30.87 44.12 -1.07
C LEU B 14 30.24 45.28 -0.31
N GLU B 15 29.27 45.96 -0.92
CA GLU B 15 28.57 47.05 -0.24
C GLU B 15 27.81 46.55 0.97
N LEU B 16 27.28 45.33 0.92
CA LEU B 16 26.38 44.82 1.94
C LEU B 16 27.12 44.33 3.18
N LEU B 17 28.36 44.78 3.42
CA LEU B 17 29.11 44.40 4.61
C LEU B 17 29.32 42.90 4.64
N ARG B 18 30.25 42.42 3.81
CA ARG B 18 30.53 41.04 3.42
C ARG B 18 30.25 40.06 4.55
N PRO B 19 29.65 38.90 4.22
CA PRO B 19 28.89 38.13 5.22
C PRO B 19 29.70 37.46 6.31
N ARG B 20 30.92 37.93 6.59
CA ARG B 20 31.78 37.31 7.59
C ARG B 20 32.16 35.89 7.16
N LEU B 21 33.03 35.86 6.15
CA LEU B 21 33.34 34.70 5.31
C LEU B 21 33.52 33.41 6.07
N GLY B 22 33.83 33.49 7.37
CA GLY B 22 33.89 32.28 8.18
C GLY B 22 32.61 31.47 8.10
N ARG B 23 31.46 32.12 8.31
CA ARG B 23 30.18 31.41 8.26
C ARG B 23 29.70 31.15 6.83
N PHE B 24 30.32 31.77 5.83
CA PHE B 24 30.11 31.36 4.44
C PHE B 24 30.78 30.02 4.17
N LEU B 25 32.08 29.93 4.51
CA LEU B 25 32.82 28.70 4.30
C LEU B 25 32.30 27.58 5.18
N LEU B 26 31.76 27.90 6.36
CA LEU B 26 31.16 26.87 7.20
C LEU B 26 29.99 26.20 6.48
N ALA B 27 29.09 27.00 5.91
CA ALA B 27 27.95 26.43 5.18
C ALA B 27 28.41 25.66 3.96
N ALA B 28 29.40 26.19 3.23
CA ALA B 28 29.91 25.48 2.07
C ALA B 28 30.48 24.13 2.46
N ALA B 29 31.27 24.09 3.54
CA ALA B 29 31.85 22.84 4.00
C ALA B 29 30.79 21.85 4.46
N LEU B 30 29.77 22.33 5.15
CA LEU B 30 28.71 21.42 5.60
C LEU B 30 27.97 20.83 4.42
N GLY B 31 27.66 21.63 3.40
CA GLY B 31 26.99 21.10 2.22
C GLY B 31 27.85 20.10 1.48
N VAL B 32 29.14 20.41 1.31
CA VAL B 32 30.04 19.48 0.64
C VAL B 32 30.14 18.19 1.43
N LEU B 33 30.23 18.28 2.75
CA LEU B 33 30.30 17.09 3.59
C LEU B 33 29.06 16.22 3.42
N SER B 34 27.88 16.83 3.45
CA SER B 34 26.65 16.06 3.32
C SER B 34 26.58 15.34 1.97
N LEU B 35 26.77 16.09 0.88
CA LEU B 35 26.63 15.47 -0.44
C LEU B 35 27.74 14.46 -0.71
N GLY B 36 28.96 14.75 -0.28
CA GLY B 36 30.03 13.78 -0.40
C GLY B 36 29.79 12.55 0.44
N SER B 37 29.16 12.69 1.59
CA SER B 37 28.80 11.54 2.39
C SER B 37 27.79 10.66 1.68
N ALA B 38 26.81 11.27 1.02
CA ALA B 38 25.86 10.47 0.23
C ALA B 38 26.56 9.75 -0.92
N LEU B 39 27.45 10.46 -1.62
CA LEU B 39 28.17 9.84 -2.74
C LEU B 39 29.06 8.71 -2.26
N ALA B 40 29.75 8.90 -1.15
CA ALA B 40 30.59 7.86 -0.58
C ALA B 40 29.77 6.69 -0.07
N LEU B 41 28.56 6.95 0.43
CA LEU B 41 27.67 5.85 0.79
C LEU B 41 27.34 5.02 -0.44
N ALA B 42 27.02 5.66 -1.56
CA ALA B 42 26.73 4.91 -2.77
C ALA B 42 27.94 4.08 -3.20
N GLY B 43 29.12 4.69 -3.21
CA GLY B 43 30.31 3.98 -3.64
C GLY B 43 30.67 2.82 -2.73
N ILE B 44 30.64 3.05 -1.42
CA ILE B 44 30.94 2.00 -0.46
C ILE B 44 29.90 0.90 -0.52
N SER B 45 28.64 1.25 -0.79
CA SER B 45 27.61 0.24 -0.96
C SER B 45 27.94 -0.68 -2.11
N ALA B 46 28.28 -0.10 -3.27
CA ALA B 46 28.63 -0.93 -4.42
C ALA B 46 29.85 -1.79 -4.12
N TRP B 47 30.85 -1.22 -3.46
CA TRP B 47 32.05 -1.98 -3.14
C TRP B 47 31.74 -3.12 -2.18
N LEU B 48 30.87 -2.86 -1.19
CA LEU B 48 30.52 -3.90 -0.23
C LEU B 48 29.80 -5.05 -0.91
N ILE B 49 28.85 -4.74 -1.80
CA ILE B 49 28.13 -5.79 -2.50
C ILE B 49 29.10 -6.63 -3.32
N THR B 50 29.96 -5.97 -4.10
CA THR B 50 30.86 -6.71 -4.98
C THR B 50 31.89 -7.51 -4.20
N ARG B 51 32.38 -6.96 -3.08
CA ARG B 51 33.33 -7.70 -2.25
C ARG B 51 32.66 -8.89 -1.59
N ALA B 52 31.42 -8.74 -1.13
CA ALA B 52 30.72 -9.86 -0.52
C ALA B 52 30.39 -10.94 -1.55
N TRP B 53 30.29 -10.58 -2.83
CA TRP B 53 30.05 -11.58 -3.85
C TRP B 53 31.15 -12.63 -3.85
N GLN B 54 32.39 -12.22 -4.11
CA GLN B 54 33.51 -13.15 -4.08
C GLN B 54 33.83 -13.51 -2.64
N MET B 55 33.26 -14.64 -2.19
CA MET B 55 33.10 -14.98 -0.78
C MET B 55 34.36 -14.77 0.05
N PRO B 56 34.41 -13.72 0.87
CA PRO B 56 35.50 -13.57 1.81
C PRO B 56 35.07 -14.04 3.20
N PRO B 57 36.02 -14.22 4.12
CA PRO B 57 35.64 -14.28 5.54
C PRO B 57 35.08 -12.94 5.98
N VAL B 58 34.20 -12.98 6.96
CA VAL B 58 33.49 -11.77 7.40
C VAL B 58 34.38 -11.10 8.45
N LEU B 59 35.39 -10.38 7.96
CA LEU B 59 36.22 -9.51 8.79
C LEU B 59 36.21 -8.07 8.30
N ASP B 60 36.42 -7.85 7.00
CA ASP B 60 36.39 -6.50 6.45
C ASP B 60 34.97 -6.00 6.29
N LEU B 61 34.02 -6.90 6.06
CA LEU B 61 32.63 -6.50 5.94
C LEU B 61 32.14 -5.83 7.21
N THR B 62 32.77 -6.08 8.36
CA THR B 62 32.39 -5.38 9.59
C THR B 62 32.66 -3.88 9.45
N VAL B 63 33.88 -3.51 9.03
CA VAL B 63 34.20 -2.10 8.89
C VAL B 63 33.40 -1.48 7.75
N ALA B 64 33.18 -2.23 6.67
CA ALA B 64 32.38 -1.70 5.57
C ALA B 64 30.95 -1.43 6.02
N VAL B 65 30.36 -2.34 6.80
CA VAL B 65 28.99 -2.18 7.25
C VAL B 65 28.87 -1.02 8.23
N VAL B 66 29.80 -0.92 9.18
CA VAL B 66 29.73 0.18 10.13
C VAL B 66 29.92 1.51 9.41
N ALA B 67 30.77 1.54 8.39
CA ALA B 67 30.93 2.74 7.58
C ALA B 67 29.63 3.09 6.87
N VAL B 68 28.93 2.08 6.34
CA VAL B 68 27.69 2.34 5.63
C VAL B 68 26.66 2.98 6.56
N ARG B 69 26.46 2.38 7.74
CA ARG B 69 25.45 2.90 8.65
C ARG B 69 25.80 4.30 9.16
N ALA B 70 27.07 4.49 9.55
CA ALA B 70 27.49 5.80 10.00
C ALA B 70 27.33 6.85 8.90
N LEU B 71 27.66 6.47 7.66
CA LEU B 71 27.53 7.41 6.55
C LEU B 71 26.08 7.80 6.32
N GLY B 72 25.16 6.85 6.42
CA GLY B 72 23.75 7.20 6.25
C GLY B 72 23.26 8.18 7.30
N ILE B 73 23.54 7.87 8.57
CA ILE B 73 23.07 8.76 9.64
C ILE B 73 23.74 10.13 9.54
N SER B 74 25.03 10.15 9.25
CA SER B 74 25.75 11.40 9.08
C SER B 74 25.19 12.21 7.92
N ARG B 75 24.84 11.54 6.83
CA ARG B 75 24.25 12.26 5.69
C ARG B 75 22.98 12.98 6.12
N GLY B 76 22.09 12.28 6.81
CA GLY B 76 20.87 12.94 7.25
C GLY B 76 21.13 14.14 8.14
N VAL B 77 21.91 13.93 9.21
CA VAL B 77 22.08 14.99 10.19
C VAL B 77 22.87 16.16 9.59
N LEU B 78 23.85 15.88 8.73
CA LEU B 78 24.64 16.95 8.14
C LEU B 78 23.83 17.74 7.13
N GLY B 79 22.95 17.08 6.38
CA GLY B 79 22.05 17.82 5.51
C GLY B 79 21.20 18.80 6.29
N TYR B 80 20.61 18.34 7.39
CA TYR B 80 19.78 19.23 8.20
C TYR B 80 20.60 20.41 8.75
N CYS B 81 21.75 20.12 9.33
CA CYS B 81 22.56 21.18 9.93
C CYS B 81 23.05 22.16 8.87
N GLN B 82 23.41 21.66 7.68
CA GLN B 82 23.84 22.54 6.61
C GLN B 82 22.74 23.48 6.17
N ARG B 83 21.51 22.95 6.03
CA ARG B 83 20.40 23.82 5.67
C ARG B 83 20.24 24.93 6.69
N LEU B 84 20.26 24.56 7.98
CA LEU B 84 20.09 25.56 9.02
C LEU B 84 21.20 26.62 8.96
N ALA B 85 22.46 26.19 8.81
CA ALA B 85 23.57 27.12 8.84
C ALA B 85 23.55 28.06 7.63
N SER B 86 23.25 27.53 6.45
CA SER B 86 23.22 28.39 5.25
C SER B 86 22.11 29.42 5.37
N HIS B 87 20.92 29.01 5.85
CA HIS B 87 19.85 29.97 6.04
C HIS B 87 20.27 31.03 7.06
N ASP B 88 20.94 30.62 8.13
CA ASP B 88 21.41 31.56 9.13
C ASP B 88 22.33 32.61 8.52
N SER B 89 23.31 32.16 7.74
CA SER B 89 24.26 33.09 7.15
C SER B 89 23.56 34.06 6.20
N ALA B 90 22.69 33.54 5.34
CA ALA B 90 22.03 34.40 4.36
C ALA B 90 21.17 35.45 5.05
N LEU B 91 20.40 35.04 6.06
CA LEU B 91 19.48 35.99 6.68
C LEU B 91 20.20 36.98 7.59
N ARG B 92 21.29 36.57 8.24
CA ARG B 92 22.12 37.54 8.97
C ARG B 92 22.68 38.58 8.01
N ALA B 93 23.17 38.13 6.85
CA ALA B 93 23.70 39.07 5.86
C ALA B 93 22.62 40.03 5.40
N ALA B 94 21.42 39.53 5.14
CA ALA B 94 20.33 40.40 4.72
C ALA B 94 19.97 41.42 5.78
N ALA B 95 19.93 40.99 7.05
CA ALA B 95 19.59 41.92 8.13
C ALA B 95 20.62 43.03 8.24
N ASN B 96 21.91 42.68 8.18
CA ASN B 96 22.91 43.73 8.30
C ASN B 96 22.89 44.66 7.10
N ALA B 97 22.62 44.11 5.91
CA ALA B 97 22.51 44.96 4.72
C ALA B 97 21.34 45.92 4.84
N ARG B 98 20.21 45.44 5.37
CA ARG B 98 19.06 46.32 5.58
C ARG B 98 19.40 47.44 6.55
N THR B 99 20.07 47.10 7.66
CA THR B 99 20.44 48.13 8.63
C THR B 99 21.36 49.16 8.01
N GLY B 100 22.36 48.71 7.25
CA GLY B 100 23.27 49.66 6.62
C GLY B 100 22.59 50.54 5.60
N LEU B 101 21.73 49.96 4.77
CA LEU B 101 21.02 50.75 3.77
C LEU B 101 20.11 51.78 4.43
N TYR B 102 19.42 51.39 5.50
CA TYR B 102 18.60 52.34 6.23
C TYR B 102 19.46 53.45 6.83
N ARG B 103 20.65 53.11 7.33
CA ARG B 103 21.55 54.13 7.83
C ARG B 103 21.92 55.14 6.75
N LYS B 104 22.21 54.65 5.54
CA LYS B 104 22.51 55.54 4.44
C LYS B 104 21.34 56.43 4.06
N LEU B 105 20.12 56.07 4.45
CA LEU B 105 18.93 56.87 4.16
C LEU B 105 18.67 57.92 5.23
N ALA B 106 19.67 58.28 6.03
CA ALA B 106 19.54 59.25 7.11
C ALA B 106 20.62 60.32 7.01
N ASP B 107 20.79 60.86 5.81
CA ASP B 107 21.83 61.86 5.54
C ASP B 107 21.22 63.25 5.43
N ALA B 108 21.96 64.23 5.92
CA ALA B 108 21.50 65.62 5.88
C ALA B 108 21.28 66.15 4.47
N PRO B 109 22.15 65.92 3.48
CA PRO B 109 21.92 66.52 2.16
C PRO B 109 20.62 66.01 1.56
N PRO B 110 19.94 66.84 0.78
CA PRO B 110 18.67 66.41 0.17
C PRO B 110 18.88 65.36 -0.91
N ASP B 111 19.12 64.13 -0.48
CA ASP B 111 19.37 63.02 -1.39
C ASP B 111 18.05 62.52 -1.97
N GLU B 112 18.08 61.34 -2.58
CA GLU B 112 16.87 60.73 -3.13
C GLU B 112 15.87 60.33 -2.06
N ALA B 113 16.15 60.64 -0.78
CA ALA B 113 15.25 60.25 0.30
C ALA B 113 13.85 60.83 0.16
N MET B 114 13.70 61.92 -0.60
CA MET B 114 12.37 62.44 -0.88
C MET B 114 11.90 62.17 -2.29
N ARG B 115 12.81 61.96 -3.25
CA ARG B 115 12.43 61.78 -4.65
C ARG B 115 11.59 60.51 -4.83
N LEU B 116 11.37 59.77 -3.76
CA LEU B 116 10.62 58.53 -3.79
C LEU B 116 9.51 58.57 -2.74
N PRO B 117 8.37 57.95 -3.05
CA PRO B 117 7.30 57.88 -2.05
C PRO B 117 7.64 56.95 -0.88
N SER B 118 6.71 56.79 0.06
CA SER B 118 6.94 55.97 1.24
C SER B 118 6.49 54.53 1.05
N GLY B 119 5.37 54.31 0.37
CA GLY B 119 4.87 52.96 0.19
C GLY B 119 5.81 52.10 -0.62
N GLU B 120 6.31 52.63 -1.74
CA GLU B 120 7.24 51.86 -2.55
C GLU B 120 8.63 51.84 -1.94
N LEU B 121 8.95 52.77 -1.05
CA LEU B 121 10.17 52.63 -0.26
C LEU B 121 10.10 51.36 0.59
N VAL B 122 8.94 51.09 1.16
CA VAL B 122 8.71 49.80 1.81
C VAL B 122 8.78 48.66 0.80
N ALA B 123 8.14 48.85 -0.37
CA ALA B 123 8.13 47.81 -1.40
C ALA B 123 9.53 47.50 -1.92
N ARG B 124 10.50 48.38 -1.68
CA ARG B 124 11.90 48.10 -1.96
C ARG B 124 12.57 47.46 -0.75
N LEU B 125 12.57 48.16 0.39
CA LEU B 125 13.33 47.73 1.56
C LEU B 125 12.86 46.39 2.11
N GLY B 126 11.63 45.98 1.81
CA GLY B 126 11.14 44.70 2.23
C GLY B 126 11.59 43.56 1.34
N PRO B 127 11.16 43.59 0.07
CA PRO B 127 11.55 42.50 -0.84
C PRO B 127 13.01 42.48 -1.23
N ALA B 128 13.66 43.65 -1.33
CA ALA B 128 15.04 43.68 -1.83
C ALA B 128 15.98 42.94 -0.89
N VAL B 129 15.82 43.12 0.42
CA VAL B 129 16.67 42.42 1.37
C VAL B 129 16.38 40.92 1.32
N ASP B 130 15.13 40.54 1.09
CA ASP B 130 14.82 39.12 0.91
C ASP B 130 15.51 38.56 -0.31
N GLU B 131 15.53 39.31 -1.41
CA GLU B 131 16.23 38.84 -2.61
C GLU B 131 17.73 38.74 -2.37
N LEU B 132 18.30 39.71 -1.67
CA LEU B 132 19.74 39.67 -1.38
C LEU B 132 20.08 38.51 -0.46
N ALA B 133 19.18 38.16 0.46
CA ALA B 133 19.36 36.93 1.23
C ALA B 133 19.28 35.72 0.32
N ASP B 134 18.33 35.70 -0.61
CA ASP B 134 18.17 34.58 -1.51
C ASP B 134 19.33 34.42 -2.48
N VAL B 135 20.15 35.45 -2.68
CA VAL B 135 21.35 35.27 -3.49
C VAL B 135 22.49 34.63 -2.69
N LEU B 136 22.30 34.42 -1.40
CA LEU B 136 23.28 33.71 -0.60
C LEU B 136 22.87 32.26 -0.30
N VAL B 137 21.65 31.87 -0.63
CA VAL B 137 21.20 30.51 -0.44
C VAL B 137 21.28 29.76 -1.76
N ARG B 138 21.03 30.48 -2.86
CA ARG B 138 21.01 29.87 -4.19
C ARG B 138 22.23 30.25 -5.03
N ALA B 139 23.27 30.79 -4.40
CA ALA B 139 24.54 30.98 -5.08
C ALA B 139 25.71 30.39 -4.30
N LEU B 140 25.69 30.49 -2.97
CA LEU B 140 26.66 29.79 -2.15
C LEU B 140 26.50 28.29 -2.34
N LEU B 141 25.36 27.78 -1.90
CA LEU B 141 25.11 26.36 -1.79
C LEU B 141 25.21 25.69 -3.16
N PRO B 142 24.32 26.01 -4.11
CA PRO B 142 24.29 25.20 -5.34
C PRO B 142 25.60 25.26 -6.10
N ILE B 143 26.09 26.46 -6.41
CA ILE B 143 27.27 26.57 -7.26
C ILE B 143 28.51 26.01 -6.55
N VAL B 144 28.74 26.41 -5.30
CA VAL B 144 29.96 25.98 -4.62
C VAL B 144 29.94 24.48 -4.41
N VAL B 145 28.86 23.95 -3.84
CA VAL B 145 28.79 22.51 -3.57
C VAL B 145 28.83 21.73 -4.87
N ALA B 146 28.20 22.25 -5.93
CA ALA B 146 28.19 21.54 -7.20
C ALA B 146 29.58 21.46 -7.80
N VAL B 147 30.35 22.55 -7.77
CA VAL B 147 31.69 22.47 -8.36
C VAL B 147 32.58 21.56 -7.53
N VAL B 148 32.46 21.62 -6.20
CA VAL B 148 33.31 20.75 -5.36
C VAL B 148 32.97 19.29 -5.59
N LEU B 149 31.67 18.97 -5.62
CA LEU B 149 31.25 17.58 -5.80
C LEU B 149 31.56 17.09 -7.21
N GLY B 150 31.42 17.95 -8.21
CA GLY B 150 31.81 17.55 -9.55
C GLY B 150 33.27 17.20 -9.64
N CYS B 151 34.13 18.02 -9.02
CA CYS B 151 35.55 17.70 -9.01
C CYS B 151 35.81 16.38 -8.29
N ALA B 152 35.19 16.22 -7.11
CA ALA B 152 35.43 15.03 -6.29
C ALA B 152 34.88 13.75 -6.90
N ALA B 153 33.86 13.84 -7.76
CA ALA B 153 33.32 12.68 -8.45
C ALA B 153 34.00 12.42 -9.78
N VAL B 154 34.54 13.44 -10.43
CA VAL B 154 35.33 13.21 -11.62
C VAL B 154 36.66 12.56 -11.26
N GLY B 155 37.26 12.98 -10.14
CA GLY B 155 38.54 12.41 -9.75
C GLY B 155 38.48 10.93 -9.45
N VAL B 156 37.39 10.47 -8.83
CA VAL B 156 37.26 9.07 -8.46
C VAL B 156 37.26 8.19 -9.71
N ILE B 157 36.54 8.60 -10.74
CA ILE B 157 36.57 7.84 -11.99
C ILE B 157 37.90 8.04 -12.70
N ALA B 158 38.51 9.22 -12.59
CA ALA B 158 39.75 9.49 -13.29
C ALA B 158 40.88 8.58 -12.80
N VAL B 159 40.98 8.39 -11.48
CA VAL B 159 42.05 7.54 -10.96
C VAL B 159 41.87 6.10 -11.43
N ILE B 160 40.62 5.64 -11.50
CA ILE B 160 40.35 4.30 -12.04
C ILE B 160 40.71 4.25 -13.52
N SER B 161 40.19 5.20 -14.29
CA SER B 161 40.45 5.24 -15.72
C SER B 161 40.28 6.67 -16.25
N PRO B 162 41.36 7.32 -16.67
CA PRO B 162 41.22 8.68 -17.22
C PRO B 162 40.79 8.66 -18.68
N ALA B 163 39.80 7.85 -18.99
CA ALA B 163 39.25 7.76 -20.34
C ALA B 163 37.76 8.02 -20.39
N SER B 164 37.00 7.49 -19.43
CA SER B 164 35.58 7.81 -19.30
C SER B 164 35.32 8.94 -18.32
N ALA B 165 36.31 9.28 -17.48
CA ALA B 165 36.17 10.44 -16.62
C ALA B 165 36.03 11.72 -17.43
N ALA B 166 36.68 11.79 -18.59
CA ALA B 166 36.49 12.94 -19.46
C ALA B 166 35.04 13.04 -19.92
N VAL B 167 34.44 11.90 -20.28
CA VAL B 167 33.03 11.91 -20.69
C VAL B 167 32.15 12.32 -19.51
N LEU B 168 32.42 11.80 -18.32
CA LEU B 168 31.62 12.17 -17.15
C LEU B 168 31.74 13.66 -16.87
N ALA B 169 32.95 14.21 -16.96
CA ALA B 169 33.13 15.64 -16.69
C ALA B 169 32.44 16.50 -17.74
N VAL B 170 32.58 16.13 -19.01
CA VAL B 170 31.88 16.86 -20.07
C VAL B 170 30.38 16.82 -19.83
N CYS B 171 29.86 15.66 -19.44
CA CYS B 171 28.42 15.52 -19.22
C CYS B 171 27.95 16.32 -18.01
N LEU B 172 28.72 16.29 -16.93
CA LEU B 172 28.37 17.07 -15.74
C LEU B 172 28.37 18.56 -16.04
N VAL B 173 29.38 19.02 -16.78
CA VAL B 173 29.42 20.42 -17.16
C VAL B 173 28.22 20.77 -18.03
N VAL B 174 27.91 19.91 -19.01
CA VAL B 174 26.80 20.19 -19.91
C VAL B 174 25.52 20.31 -19.12
N ALA B 175 25.22 19.35 -18.26
CA ALA B 175 24.01 19.44 -17.46
C ALA B 175 24.03 20.70 -16.61
N GLY B 176 24.96 20.75 -15.65
CA GLY B 176 24.96 21.79 -14.63
C GLY B 176 25.24 23.20 -15.13
N VAL B 177 25.58 23.39 -16.40
CA VAL B 177 25.74 24.73 -16.93
C VAL B 177 24.68 25.01 -17.98
N VAL B 178 24.60 24.18 -19.02
CA VAL B 178 23.69 24.45 -20.11
C VAL B 178 22.25 24.41 -19.63
N ALA B 179 21.88 23.40 -18.84
CA ALA B 179 20.48 23.29 -18.44
C ALA B 179 20.00 24.50 -17.65
N PRO B 180 20.68 24.95 -16.58
CA PRO B 180 20.19 26.15 -15.89
C PRO B 180 20.30 27.41 -16.74
N ALA B 181 21.32 27.53 -17.58
CA ALA B 181 21.43 28.70 -18.44
C ALA B 181 20.26 28.77 -19.42
N LEU B 182 19.94 27.64 -20.05
CA LEU B 182 18.80 27.61 -20.96
C LEU B 182 17.49 27.88 -20.23
N ALA B 183 17.34 27.31 -19.03
CA ALA B 183 16.11 27.56 -18.27
C ALA B 183 15.97 29.04 -17.92
N ALA B 184 17.06 29.67 -17.49
CA ALA B 184 17.01 31.09 -17.14
C ALA B 184 16.72 31.94 -18.37
N ARG B 185 17.37 31.64 -19.50
CA ARG B 185 17.12 32.42 -20.71
C ARG B 185 15.68 32.29 -21.17
N ALA B 186 15.13 31.07 -21.14
CA ALA B 186 13.74 30.88 -21.53
C ALA B 186 12.80 31.61 -20.58
N ALA B 187 13.05 31.53 -19.28
CA ALA B 187 12.20 32.22 -18.31
C ALA B 187 12.24 33.73 -18.52
N HIS B 188 13.44 34.27 -18.76
CA HIS B 188 13.56 35.71 -18.99
C HIS B 188 12.84 36.12 -20.26
N ALA B 189 13.06 35.39 -21.36
CA ALA B 189 12.44 35.77 -22.62
C ALA B 189 10.94 35.55 -22.61
N SER B 190 10.42 34.71 -21.72
CA SER B 190 8.98 34.48 -21.67
C SER B 190 8.25 35.71 -21.12
N GLU B 191 8.74 36.28 -20.02
CA GLU B 191 8.00 37.34 -19.35
C GLU B 191 8.17 38.70 -19.99
N THR B 192 9.09 38.85 -20.95
CA THR B 192 9.18 40.08 -21.72
C THR B 192 8.57 40.01 -23.10
N VAL B 193 8.34 38.80 -23.62
CA VAL B 193 7.78 38.67 -24.96
C VAL B 193 6.33 39.14 -24.94
N ALA B 194 5.88 39.68 -26.08
CA ALA B 194 4.52 40.17 -26.24
C ALA B 194 4.16 41.16 -25.13
N ALA B 195 5.08 42.07 -24.83
CA ALA B 195 4.80 43.08 -23.82
C ALA B 195 4.00 44.21 -24.44
N GLU B 196 2.96 43.86 -25.18
CA GLU B 196 1.93 44.80 -25.63
C GLU B 196 0.52 44.24 -25.48
N HIS B 197 0.35 42.92 -25.47
CA HIS B 197 -0.92 42.33 -25.09
C HIS B 197 -1.10 42.27 -23.58
N ARG B 198 -0.01 42.37 -22.82
CA ARG B 198 -0.13 42.57 -21.38
C ARG B 198 -0.70 43.94 -21.04
N SER B 199 -0.68 44.87 -21.99
CA SER B 199 -1.39 46.13 -21.80
C SER B 199 -2.89 45.91 -21.75
N GLN B 200 -3.39 44.86 -22.40
CA GLN B 200 -4.82 44.59 -22.35
C GLN B 200 -5.28 44.16 -20.96
N ARG B 201 -4.39 43.57 -20.16
CA ARG B 201 -4.75 43.28 -18.79
C ARG B 201 -5.11 44.55 -18.03
N ASP B 202 -4.22 45.53 -18.03
CA ASP B 202 -4.47 46.81 -17.38
C ASP B 202 -5.46 47.68 -18.14
N THR B 203 -5.83 47.30 -19.36
CA THR B 203 -6.90 47.99 -20.05
C THR B 203 -8.26 47.47 -19.61
N ALA B 204 -8.48 46.16 -19.72
CA ALA B 204 -9.78 45.58 -19.39
C ALA B 204 -9.99 45.48 -17.88
N GLY B 205 -9.10 44.78 -17.17
CA GLY B 205 -9.31 44.57 -15.75
C GLY B 205 -9.37 45.87 -14.96
N MET B 206 -8.73 46.92 -15.47
CA MET B 206 -8.90 48.25 -14.92
C MET B 206 -9.97 49.05 -15.63
N LEU B 207 -10.58 48.49 -16.67
CA LEU B 207 -11.75 49.11 -17.28
C LEU B 207 -13.04 48.52 -16.72
N ALA B 208 -13.26 47.23 -16.90
CA ALA B 208 -14.49 46.58 -16.43
C ALA B 208 -14.33 46.01 -15.03
N LEU B 209 -13.85 46.83 -14.09
CA LEU B 209 -13.90 46.48 -12.68
C LEU B 209 -14.28 47.64 -11.78
N GLU B 210 -14.03 48.88 -12.17
CA GLU B 210 -14.56 50.05 -11.51
C GLU B 210 -15.66 50.71 -12.32
N HIS B 211 -15.92 50.22 -13.53
CA HIS B 211 -16.85 50.84 -14.47
C HIS B 211 -18.02 49.92 -14.76
N ALA B 212 -18.28 48.96 -13.87
CA ALA B 212 -19.19 47.87 -14.17
C ALA B 212 -20.63 48.31 -14.41
N PRO B 213 -21.28 49.12 -13.54
CA PRO B 213 -22.73 49.34 -13.70
C PRO B 213 -23.13 50.01 -15.02
N GLU B 214 -22.54 51.16 -15.34
CA GLU B 214 -22.92 51.85 -16.57
C GLU B 214 -22.50 51.06 -17.81
N LEU B 215 -21.58 50.12 -17.68
CA LEU B 215 -21.35 49.17 -18.76
C LEU B 215 -22.43 48.12 -18.81
N ARG B 216 -22.99 47.74 -17.66
CA ARG B 216 -24.00 46.69 -17.61
C ARG B 216 -25.34 47.16 -18.12
N VAL B 217 -25.69 48.42 -17.88
CA VAL B 217 -26.99 48.92 -18.34
C VAL B 217 -27.09 48.81 -19.86
N SER B 218 -25.99 49.09 -20.56
CA SER B 218 -25.90 48.84 -21.99
C SER B 218 -25.39 47.42 -22.24
N GLY B 219 -25.40 47.03 -23.51
CA GLY B 219 -24.94 45.70 -23.87
C GLY B 219 -23.51 45.68 -24.34
N ARG B 220 -22.65 46.48 -23.70
CA ARG B 220 -21.25 46.59 -24.10
C ARG B 220 -20.31 45.76 -23.24
N LEU B 221 -20.83 45.02 -22.26
CA LEU B 221 -19.96 44.20 -21.42
C LEU B 221 -19.32 43.08 -22.23
N ASP B 222 -20.13 42.32 -22.97
CA ASP B 222 -19.61 41.17 -23.70
C ASP B 222 -18.68 41.58 -24.82
N SER B 223 -18.87 42.77 -25.40
CA SER B 223 -17.92 43.26 -26.39
C SER B 223 -16.54 43.45 -25.75
N VAL B 224 -16.50 44.02 -24.55
CA VAL B 224 -15.25 44.17 -23.83
C VAL B 224 -14.66 42.80 -23.50
N ILE B 225 -15.52 41.85 -23.11
CA ILE B 225 -15.05 40.50 -22.79
C ILE B 225 -14.35 39.89 -24.00
N ALA B 226 -14.99 39.96 -25.16
CA ALA B 226 -14.37 39.40 -26.36
C ALA B 226 -13.09 40.15 -26.72
N THR B 227 -13.11 41.48 -26.61
CA THR B 227 -11.99 42.27 -27.07
C THR B 227 -10.77 42.15 -26.17
N PHE B 228 -10.94 41.74 -24.90
CA PHE B 228 -9.72 41.48 -24.14
C PHE B 228 -9.37 40.00 -24.12
N GLU B 229 -10.36 39.12 -24.27
CA GLU B 229 -10.05 37.69 -24.33
C GLU B 229 -9.23 37.38 -25.56
N ARG B 230 -9.52 38.02 -26.70
CA ARG B 230 -8.73 37.78 -27.89
C ARG B 230 -7.27 38.15 -27.66
N HIS B 231 -7.01 39.29 -27.02
CA HIS B 231 -5.63 39.72 -26.81
C HIS B 231 -4.94 38.93 -25.70
N HIS B 232 -5.69 38.51 -24.67
CA HIS B 232 -5.11 37.61 -23.69
C HIS B 232 -4.71 36.28 -24.31
N ARG B 233 -5.56 35.75 -25.20
CA ARG B 233 -5.22 34.51 -25.89
C ARG B 233 -4.00 34.69 -26.78
N ALA B 234 -3.90 35.84 -27.45
CA ALA B 234 -2.71 36.12 -28.24
C ALA B 234 -1.46 36.16 -27.36
N TRP B 235 -1.57 36.79 -26.18
CA TRP B 235 -0.44 36.84 -25.26
C TRP B 235 -0.06 35.44 -24.79
N GLY B 236 -1.06 34.61 -24.50
CA GLY B 236 -0.77 33.24 -24.07
C GLY B 236 -0.06 32.44 -25.15
N GLU B 237 -0.52 32.57 -26.40
CA GLU B 237 0.15 31.87 -27.50
C GLU B 237 1.59 32.35 -27.67
N ALA B 238 1.80 33.67 -27.59
CA ALA B 238 3.15 34.19 -27.72
C ALA B 238 4.05 33.72 -26.59
N ALA B 239 3.53 33.69 -25.36
CA ALA B 239 4.31 33.22 -24.22
C ALA B 239 4.65 31.74 -24.36
N ASP B 240 3.70 30.93 -24.83
CA ASP B 240 4.00 29.52 -25.08
C ASP B 240 5.09 29.37 -26.13
N ARG B 241 4.99 30.14 -27.21
CA ARG B 241 5.99 30.03 -28.27
C ARG B 241 7.36 30.45 -27.78
N ALA B 242 7.42 31.47 -26.93
CA ALA B 242 8.71 31.92 -26.41
C ALA B 242 9.28 31.00 -25.34
N ALA B 243 8.42 30.34 -24.56
CA ALA B 243 8.86 29.47 -23.48
C ALA B 243 8.94 28.00 -23.89
N ALA B 244 8.70 27.69 -25.15
CA ALA B 244 8.93 26.33 -25.64
C ALA B 244 10.34 25.82 -25.36
N PRO B 245 11.44 26.60 -25.51
CA PRO B 245 12.76 26.04 -25.21
C PRO B 245 13.05 25.84 -23.73
N ALA B 246 12.05 26.02 -22.87
CA ALA B 246 12.22 25.67 -21.47
C ALA B 246 12.10 24.17 -21.22
N ALA B 247 11.29 23.47 -22.02
CA ALA B 247 11.14 22.03 -21.84
C ALA B 247 12.44 21.30 -22.16
N VAL B 248 13.19 21.79 -23.15
CA VAL B 248 14.47 21.18 -23.48
C VAL B 248 15.43 21.27 -22.29
N ALA B 249 15.49 22.45 -21.66
CA ALA B 249 16.31 22.59 -20.47
C ALA B 249 15.78 21.74 -19.32
N ALA B 250 14.46 21.54 -19.26
CA ALA B 250 13.90 20.67 -18.23
C ALA B 250 14.35 19.22 -18.42
N ALA B 251 14.40 18.77 -19.67
CA ALA B 251 14.72 17.38 -19.96
C ALA B 251 16.21 17.10 -20.11
N MET B 252 17.04 18.14 -20.20
CA MET B 252 18.47 17.92 -20.42
C MET B 252 19.16 17.07 -19.36
N PRO B 253 18.95 17.27 -18.04
CA PRO B 253 19.69 16.45 -17.07
C PRO B 253 19.46 14.95 -17.20
N THR B 254 18.26 14.52 -17.58
CA THR B 254 18.01 13.09 -17.74
C THR B 254 18.81 12.53 -18.91
N ALA B 255 18.84 13.25 -20.03
CA ALA B 255 19.68 12.82 -21.14
C ALA B 255 21.14 12.80 -20.75
N ALA B 256 21.56 13.77 -19.94
CA ALA B 256 22.93 13.76 -19.43
C ALA B 256 23.22 12.49 -18.65
N MET B 257 22.36 12.16 -17.69
CA MET B 257 22.58 10.97 -16.88
C MET B 257 22.57 9.71 -17.74
N GLY B 258 21.68 9.65 -18.72
CA GLY B 258 21.64 8.49 -19.59
C GLY B 258 22.92 8.30 -20.39
N VAL B 259 23.39 9.38 -21.01
CA VAL B 259 24.64 9.30 -21.76
C VAL B 259 25.79 8.93 -20.83
N SER B 260 25.77 9.46 -19.60
CA SER B 260 26.85 9.17 -18.67
C SER B 260 26.87 7.70 -18.30
N VAL B 261 25.71 7.11 -17.97
CA VAL B 261 25.71 5.71 -17.56
C VAL B 261 26.03 4.80 -18.75
N VAL B 262 25.55 5.14 -19.94
CA VAL B 262 25.88 4.33 -21.11
C VAL B 262 27.37 4.37 -21.38
N GLY B 263 27.98 5.55 -21.30
CA GLY B 263 29.41 5.65 -21.48
C GLY B 263 30.18 4.90 -20.41
N ALA B 264 29.71 4.95 -19.17
CA ALA B 264 30.37 4.22 -18.10
C ALA B 264 30.33 2.72 -18.34
N VAL B 265 29.17 2.20 -18.76
CA VAL B 265 29.09 0.77 -19.03
C VAL B 265 29.98 0.39 -20.20
N ILE B 266 30.00 1.21 -21.25
CA ILE B 266 30.85 0.89 -22.41
C ILE B 266 32.31 0.86 -21.99
N ALA B 267 32.74 1.83 -21.18
CA ALA B 267 34.12 1.85 -20.71
C ALA B 267 34.42 0.65 -19.82
N GLY B 268 33.47 0.27 -18.97
CA GLY B 268 33.71 -0.85 -18.07
C GLY B 268 33.77 -2.18 -18.79
N ILE B 269 33.10 -2.28 -19.94
CA ILE B 269 33.15 -3.52 -20.72
C ILE B 269 34.59 -3.82 -21.15
N ALA B 270 35.30 -2.81 -21.61
CA ALA B 270 36.66 -2.97 -22.12
C ALA B 270 37.71 -2.91 -21.02
N LEU B 271 37.32 -2.69 -19.77
CA LEU B 271 38.27 -2.62 -18.67
C LEU B 271 37.98 -3.60 -17.55
N ALA B 272 36.96 -4.44 -17.68
CA ALA B 272 36.67 -5.43 -16.64
C ALA B 272 37.81 -6.42 -16.42
N PRO B 273 38.37 -7.06 -17.45
CA PRO B 273 39.43 -8.05 -17.19
C PRO B 273 40.69 -7.43 -16.59
N THR B 274 40.93 -6.15 -16.79
CA THR B 274 42.17 -5.55 -16.32
C THR B 274 42.20 -5.39 -14.81
N VAL B 275 41.11 -4.93 -14.22
CA VAL B 275 41.08 -4.56 -12.81
C VAL B 275 40.16 -5.51 -12.05
N ALA B 276 40.12 -5.33 -10.73
CA ALA B 276 39.32 -6.16 -9.85
C ALA B 276 37.83 -5.93 -10.10
N PRO B 277 36.98 -6.90 -9.74
CA PRO B 277 35.54 -6.69 -9.91
C PRO B 277 35.00 -5.49 -9.16
N THR B 278 35.53 -5.22 -7.97
CA THR B 278 35.00 -4.10 -7.16
C THR B 278 35.19 -2.77 -7.87
N THR B 279 36.37 -2.54 -8.46
CA THR B 279 36.61 -1.30 -9.16
C THR B 279 35.72 -1.18 -10.39
N ALA B 280 35.50 -2.29 -11.10
CA ALA B 280 34.60 -2.25 -12.25
C ALA B 280 33.18 -1.88 -11.82
N ALA B 281 32.69 -2.46 -10.74
CA ALA B 281 31.36 -2.13 -10.25
C ALA B 281 31.28 -0.67 -9.83
N ILE B 282 32.32 -0.16 -9.16
CA ILE B 282 32.32 1.24 -8.74
C ILE B 282 32.28 2.16 -9.96
N LEU B 283 33.13 1.89 -10.95
CA LEU B 283 33.14 2.71 -12.15
C LEU B 283 31.80 2.64 -12.88
N MET B 284 31.11 1.51 -12.82
CA MET B 284 29.85 1.39 -13.53
C MET B 284 28.71 2.08 -12.80
N LEU B 285 28.72 2.06 -11.46
CA LEU B 285 27.57 2.48 -10.68
C LEU B 285 27.70 3.90 -10.11
N LEU B 286 28.90 4.47 -10.08
CA LEU B 286 29.04 5.84 -9.57
C LEU B 286 28.32 6.86 -10.44
N PRO B 287 28.43 6.84 -11.78
CA PRO B 287 27.88 7.96 -12.57
C PRO B 287 26.40 8.24 -12.34
N LEU B 288 25.59 7.20 -12.12
CA LEU B 288 24.16 7.42 -11.91
C LEU B 288 23.87 8.08 -10.58
N SER B 289 24.84 8.17 -9.67
CA SER B 289 24.62 8.74 -8.35
C SER B 289 25.43 10.00 -8.10
N ALA B 290 26.16 10.50 -9.11
CA ALA B 290 26.95 11.71 -8.96
C ALA B 290 26.23 12.97 -9.41
N PHE B 291 25.00 12.85 -9.92
CA PHE B 291 24.28 13.99 -10.46
C PHE B 291 23.28 14.58 -9.46
N GLU B 292 23.36 14.21 -8.19
CA GLU B 292 22.41 14.72 -7.21
C GLU B 292 22.70 16.18 -6.87
N ALA B 293 23.97 16.59 -6.96
CA ALA B 293 24.30 17.98 -6.68
C ALA B 293 23.79 18.91 -7.79
N THR B 294 23.87 18.46 -9.05
CA THR B 294 23.51 19.31 -10.17
C THR B 294 22.03 19.67 -10.15
N THR B 295 21.18 18.71 -9.79
CA THR B 295 19.74 18.95 -9.81
C THR B 295 19.30 20.02 -8.82
N ALA B 296 20.16 20.41 -7.89
CA ALA B 296 19.81 21.46 -6.94
C ALA B 296 19.94 22.86 -7.52
N LEU B 297 20.42 23.00 -8.76
CA LEU B 297 20.58 24.32 -9.39
C LEU B 297 19.95 24.37 -10.78
N PRO B 298 18.63 24.17 -10.90
CA PRO B 298 17.92 24.64 -12.09
C PRO B 298 17.39 26.05 -11.91
N ASP B 299 17.28 26.52 -10.67
CA ASP B 299 16.82 27.86 -10.36
C ASP B 299 17.94 28.79 -9.94
N ALA B 300 19.17 28.28 -9.78
CA ALA B 300 20.27 29.13 -9.38
C ALA B 300 20.49 30.26 -10.37
N ALA B 301 20.36 29.97 -11.66
CA ALA B 301 20.44 31.02 -12.67
C ALA B 301 19.22 31.93 -12.60
N ALA B 302 18.04 31.36 -12.34
CA ALA B 302 16.85 32.18 -12.16
C ALA B 302 16.98 33.09 -10.94
N GLN B 303 17.47 32.54 -9.84
CA GLN B 303 17.71 33.35 -8.65
C GLN B 303 18.77 34.42 -8.92
N LEU B 304 19.78 34.08 -9.72
CA LEU B 304 20.77 35.09 -10.10
C LEU B 304 20.14 36.23 -10.86
N MET B 305 19.26 35.92 -11.80
CA MET B 305 18.59 36.98 -12.57
C MET B 305 17.71 37.84 -11.68
N ARG B 306 16.93 37.21 -10.80
CA ARG B 306 16.06 37.98 -9.91
C ARG B 306 16.86 38.86 -8.97
N SER B 307 17.94 38.33 -8.40
CA SER B 307 18.78 39.12 -7.53
C SER B 307 19.48 40.24 -8.29
N ARG B 308 19.83 40.00 -9.55
CA ARG B 308 20.44 41.05 -10.36
C ARG B 308 19.47 42.20 -10.59
N VAL B 309 18.21 41.88 -10.93
CA VAL B 309 17.25 42.94 -11.15
C VAL B 309 16.94 43.68 -9.85
N ALA B 310 16.91 42.95 -8.73
CA ALA B 310 16.70 43.60 -7.44
C ALA B 310 17.87 44.51 -7.08
N ALA B 311 19.09 44.06 -7.37
CA ALA B 311 20.27 44.89 -7.11
C ALA B 311 20.27 46.14 -7.98
N ARG B 312 19.85 46.02 -9.23
CA ARG B 312 19.74 47.20 -10.09
C ARG B 312 18.71 48.18 -9.53
N ARG B 313 17.56 47.66 -9.10
CA ARG B 313 16.53 48.53 -8.53
C ARG B 313 17.03 49.23 -7.26
N LEU B 314 17.76 48.50 -6.41
CA LEU B 314 18.30 49.09 -5.20
C LEU B 314 19.40 50.10 -5.51
N LEU B 315 20.18 49.86 -6.56
CA LEU B 315 21.22 50.81 -6.96
C LEU B 315 20.60 52.09 -7.49
N GLU B 316 19.42 52.00 -8.13
CA GLU B 316 18.72 53.19 -8.58
C GLU B 316 18.53 54.18 -7.43
N LEU B 317 18.28 53.67 -6.23
CA LEU B 317 18.19 54.49 -5.04
C LEU B 317 19.52 55.17 -4.74
N PRO B 327 12.28 70.33 -10.05
CA PRO B 327 12.45 71.53 -10.87
C PRO B 327 12.78 72.76 -10.05
N ASP B 328 13.55 73.68 -10.63
CA ASP B 328 13.93 74.91 -9.94
C ASP B 328 12.71 75.80 -9.72
N VAL B 329 12.75 76.56 -8.62
CA VAL B 329 11.67 77.46 -8.25
C VAL B 329 12.27 78.80 -7.87
N ALA B 330 11.43 79.83 -7.90
CA ALA B 330 11.85 81.19 -7.59
C ALA B 330 12.10 81.33 -6.09
N THR B 331 12.88 82.36 -5.74
CA THR B 331 13.21 82.65 -4.36
C THR B 331 12.20 83.63 -3.77
N VAL B 332 11.72 83.34 -2.57
CA VAL B 332 10.73 84.15 -1.87
C VAL B 332 11.31 84.60 -0.55
N ASP B 333 11.29 85.91 -0.30
CA ASP B 333 11.76 86.45 0.97
C ASP B 333 10.71 86.22 2.05
N LEU B 334 11.18 85.96 3.27
CA LEU B 334 10.30 85.65 4.39
C LEU B 334 10.69 86.46 5.62
N ALA B 335 9.68 86.77 6.44
CA ALA B 335 9.84 87.46 7.70
C ALA B 335 9.21 86.66 8.82
N PRO B 336 9.72 86.77 10.05
CA PRO B 336 9.20 85.95 11.17
C PRO B 336 7.82 86.39 11.67
N GLY B 337 6.79 85.88 11.03
CA GLY B 337 5.43 86.16 11.45
C GLY B 337 4.46 86.35 10.30
N ASP B 338 4.96 86.33 9.07
CA ASP B 338 4.10 86.50 7.91
C ASP B 338 3.28 85.24 7.66
N ARG B 339 2.19 85.41 6.92
CA ARG B 339 1.32 84.31 6.53
C ARG B 339 1.27 84.23 5.01
N LEU B 340 1.48 83.03 4.47
CA LEU B 340 1.48 82.81 3.03
C LEU B 340 0.39 81.83 2.65
N ALA B 341 -0.21 82.06 1.49
CA ALA B 341 -1.31 81.24 0.96
C ALA B 341 -0.96 80.76 -0.44
N VAL B 342 0.23 80.19 -0.58
CA VAL B 342 0.73 79.77 -1.88
C VAL B 342 -0.23 78.75 -2.48
N VAL B 343 -0.70 79.03 -3.70
CA VAL B 343 -1.57 78.14 -4.45
C VAL B 343 -1.06 78.05 -5.87
N GLY B 344 -1.45 76.98 -6.56
CA GLY B 344 -1.00 76.75 -7.91
C GLY B 344 -1.68 75.56 -8.56
N PRO B 345 -1.58 75.46 -9.89
CA PRO B 345 -2.20 74.35 -10.59
C PRO B 345 -1.43 73.05 -10.41
N SER B 346 -2.11 71.94 -10.69
CA SER B 346 -1.48 70.63 -10.61
C SER B 346 -0.44 70.50 -11.72
N GLY B 347 0.84 70.50 -11.34
CA GLY B 347 1.92 70.46 -12.29
C GLY B 347 2.97 71.52 -12.00
N SER B 348 2.76 72.26 -10.93
CA SER B 348 3.67 73.31 -10.48
C SER B 348 4.36 72.88 -9.20
N GLY B 349 5.65 73.22 -9.09
CA GLY B 349 6.43 72.81 -7.93
C GLY B 349 6.11 73.59 -6.67
N LYS B 350 4.84 73.51 -6.23
CA LYS B 350 4.44 74.21 -5.01
C LYS B 350 5.09 73.59 -3.78
N THR B 351 5.00 72.26 -3.65
CA THR B 351 5.69 71.59 -2.56
C THR B 351 7.20 71.71 -2.72
N THR B 352 7.70 71.67 -3.96
CA THR B 352 9.12 71.88 -4.19
C THR B 352 9.53 73.28 -3.74
N MET B 353 8.68 74.27 -3.97
CA MET B 353 8.94 75.61 -3.43
C MET B 353 8.96 75.57 -1.91
N LEU B 354 8.05 74.79 -1.32
CA LEU B 354 8.04 74.66 0.14
C LEU B 354 9.37 74.13 0.67
N MET B 355 9.87 73.03 0.07
CA MET B 355 11.13 72.50 0.56
C MET B 355 12.32 73.40 0.21
N ALA B 356 12.23 74.14 -0.90
CA ALA B 356 13.29 75.10 -1.21
C ALA B 356 13.35 76.19 -0.16
N ILE B 357 12.20 76.70 0.26
CA ILE B 357 12.15 77.70 1.33
C ILE B 357 12.69 77.10 2.62
N ALA B 358 12.30 75.85 2.92
CA ALA B 358 12.79 75.20 4.13
C ALA B 358 14.31 75.06 4.10
N ASP B 359 14.87 74.67 2.95
CA ASP B 359 16.31 74.50 2.83
C ASP B 359 17.04 75.83 2.98
N ARG B 360 16.54 76.88 2.33
CA ARG B 360 17.21 78.16 2.41
C ARG B 360 17.09 78.78 3.80
N LEU B 361 15.99 78.49 4.51
CA LEU B 361 15.87 78.95 5.89
C LEU B 361 16.81 78.18 6.81
N ASN B 362 16.84 76.86 6.68
CA ASN B 362 17.67 76.04 7.55
C ASN B 362 19.15 76.26 7.30
N GLY B 363 19.53 76.56 6.05
CA GLY B 363 20.93 76.74 5.74
C GLY B 363 21.76 75.48 5.91
N ALA B 364 21.22 74.33 5.50
CA ALA B 364 21.89 73.04 5.59
C ALA B 364 22.30 72.71 7.02
N GLY B 365 23.21 71.77 7.18
CA GLY B 365 23.67 71.40 8.51
C GLY B 365 24.56 72.46 9.13
N GLY B 366 24.80 72.30 10.44
CA GLY B 366 25.63 73.22 11.19
C GLY B 366 24.88 74.07 12.20
N GLU B 367 23.56 73.96 12.28
CA GLU B 367 22.77 74.72 13.23
C GLU B 367 21.83 73.79 13.98
N THR B 368 21.76 73.96 15.30
CA THR B 368 20.89 73.15 16.14
C THR B 368 19.43 73.60 16.10
N PRO B 369 19.12 74.92 16.19
CA PRO B 369 17.68 75.27 16.22
C PRO B 369 17.07 75.35 14.83
N GLN B 370 16.66 74.20 14.31
CA GLN B 370 16.05 74.15 12.98
C GLN B 370 14.82 75.03 12.93
N ARG B 371 14.72 75.84 11.88
CA ARG B 371 13.66 76.85 11.76
C ARG B 371 12.48 76.37 10.95
N ALA B 372 12.73 75.77 9.78
CA ALA B 372 11.67 75.39 8.86
C ALA B 372 11.60 73.88 8.71
N ALA B 373 10.40 73.32 8.81
CA ALA B 373 10.17 71.90 8.64
C ALA B 373 8.89 71.71 7.83
N VAL B 374 9.01 71.08 6.66
CA VAL B 374 7.86 70.85 5.80
C VAL B 374 7.01 69.73 6.36
N PHE B 375 5.69 69.88 6.26
CA PHE B 375 4.75 68.83 6.65
C PHE B 375 4.02 68.38 5.40
N ALA B 376 4.48 67.28 4.80
CA ALA B 376 3.87 66.78 3.58
C ALA B 376 2.50 66.18 3.87
N GLU B 377 1.63 66.21 2.85
CA GLU B 377 0.30 65.64 3.00
C GLU B 377 0.37 64.14 3.24
N ASP B 378 1.24 63.44 2.51
CA ASP B 378 1.36 61.99 2.65
C ASP B 378 2.30 61.61 3.81
N ALA B 379 1.99 62.13 5.00
CA ALA B 379 2.78 61.81 6.17
C ALA B 379 2.35 60.48 6.76
N HIS B 380 3.32 59.61 7.04
CA HIS B 380 3.00 58.30 7.60
C HIS B 380 2.47 58.43 9.02
N LEU B 381 1.59 57.50 9.39
CA LEU B 381 1.00 57.44 10.71
C LEU B 381 1.51 56.19 11.41
N PHE B 382 2.28 56.37 12.48
CA PHE B 382 2.82 55.24 13.22
C PHE B 382 1.68 54.48 13.90
N ASP B 383 1.79 53.16 13.92
CA ASP B 383 0.79 52.30 14.55
C ASP B 383 1.11 52.08 16.02
N THR B 384 1.32 53.17 16.74
CA THR B 384 1.63 53.15 18.17
C THR B 384 0.57 53.96 18.91
N THR B 385 0.82 54.17 20.21
CA THR B 385 -0.12 54.96 21.01
C THR B 385 -0.17 56.39 20.48
N VAL B 386 -1.32 57.03 20.66
CA VAL B 386 -1.52 58.38 20.14
C VAL B 386 -0.50 59.33 20.75
N ARG B 387 -0.17 59.13 22.03
CA ARG B 387 0.87 59.94 22.66
C ARG B 387 2.19 59.82 21.91
N ASP B 388 2.63 58.59 21.64
CA ASP B 388 3.86 58.40 20.87
C ASP B 388 3.72 58.94 19.46
N ASN B 389 2.55 58.72 18.83
CA ASN B 389 2.35 59.20 17.47
C ASN B 389 2.41 60.72 17.39
N LEU B 390 2.11 61.42 18.48
CA LEU B 390 2.08 62.87 18.47
C LEU B 390 3.35 63.52 19.03
N LEU B 391 4.18 62.78 19.76
CA LEU B 391 5.41 63.32 20.31
C LEU B 391 6.60 63.14 19.38
N VAL B 392 6.37 62.65 18.15
CA VAL B 392 7.47 62.48 17.21
C VAL B 392 8.13 63.83 16.91
N VAL B 393 7.32 64.86 16.71
CA VAL B 393 7.87 66.20 16.50
C VAL B 393 8.51 66.74 17.78
N ARG B 394 7.94 66.45 18.94
CA ARG B 394 8.46 66.97 20.20
C ARG B 394 8.04 66.01 21.32
N GLY B 395 9.01 65.30 21.89
CA GLY B 395 8.75 64.33 22.94
C GLY B 395 8.64 64.89 24.34
N ASP B 396 8.76 66.20 24.50
CA ASP B 396 8.69 66.85 25.81
C ASP B 396 7.40 67.64 25.98
N ALA B 397 6.30 67.13 25.41
CA ALA B 397 5.00 67.76 25.50
C ALA B 397 4.13 67.01 26.49
N THR B 398 3.57 67.73 27.46
CA THR B 398 2.71 67.12 28.46
C THR B 398 1.39 66.69 27.84
N ASP B 399 0.70 65.77 28.54
CA ASP B 399 -0.58 65.27 28.05
C ASP B 399 -1.62 66.38 27.96
N THR B 400 -1.52 67.39 28.83
CA THR B 400 -2.46 68.50 28.77
C THR B 400 -2.36 69.25 27.45
N GLU B 401 -1.13 69.50 26.98
CA GLU B 401 -0.94 70.17 25.70
C GLU B 401 -1.52 69.34 24.56
N LEU B 402 -1.29 68.03 24.57
CA LEU B 402 -1.83 67.17 23.52
C LEU B 402 -3.34 67.18 23.53
N VAL B 403 -3.95 67.10 24.72
CA VAL B 403 -5.41 67.10 24.81
C VAL B 403 -5.96 68.44 24.32
N ALA B 404 -5.33 69.55 24.72
CA ALA B 404 -5.79 70.86 24.28
C ALA B 404 -5.68 70.99 22.77
N ALA B 405 -4.57 70.52 22.18
CA ALA B 405 -4.41 70.59 20.74
C ALA B 405 -5.47 69.75 20.02
N LEU B 406 -5.72 68.54 20.53
CA LEU B 406 -6.73 67.68 19.91
C LEU B 406 -8.11 68.32 19.99
N ASP B 407 -8.44 68.93 21.14
CA ASP B 407 -9.71 69.61 21.28
C ASP B 407 -9.83 70.79 20.32
N ARG B 408 -8.74 71.56 20.19
CA ARG B 408 -8.78 72.76 19.36
C ARG B 408 -8.77 72.44 17.87
N VAL B 409 -8.28 71.28 17.48
CA VAL B 409 -8.33 70.90 16.07
C VAL B 409 -9.58 70.12 15.72
N GLY B 410 -10.32 69.61 16.70
CA GLY B 410 -11.54 68.88 16.43
C GLY B 410 -11.42 67.39 16.71
N LEU B 411 -10.63 67.03 17.71
CA LEU B 411 -10.45 65.62 18.07
C LEU B 411 -10.72 65.35 19.55
N GLY B 412 -11.34 66.29 20.26
CA GLY B 412 -11.72 66.00 21.64
C GLY B 412 -12.76 64.90 21.75
N GLU B 413 -13.76 64.93 20.88
CA GLU B 413 -14.77 63.88 20.87
C GLU B 413 -14.19 62.56 20.38
N TRP B 414 -13.21 62.61 19.46
CA TRP B 414 -12.56 61.39 19.00
C TRP B 414 -11.72 60.77 20.12
N LEU B 415 -11.05 61.61 20.90
CA LEU B 415 -10.23 61.11 22.01
C LEU B 415 -11.09 60.63 23.17
N ALA B 416 -12.27 61.23 23.37
CA ALA B 416 -13.13 60.84 24.47
C ALA B 416 -13.59 59.39 24.32
N GLY B 417 -13.95 58.98 23.11
CA GLY B 417 -14.41 57.62 22.89
C GLY B 417 -13.32 56.56 22.85
N LEU B 418 -12.06 56.97 22.86
CA LEU B 418 -10.97 56.00 22.81
C LEU B 418 -10.91 55.23 24.13
N PRO B 419 -10.94 53.89 24.09
CA PRO B 419 -10.93 53.12 25.34
C PRO B 419 -9.69 53.38 26.19
N ASP B 420 -8.53 53.57 25.57
CA ASP B 420 -7.29 53.81 26.29
C ASP B 420 -6.92 55.29 26.33
N GLY B 421 -7.81 56.17 25.88
CA GLY B 421 -7.48 57.59 25.84
C GLY B 421 -6.35 57.84 24.86
N LEU B 422 -5.26 58.41 25.36
CA LEU B 422 -4.09 58.66 24.54
C LEU B 422 -3.22 57.42 24.37
N SER B 423 -3.57 56.30 25.01
CA SER B 423 -2.79 55.07 24.94
C SER B 423 -3.33 54.09 23.91
N THR B 424 -4.25 54.51 23.06
CA THR B 424 -4.80 53.63 22.03
C THR B 424 -3.71 53.27 21.01
N VAL B 425 -3.54 51.98 20.76
CA VAL B 425 -2.42 51.52 19.96
C VAL B 425 -2.57 51.80 18.47
N LEU B 426 -3.80 51.92 17.96
CA LEU B 426 -4.07 52.25 16.56
C LEU B 426 -3.40 51.25 15.62
N VAL B 427 -3.85 50.00 15.70
CA VAL B 427 -3.31 48.95 14.85
C VAL B 427 -3.63 49.26 13.39
N GLY B 428 -2.64 49.05 12.52
CA GLY B 428 -2.80 49.30 11.10
C GLY B 428 -2.37 50.68 10.64
N GLY B 429 -1.99 51.57 11.55
CA GLY B 429 -1.55 52.89 11.18
C GLY B 429 -2.68 53.79 10.73
N ALA B 430 -2.58 54.29 9.49
CA ALA B 430 -3.60 55.19 8.97
C ALA B 430 -4.96 54.53 8.83
N ALA B 431 -4.99 53.20 8.66
CA ALA B 431 -6.27 52.50 8.52
C ALA B 431 -7.06 52.45 9.81
N ALA B 432 -6.41 52.69 10.95
CA ALA B 432 -7.12 52.66 12.23
C ALA B 432 -8.04 53.86 12.40
N VAL B 433 -7.82 54.94 11.66
CA VAL B 433 -8.62 56.15 11.77
C VAL B 433 -9.11 56.55 10.38
N SER B 434 -10.03 57.51 10.35
CA SER B 434 -10.54 58.02 9.09
C SER B 434 -9.52 58.98 8.45
N ALA B 435 -9.72 59.23 7.16
CA ALA B 435 -8.82 60.13 6.45
C ALA B 435 -8.87 61.54 7.04
N GLY B 436 -10.07 62.07 7.25
CA GLY B 436 -10.20 63.37 7.89
C GLY B 436 -9.62 63.38 9.28
N GLN B 437 -9.86 62.32 10.05
CA GLN B 437 -9.26 62.20 11.37
C GLN B 437 -7.74 62.16 11.28
N ARG B 438 -7.20 61.43 10.30
CA ARG B 438 -5.75 61.35 10.14
C ARG B 438 -5.15 62.71 9.83
N ARG B 439 -5.79 63.47 8.94
CA ARG B 439 -5.30 64.81 8.63
C ARG B 439 -5.44 65.74 9.84
N ARG B 440 -6.47 65.53 10.66
CA ARG B 440 -6.60 66.29 11.90
C ARG B 440 -5.44 65.99 12.85
N LEU B 441 -5.07 64.71 12.97
CA LEU B 441 -3.91 64.36 13.80
C LEU B 441 -2.64 64.98 13.25
N LEU B 442 -2.49 65.00 11.92
CA LEU B 442 -1.33 65.64 11.33
C LEU B 442 -1.29 67.13 11.65
N ILE B 443 -2.43 67.80 11.56
CA ILE B 443 -2.49 69.22 11.89
C ILE B 443 -2.14 69.44 13.37
N ALA B 444 -2.64 68.57 14.25
CA ALA B 444 -2.30 68.67 15.66
C ALA B 444 -0.81 68.47 15.88
N ARG B 445 -0.20 67.51 15.17
CA ARG B 445 1.23 67.31 15.26
C ARG B 445 2.01 68.55 14.82
N ALA B 446 1.55 69.18 13.74
CA ALA B 446 2.18 70.42 13.28
C ALA B 446 2.05 71.51 14.34
N LEU B 447 0.89 71.58 14.99
CA LEU B 447 0.71 72.55 16.06
C LEU B 447 1.66 72.29 17.23
N ILE B 448 1.86 71.02 17.58
CA ILE B 448 2.70 70.69 18.73
C ILE B 448 4.14 71.10 18.49
N SER B 449 4.64 70.87 17.28
CA SER B 449 6.03 71.19 16.96
C SER B 449 6.30 72.68 17.17
N ALA B 450 7.46 72.97 17.79
CA ALA B 450 7.85 74.33 18.12
C ALA B 450 8.79 74.93 17.08
N PHE B 451 8.65 74.54 15.83
CA PHE B 451 9.50 75.09 14.77
C PHE B 451 9.15 76.55 14.54
N PRO B 452 10.14 77.45 14.44
CA PRO B 452 9.83 78.86 14.15
C PRO B 452 9.06 79.06 12.86
N VAL B 453 9.36 78.28 11.83
CA VAL B 453 8.65 78.33 10.56
C VAL B 453 8.02 76.97 10.32
N VAL B 454 6.71 76.96 10.13
CA VAL B 454 5.94 75.74 9.89
C VAL B 454 5.35 75.81 8.50
N LEU B 455 5.58 74.77 7.71
CA LEU B 455 5.16 74.72 6.31
C LEU B 455 4.15 73.61 6.13
N LEU B 456 3.00 73.95 5.54
CA LEU B 456 1.90 73.02 5.37
C LEU B 456 1.68 72.74 3.88
N ASP B 457 1.31 71.50 3.58
CA ASP B 457 1.06 71.05 2.21
C ASP B 457 -0.37 70.52 2.14
N GLU B 458 -1.29 71.34 1.62
CA GLU B 458 -2.71 71.01 1.50
C GLU B 458 -3.28 70.55 2.82
N PRO B 459 -3.44 71.45 3.80
CA PRO B 459 -3.99 71.04 5.10
C PRO B 459 -5.51 71.01 5.16
N THR B 460 -6.20 71.34 4.08
CA THR B 460 -7.66 71.38 4.07
C THR B 460 -8.27 70.29 3.20
N GLU B 461 -7.49 69.29 2.82
CA GLU B 461 -7.99 68.19 2.00
C GLU B 461 -8.63 67.13 2.89
N ASN B 462 -9.62 66.44 2.32
CA ASN B 462 -10.31 65.32 2.98
C ASN B 462 -10.93 65.72 4.31
N LEU B 463 -11.19 67.00 4.53
CA LEU B 463 -11.77 67.48 5.78
C LEU B 463 -13.28 67.64 5.62
N ASP B 464 -13.93 67.95 6.74
CA ASP B 464 -15.37 68.13 6.74
C ASP B 464 -15.76 69.36 5.93
N ALA B 465 -16.92 69.27 5.26
CA ALA B 465 -17.37 70.37 4.43
C ALA B 465 -17.65 71.62 5.26
N GLY B 466 -18.24 71.46 6.44
CA GLY B 466 -18.51 72.58 7.31
C GLY B 466 -17.39 72.99 8.22
N ASP B 467 -16.21 72.37 8.09
CA ASP B 467 -15.07 72.66 8.95
C ASP B 467 -13.82 73.09 8.20
N ALA B 468 -13.61 72.59 6.97
CA ALA B 468 -12.35 72.83 6.27
C ALA B 468 -12.10 74.31 6.05
N ARG B 469 -13.14 75.05 5.66
CA ARG B 469 -12.99 76.49 5.46
C ARG B 469 -12.57 77.18 6.74
N GLN B 470 -13.19 76.79 7.87
CA GLN B 470 -12.85 77.41 9.16
C GLN B 470 -11.43 77.08 9.57
N MET B 471 -10.99 75.83 9.38
CA MET B 471 -9.61 75.48 9.71
C MET B 471 -8.62 76.24 8.84
N LEU B 472 -8.91 76.38 7.54
CA LEU B 472 -8.03 77.16 6.68
C LEU B 472 -7.98 78.61 7.11
N GLU B 473 -9.13 79.19 7.45
CA GLU B 473 -9.18 80.57 7.91
C GLU B 473 -8.36 80.76 9.18
N GLY B 474 -8.52 79.83 10.13
CA GLY B 474 -7.76 79.94 11.38
C GLY B 474 -6.27 79.75 11.19
N LEU B 475 -5.88 78.77 10.34
CA LEU B 475 -4.47 78.53 10.10
C LEU B 475 -3.81 79.72 9.42
N LEU B 476 -4.49 80.31 8.43
CA LEU B 476 -3.92 81.47 7.74
C LEU B 476 -4.16 82.77 8.49
N THR B 477 -4.94 82.76 9.56
CA THR B 477 -5.07 83.93 10.43
C THR B 477 -3.86 84.02 11.35
N PRO B 478 -3.15 85.15 11.37
CA PRO B 478 -1.92 85.23 12.17
C PRO B 478 -2.14 85.23 13.67
N GLY B 479 -3.37 85.08 14.15
CA GLY B 479 -3.62 85.11 15.58
C GLY B 479 -4.68 84.13 16.07
N ALA B 480 -5.01 83.13 15.26
CA ALA B 480 -6.03 82.16 15.63
C ALA B 480 -5.42 80.93 16.29
N LEU B 481 -4.52 80.24 15.58
CA LEU B 481 -3.87 79.04 16.10
C LEU B 481 -2.38 79.27 16.31
N PHE B 482 -1.66 79.68 15.26
CA PHE B 482 -0.28 80.11 15.41
C PHE B 482 -0.25 81.62 15.61
N ALA B 483 0.35 82.05 16.72
CA ALA B 483 0.29 83.45 17.14
C ALA B 483 1.63 84.12 16.92
N ALA B 484 1.60 85.28 16.24
CA ALA B 484 2.73 86.21 16.16
C ALA B 484 3.97 85.59 15.52
N ASP B 485 4.93 85.19 16.35
CA ASP B 485 6.27 84.85 15.91
C ASP B 485 6.36 83.52 15.16
N ARG B 486 5.22 82.90 14.82
CA ARG B 486 5.22 81.63 14.11
C ARG B 486 4.80 81.87 12.66
N THR B 487 5.60 81.35 11.74
CA THR B 487 5.36 81.50 10.31
C THR B 487 4.64 80.28 9.76
N VAL B 488 3.57 80.52 9.01
CA VAL B 488 2.76 79.45 8.42
C VAL B 488 2.73 79.65 6.92
N VAL B 489 3.17 78.63 6.18
CA VAL B 489 3.12 78.63 4.72
C VAL B 489 2.24 77.45 4.31
N VAL B 490 1.22 77.74 3.51
CA VAL B 490 0.20 76.75 3.14
C VAL B 490 0.18 76.63 1.62
N ALA B 491 0.30 75.40 1.12
CA ALA B 491 0.19 75.09 -0.30
C ALA B 491 -1.13 74.34 -0.49
N THR B 492 -2.21 75.09 -0.69
CA THR B 492 -3.55 74.54 -0.76
C THR B 492 -4.13 74.68 -2.16
N HIS B 493 -5.37 74.22 -2.31
CA HIS B 493 -6.10 74.30 -3.56
C HIS B 493 -7.46 74.97 -3.43
N HIS B 494 -7.93 75.24 -2.21
CA HIS B 494 -9.28 75.76 -2.00
C HIS B 494 -9.25 77.12 -1.30
N LEU B 495 -8.39 78.02 -1.77
CA LEU B 495 -8.31 79.34 -1.17
C LEU B 495 -9.65 80.07 -1.35
N PRO B 496 -10.18 80.69 -0.30
CA PRO B 496 -11.48 81.37 -0.42
C PRO B 496 -11.41 82.50 -1.43
N PRO B 497 -12.50 82.72 -2.19
CA PRO B 497 -12.48 83.82 -3.17
C PRO B 497 -12.26 85.18 -2.53
N GLY B 498 -12.84 85.42 -1.35
CA GLY B 498 -12.58 86.64 -0.62
C GLY B 498 -11.70 86.38 0.58
N PHE B 499 -10.42 86.75 0.48
CA PHE B 499 -9.46 86.43 1.51
C PHE B 499 -8.31 87.43 1.46
N ASP B 500 -7.24 87.13 2.18
CA ASP B 500 -6.10 88.03 2.33
C ASP B 500 -4.83 87.19 2.31
N CYS B 501 -3.71 87.78 2.76
CA CYS B 501 -2.35 87.25 2.71
C CYS B 501 -1.82 87.26 1.29
N PRO B 502 -0.50 87.40 1.10
CA PRO B 502 0.06 87.46 -0.26
C PRO B 502 -0.16 86.16 -1.02
N ILE B 503 -0.24 86.29 -2.34
CA ILE B 503 -0.46 85.17 -3.25
C ILE B 503 0.78 84.99 -4.11
N VAL B 504 1.28 83.76 -4.18
CA VAL B 504 2.53 83.46 -4.88
C VAL B 504 2.22 82.43 -5.96
N ARG B 505 1.03 82.56 -6.56
CA ARG B 505 0.56 81.63 -7.61
C ARG B 505 1.67 81.33 -8.62
N CYS B 506 1.96 80.05 -8.79
CA CYS B 506 3.04 79.60 -9.65
C CYS B 506 2.51 79.35 -11.06
N THR B 507 3.34 78.74 -11.90
CA THR B 507 2.96 78.44 -13.28
C THR B 507 2.98 76.93 -13.54
N SER C 1 -30.17 -29.31 -4.36
CA SER C 1 -30.43 -27.88 -4.17
C SER C 1 -29.13 -27.10 -4.16
N TYR C 2 -28.08 -27.69 -4.72
CA TYR C 2 -26.76 -27.01 -4.78
C TYR C 2 -26.87 -25.74 -5.63
N PHE C 3 -27.19 -25.91 -6.92
CA PHE C 3 -27.25 -24.76 -7.81
C PHE C 3 -28.33 -23.78 -7.38
N GLN C 4 -29.46 -24.28 -6.88
CA GLN C 4 -30.51 -23.38 -6.39
C GLN C 4 -30.00 -22.53 -5.24
N SER C 5 -29.31 -23.15 -4.29
CA SER C 5 -28.78 -22.39 -3.15
C SER C 5 -27.75 -21.37 -3.62
N ASN C 6 -26.87 -21.75 -4.55
CA ASN C 6 -25.87 -20.81 -5.01
C ASN C 6 -26.49 -19.65 -5.78
N VAL C 7 -27.54 -19.92 -6.56
CA VAL C 7 -28.24 -18.84 -7.25
C VAL C 7 -28.88 -17.90 -6.24
N VAL C 8 -29.49 -18.46 -5.19
CA VAL C 8 -30.10 -17.62 -4.17
C VAL C 8 -29.05 -16.73 -3.51
N ILE C 9 -27.89 -17.31 -3.18
CA ILE C 9 -26.84 -16.53 -2.53
C ILE C 9 -26.34 -15.42 -3.44
N ALA C 10 -26.12 -15.72 -4.72
CA ALA C 10 -25.65 -14.70 -5.64
C ALA C 10 -26.68 -13.56 -5.77
N GLY C 11 -27.96 -13.93 -5.90
CA GLY C 11 -28.98 -12.91 -6.03
C GLY C 11 -29.09 -12.03 -4.80
N CYS C 12 -29.03 -12.64 -3.62
CA CYS C 12 -29.15 -11.88 -2.38
C CYS C 12 -27.87 -11.13 -2.02
N THR C 13 -26.76 -11.43 -2.70
CA THR C 13 -25.60 -10.55 -2.57
C THR C 13 -25.72 -9.34 -3.46
N ILE C 14 -26.04 -9.55 -4.75
CA ILE C 14 -26.11 -8.45 -5.69
C ILE C 14 -27.22 -7.48 -5.31
N ALA C 15 -28.41 -8.01 -4.99
CA ALA C 15 -29.52 -7.14 -4.62
C ALA C 15 -29.25 -6.39 -3.34
N SER C 16 -28.59 -7.04 -2.37
CA SER C 16 -28.24 -6.33 -1.13
C SER C 16 -27.29 -5.17 -1.41
N ALA C 17 -26.27 -5.39 -2.24
CA ALA C 17 -25.36 -4.31 -2.58
C ALA C 17 -26.09 -3.16 -3.26
N VAL C 18 -26.95 -3.48 -4.23
CA VAL C 18 -27.65 -2.43 -4.97
C VAL C 18 -28.59 -1.64 -4.06
N VAL C 19 -29.34 -2.35 -3.22
CA VAL C 19 -30.28 -1.68 -2.32
C VAL C 19 -29.53 -0.81 -1.33
N LEU C 20 -28.42 -1.30 -0.79
CA LEU C 20 -27.65 -0.50 0.16
C LEU C 20 -27.11 0.76 -0.50
N ALA C 21 -26.57 0.64 -1.72
CA ALA C 21 -26.06 1.81 -2.41
C ALA C 21 -27.16 2.83 -2.66
N HIS C 22 -28.34 2.37 -3.08
CA HIS C 22 -29.43 3.29 -3.34
C HIS C 22 -29.91 3.97 -2.06
N ILE C 23 -29.96 3.22 -0.95
CA ILE C 23 -30.37 3.83 0.31
C ILE C 23 -29.39 4.90 0.75
N VAL C 24 -28.09 4.60 0.67
CA VAL C 24 -27.10 5.59 1.07
C VAL C 24 -27.18 6.83 0.19
N ALA C 25 -27.30 6.64 -1.13
CA ALA C 25 -27.41 7.79 -2.02
C ALA C 25 -28.66 8.60 -1.72
N GLY C 26 -29.78 7.92 -1.44
CA GLY C 26 -31.02 8.63 -1.18
C GLY C 26 -30.99 9.43 0.09
N ILE C 27 -30.36 8.91 1.13
CA ILE C 27 -30.36 9.58 2.43
C ILE C 27 -29.09 10.38 2.67
N ILE C 28 -28.24 10.52 1.65
CA ILE C 28 -27.21 11.55 1.69
C ILE C 28 -27.69 12.85 1.06
N THR C 29 -28.37 12.76 -0.07
CA THR C 29 -28.74 13.97 -0.82
C THR C 29 -29.88 14.73 -0.18
N ASN C 30 -30.77 14.04 0.55
CA ASN C 30 -31.93 14.67 1.18
C ASN C 30 -31.85 14.47 2.68
N PRO C 31 -31.12 15.33 3.38
CA PRO C 31 -30.99 15.19 4.84
C PRO C 31 -32.09 15.95 5.60
N ALA C 32 -33.33 15.58 5.32
CA ALA C 32 -34.48 16.23 5.96
C ALA C 32 -34.68 15.71 7.38
N THR C 39 -39.68 8.14 5.35
CA THR C 39 -40.17 7.85 4.02
C THR C 39 -39.49 6.62 3.44
N ASP C 40 -38.21 6.76 3.08
CA ASP C 40 -37.42 5.67 2.55
C ASP C 40 -36.92 4.72 3.63
N TRP C 41 -37.17 5.03 4.90
CA TRP C 41 -36.66 4.19 5.98
C TRP C 41 -37.42 2.87 6.09
N ALA C 42 -38.73 2.89 5.80
CA ALA C 42 -39.51 1.67 5.99
C ALA C 42 -39.25 0.63 4.91
N PRO C 43 -39.43 0.91 3.60
CA PRO C 43 -39.27 -0.17 2.62
C PRO C 43 -37.84 -0.63 2.44
N GLY C 44 -36.92 0.31 2.27
CA GLY C 44 -35.55 -0.06 1.94
C GLY C 44 -34.86 -0.82 3.05
N LEU C 45 -35.03 -0.37 4.29
CA LEU C 45 -34.37 -1.03 5.41
C LEU C 45 -34.88 -2.45 5.60
N VAL C 46 -36.19 -2.63 5.51
CA VAL C 46 -36.75 -3.97 5.64
C VAL C 46 -36.31 -4.86 4.49
N ALA C 47 -36.21 -4.28 3.28
CA ALA C 47 -35.72 -5.06 2.14
C ALA C 47 -34.29 -5.53 2.38
N LEU C 48 -33.44 -4.63 2.87
CA LEU C 48 -32.05 -5.01 3.14
C LEU C 48 -31.97 -6.07 4.23
N ALA C 49 -32.79 -5.92 5.29
CA ALA C 49 -32.77 -6.88 6.38
C ALA C 49 -33.20 -8.26 5.91
N VAL C 50 -34.28 -8.33 5.12
CA VAL C 50 -34.73 -9.64 4.66
C VAL C 50 -33.77 -10.23 3.66
N LEU C 51 -33.11 -9.40 2.84
CA LEU C 51 -32.11 -9.92 1.92
C LEU C 51 -30.96 -10.57 2.69
N TRP C 52 -30.45 -9.89 3.72
CA TRP C 52 -29.38 -10.48 4.52
C TRP C 52 -29.85 -11.74 5.22
N SER C 53 -31.10 -11.74 5.72
CA SER C 53 -31.61 -12.91 6.43
C SER C 53 -31.69 -14.12 5.51
N VAL C 54 -32.23 -13.95 4.30
CA VAL C 54 -32.33 -15.09 3.40
C VAL C 54 -30.96 -15.53 2.92
N ARG C 55 -30.01 -14.59 2.79
CA ARG C 55 -28.66 -15.00 2.45
C ARG C 55 -28.05 -15.87 3.54
N VAL C 56 -28.26 -15.50 4.81
CA VAL C 56 -27.73 -16.30 5.92
C VAL C 56 -28.37 -17.68 5.93
N VAL C 57 -29.68 -17.75 5.74
CA VAL C 57 -30.36 -19.04 5.76
C VAL C 57 -29.86 -19.91 4.62
N ALA C 58 -29.65 -19.31 3.43
CA ALA C 58 -29.13 -20.07 2.31
C ALA C 58 -27.73 -20.58 2.60
N GLN C 59 -26.90 -19.78 3.27
CA GLN C 59 -25.56 -20.24 3.62
C GLN C 59 -25.60 -21.45 4.54
N TRP C 60 -26.45 -21.38 5.57
CA TRP C 60 -26.56 -22.50 6.51
C TRP C 60 -27.06 -23.77 5.81
N PHE C 61 -28.09 -23.63 4.98
CA PHE C 61 -28.62 -24.77 4.26
C PHE C 61 -27.56 -25.35 3.32
N GLN C 62 -26.78 -24.49 2.67
CA GLN C 62 -25.69 -24.94 1.83
C GLN C 62 -24.68 -25.75 2.62
N GLY C 63 -24.35 -25.29 3.83
CA GLY C 63 -23.41 -26.05 4.66
C GLY C 63 -23.93 -27.43 4.98
N ARG C 64 -25.18 -27.52 5.43
CA ARG C 64 -25.74 -28.83 5.78
C ARG C 64 -25.78 -29.75 4.57
N LEU C 65 -26.23 -29.23 3.41
CA LEU C 65 -26.31 -30.05 2.21
C LEU C 65 -24.93 -30.54 1.77
N SER C 66 -23.92 -29.67 1.85
CA SER C 66 -22.57 -30.08 1.46
C SER C 66 -22.05 -31.17 2.38
N GLN C 67 -22.30 -31.03 3.68
CA GLN C 67 -21.86 -32.07 4.61
C GLN C 67 -22.49 -33.41 4.28
N ARG C 68 -23.81 -33.43 4.08
CA ARG C 68 -24.49 -34.68 3.78
C ARG C 68 -23.98 -35.28 2.47
N GLY C 69 -23.83 -34.46 1.44
CA GLY C 69 -23.36 -34.96 0.17
C GLY C 69 -21.95 -35.53 0.25
N ALA C 70 -21.05 -34.84 0.96
CA ALA C 70 -19.69 -35.34 1.11
C ALA C 70 -19.67 -36.68 1.83
N THR C 71 -20.46 -36.81 2.90
CA THR C 71 -20.50 -38.07 3.63
C THR C 71 -21.00 -39.20 2.73
N ALA C 72 -22.08 -38.94 1.98
CA ALA C 72 -22.62 -39.97 1.10
C ALA C 72 -21.62 -40.38 0.03
N VAL C 73 -20.93 -39.41 -0.57
CA VAL C 73 -19.97 -39.71 -1.63
C VAL C 73 -18.80 -40.52 -1.06
N ILE C 74 -18.30 -40.14 0.11
CA ILE C 74 -17.23 -40.91 0.73
C ILE C 74 -17.66 -42.35 0.95
N GLY C 75 -18.88 -42.53 1.49
CA GLY C 75 -19.34 -43.88 1.75
C GLY C 75 -19.47 -44.72 0.50
N GLU C 76 -20.09 -44.15 -0.53
CA GLU C 76 -20.28 -44.91 -1.77
C GLU C 76 -18.94 -45.25 -2.43
N LEU C 77 -18.02 -44.29 -2.45
CA LEU C 77 -16.71 -44.54 -3.06
C LEU C 77 -15.94 -45.60 -2.29
N SER C 78 -15.97 -45.55 -0.95
CA SER C 78 -15.30 -46.57 -0.16
C SER C 78 -15.88 -47.95 -0.43
N ARG C 79 -17.22 -48.05 -0.44
CA ARG C 79 -17.86 -49.33 -0.68
C ARG C 79 -17.50 -49.88 -2.06
N GLN C 80 -17.54 -49.01 -3.07
CA GLN C 80 -17.23 -49.47 -4.43
C GLN C 80 -15.78 -49.90 -4.55
N VAL C 81 -14.85 -49.17 -3.94
CA VAL C 81 -13.44 -49.55 -4.00
C VAL C 81 -13.24 -50.91 -3.34
N LEU C 82 -13.80 -51.09 -2.15
CA LEU C 82 -13.60 -52.35 -1.44
C LEU C 82 -14.22 -53.51 -2.21
N SER C 83 -15.42 -53.30 -2.77
CA SER C 83 -16.06 -54.37 -3.53
C SER C 83 -15.26 -54.73 -4.78
N SER C 84 -14.76 -53.71 -5.49
CA SER C 84 -14.06 -53.97 -6.74
C SER C 84 -12.72 -54.66 -6.50
N VAL C 85 -11.98 -54.24 -5.48
CA VAL C 85 -10.67 -54.84 -5.26
C VAL C 85 -10.79 -56.29 -4.79
N THR C 86 -11.94 -56.67 -4.24
CA THR C 86 -12.13 -58.00 -3.67
C THR C 86 -12.57 -59.04 -4.68
N THR C 87 -12.32 -58.84 -5.96
CA THR C 87 -12.66 -59.83 -6.97
C THR C 87 -11.59 -60.92 -7.02
N SER C 88 -11.61 -61.73 -8.07
CA SER C 88 -10.68 -62.84 -8.21
C SER C 88 -9.31 -62.32 -8.65
N SER C 89 -8.45 -63.24 -9.09
CA SER C 89 -7.10 -62.94 -9.55
C SER C 89 -6.29 -62.28 -8.44
N PRO C 90 -5.89 -63.03 -7.41
CA PRO C 90 -5.14 -62.42 -6.29
C PRO C 90 -3.78 -61.89 -6.70
N ARG C 91 -3.41 -62.06 -7.97
CA ARG C 91 -2.14 -61.51 -8.45
C ARG C 91 -2.08 -60.00 -8.27
N ARG C 92 -3.15 -59.30 -8.63
CA ARG C 92 -3.22 -57.87 -8.39
C ARG C 92 -3.53 -57.55 -6.92
N LEU C 93 -4.22 -58.46 -6.23
CA LEU C 93 -4.57 -58.21 -4.84
C LEU C 93 -3.33 -58.16 -3.96
N ALA C 94 -2.40 -59.09 -4.15
CA ALA C 94 -1.20 -59.12 -3.32
C ALA C 94 -0.36 -57.87 -3.52
N ALA C 95 -0.51 -57.19 -4.65
CA ALA C 95 0.24 -55.97 -4.92
C ALA C 95 -0.47 -54.71 -4.48
N ASP C 96 -1.80 -54.66 -4.58
CA ASP C 96 -2.55 -53.45 -4.30
C ASP C 96 -3.31 -53.50 -2.98
N ARG C 97 -3.10 -54.53 -2.16
CA ARG C 97 -3.79 -54.58 -0.88
C ARG C 97 -3.36 -53.42 0.03
N ASP C 98 -2.10 -53.00 -0.04
CA ASP C 98 -1.65 -51.87 0.77
C ASP C 98 -2.36 -50.59 0.35
N SER C 99 -2.44 -50.34 -0.95
CA SER C 99 -3.14 -49.14 -1.43
C SER C 99 -4.62 -49.19 -1.08
N ALA C 100 -5.26 -50.35 -1.26
CA ALA C 100 -6.67 -50.47 -0.94
C ALA C 100 -6.93 -50.26 0.55
N ALA C 101 -6.07 -50.83 1.40
CA ALA C 101 -6.21 -50.62 2.84
C ALA C 101 -6.00 -49.17 3.21
N ALA C 102 -5.07 -48.50 2.53
CA ALA C 102 -4.88 -47.07 2.77
C ALA C 102 -6.13 -46.28 2.39
N VAL C 103 -6.78 -46.66 1.28
CA VAL C 103 -7.92 -45.90 0.80
C VAL C 103 -9.08 -45.98 1.79
N VAL C 104 -9.44 -47.18 2.23
CA VAL C 104 -10.55 -47.34 3.19
C VAL C 104 -9.91 -47.24 4.58
N THR C 105 -9.60 -46.01 4.96
CA THR C 105 -8.96 -45.66 6.23
C THR C 105 -9.06 -44.14 6.35
N ARG C 106 -8.31 -43.54 7.27
CA ARG C 106 -8.21 -42.09 7.27
C ARG C 106 -7.34 -41.63 6.11
N GLY C 107 -7.76 -41.97 4.89
CA GLY C 107 -7.07 -41.56 3.68
C GLY C 107 -8.02 -40.98 2.67
N LEU C 108 -9.32 -41.19 2.89
CA LEU C 108 -10.36 -40.55 2.10
C LEU C 108 -11.02 -39.38 2.82
N ASP C 109 -10.78 -39.24 4.12
CA ASP C 109 -11.34 -38.13 4.88
C ASP C 109 -10.78 -36.78 4.43
N GLY C 110 -9.71 -36.78 3.65
CA GLY C 110 -9.18 -35.55 3.10
C GLY C 110 -9.95 -34.99 1.93
N LEU C 111 -10.97 -35.70 1.45
CA LEU C 111 -11.84 -35.18 0.42
C LEU C 111 -12.99 -34.34 0.99
N ARG C 112 -13.15 -34.34 2.31
CA ARG C 112 -14.17 -33.48 2.92
C ARG C 112 -13.94 -32.01 2.64
N PRO C 113 -12.72 -31.45 2.79
CA PRO C 113 -12.54 -30.04 2.40
C PRO C 113 -12.81 -29.78 0.94
N TYR C 114 -12.50 -30.72 0.05
CA TYR C 114 -12.77 -30.53 -1.36
C TYR C 114 -14.26 -30.37 -1.62
N PHE C 115 -15.09 -31.14 -0.93
CA PHE C 115 -16.53 -31.05 -1.08
C PHE C 115 -17.15 -29.94 -0.25
N THR C 116 -16.41 -29.37 0.70
CA THR C 116 -16.97 -28.35 1.58
C THR C 116 -16.60 -26.93 1.17
N GLY C 117 -15.32 -26.65 0.98
CA GLY C 117 -14.89 -25.28 0.76
C GLY C 117 -14.41 -24.96 -0.64
N TYR C 118 -14.41 -25.94 -1.53
CA TYR C 118 -13.93 -25.74 -2.90
C TYR C 118 -15.03 -25.79 -3.93
N LEU C 119 -15.87 -26.82 -3.91
CA LEU C 119 -16.96 -26.91 -4.89
C LEU C 119 -17.95 -25.77 -4.76
N PRO C 120 -18.49 -25.43 -3.58
CA PRO C 120 -19.35 -24.24 -3.50
C PRO C 120 -18.62 -22.98 -3.92
N ALA C 121 -17.32 -22.88 -3.62
CA ALA C 121 -16.56 -21.70 -4.01
C ALA C 121 -16.49 -21.57 -5.52
N VAL C 122 -16.22 -22.67 -6.23
CA VAL C 122 -16.10 -22.58 -7.69
C VAL C 122 -17.47 -22.35 -8.33
N VAL C 123 -18.52 -22.95 -7.78
CA VAL C 123 -19.86 -22.70 -8.32
C VAL C 123 -20.25 -21.24 -8.13
N LEU C 124 -19.99 -20.69 -6.94
CA LEU C 124 -20.29 -19.29 -6.71
C LEU C 124 -19.44 -18.39 -7.59
N ALA C 125 -18.19 -18.74 -7.81
CA ALA C 125 -17.36 -17.95 -8.71
C ALA C 125 -17.93 -17.97 -10.12
N GLY C 126 -18.46 -19.11 -10.55
CA GLY C 126 -19.03 -19.19 -11.88
C GLY C 126 -20.35 -18.47 -12.03
N ILE C 127 -21.10 -18.32 -10.93
CA ILE C 127 -22.42 -17.69 -11.02
C ILE C 127 -22.36 -16.21 -10.70
N LEU C 128 -21.86 -15.88 -9.51
CA LEU C 128 -21.97 -14.51 -8.99
C LEU C 128 -21.21 -13.51 -9.84
N THR C 129 -20.00 -13.84 -10.27
CA THR C 129 -19.18 -12.86 -10.98
C THR C 129 -19.82 -12.35 -12.26
N PRO C 130 -20.29 -13.19 -13.19
CA PRO C 130 -20.95 -12.63 -14.38
C PRO C 130 -22.23 -11.89 -14.07
N ALA C 131 -23.01 -12.33 -13.09
CA ALA C 131 -24.26 -11.64 -12.78
C ALA C 131 -24.01 -10.25 -12.19
N ALA C 132 -23.06 -10.16 -11.26
CA ALA C 132 -22.69 -8.85 -10.73
C ALA C 132 -22.10 -7.96 -11.81
N LEU C 133 -21.32 -8.55 -12.72
CA LEU C 133 -20.82 -7.79 -13.86
C LEU C 133 -21.96 -7.24 -14.70
N VAL C 134 -22.99 -8.05 -14.94
CA VAL C 134 -24.13 -7.61 -15.74
C VAL C 134 -24.85 -6.46 -15.05
N VAL C 135 -25.10 -6.59 -13.75
CA VAL C 135 -25.83 -5.55 -13.04
C VAL C 135 -25.02 -4.25 -13.02
N MET C 136 -23.72 -4.34 -12.74
CA MET C 136 -22.88 -3.15 -12.75
C MET C 136 -22.86 -2.49 -14.12
N ALA C 137 -22.78 -3.30 -15.18
CA ALA C 137 -22.82 -2.75 -16.53
C ALA C 137 -24.14 -2.03 -16.79
N ALA C 138 -25.24 -2.62 -16.33
CA ALA C 138 -26.54 -1.95 -16.50
C ALA C 138 -26.57 -0.61 -15.80
N TYR C 139 -26.05 -0.53 -14.57
CA TYR C 139 -26.03 0.75 -13.87
C TYR C 139 -24.93 1.68 -14.38
N ASP C 140 -23.82 1.15 -14.85
CA ASP C 140 -22.72 2.01 -15.31
C ASP C 140 -21.78 1.19 -16.19
N TRP C 141 -21.61 1.61 -17.44
CA TRP C 141 -20.86 0.80 -18.39
C TRP C 141 -19.36 1.07 -18.35
N GLN C 142 -18.92 2.23 -17.86
CA GLN C 142 -17.48 2.51 -17.84
C GLN C 142 -16.77 1.68 -16.78
N ALA C 143 -17.34 1.60 -15.58
CA ALA C 143 -16.75 0.76 -14.55
C ALA C 143 -16.77 -0.71 -14.97
N ALA C 144 -17.86 -1.14 -15.62
CA ALA C 144 -17.90 -2.50 -16.12
C ALA C 144 -16.84 -2.73 -17.17
N ALA C 145 -16.59 -1.74 -18.04
CA ALA C 145 -15.53 -1.89 -19.03
C ALA C 145 -14.17 -2.02 -18.37
N ILE C 146 -13.92 -1.24 -17.31
CA ILE C 146 -12.64 -1.33 -16.60
C ILE C 146 -12.49 -2.72 -15.97
N VAL C 147 -13.53 -3.19 -15.29
CA VAL C 147 -13.48 -4.51 -14.65
C VAL C 147 -13.27 -5.60 -15.69
N VAL C 148 -13.96 -5.50 -16.83
CA VAL C 148 -13.81 -6.49 -17.89
C VAL C 148 -12.39 -6.48 -18.43
N ILE C 149 -11.82 -5.31 -18.66
CA ILE C 149 -10.45 -5.25 -19.14
C ILE C 149 -9.52 -5.90 -18.12
N ALA C 150 -9.82 -5.72 -16.83
CA ALA C 150 -8.98 -6.34 -15.79
C ALA C 150 -9.10 -7.85 -15.80
N LEU C 151 -10.32 -8.39 -16.03
CA LEU C 151 -10.55 -9.80 -15.74
C LEU C 151 -9.71 -10.75 -16.60
N PRO C 152 -9.69 -10.67 -17.95
CA PRO C 152 -8.72 -11.49 -18.69
C PRO C 152 -7.32 -10.91 -18.68
N LEU C 153 -6.87 -10.46 -17.50
CA LEU C 153 -5.48 -10.16 -17.28
C LEU C 153 -4.88 -10.99 -16.15
N ILE C 154 -5.70 -11.76 -15.45
CA ILE C 154 -5.21 -12.74 -14.48
C ILE C 154 -4.64 -13.93 -15.24
N PRO C 155 -5.39 -14.61 -16.13
CA PRO C 155 -4.81 -15.77 -16.81
C PRO C 155 -3.59 -15.43 -17.64
N ILE C 156 -3.58 -14.27 -18.31
CA ILE C 156 -2.44 -13.91 -19.15
C ILE C 156 -1.19 -13.77 -18.30
N PHE C 157 -1.26 -13.00 -17.22
CA PHE C 157 -0.10 -12.78 -16.38
C PHE C 157 0.31 -14.05 -15.66
N MET C 158 -0.66 -14.85 -15.22
CA MET C 158 -0.33 -16.11 -14.56
C MET C 158 0.41 -17.05 -15.50
N VAL C 159 -0.06 -17.17 -16.74
CA VAL C 159 0.62 -18.03 -17.71
C VAL C 159 1.99 -17.48 -18.03
N LEU C 160 2.11 -16.17 -18.21
CA LEU C 160 3.41 -15.58 -18.52
C LEU C 160 4.41 -15.83 -17.40
N ILE C 161 3.97 -15.67 -16.14
CA ILE C 161 4.86 -15.90 -15.00
C ILE C 161 5.24 -17.37 -14.90
N GLY C 162 4.25 -18.26 -15.01
CA GLY C 162 4.49 -19.68 -14.86
C GLY C 162 5.21 -20.31 -16.04
N LEU C 163 5.33 -19.60 -17.16
CA LEU C 163 6.10 -20.08 -18.29
C LEU C 163 7.49 -19.46 -18.36
N LEU C 164 7.63 -18.19 -17.97
CA LEU C 164 8.94 -17.56 -17.99
C LEU C 164 9.86 -18.14 -16.93
N THR C 165 9.32 -18.48 -15.76
CA THR C 165 10.12 -18.95 -14.63
C THR C 165 9.92 -20.44 -14.36
N ALA C 166 9.52 -21.21 -15.38
CA ALA C 166 9.37 -22.65 -15.20
C ALA C 166 10.69 -23.38 -15.46
N GLU C 167 11.75 -22.90 -14.82
CA GLU C 167 13.05 -23.54 -14.79
C GLU C 167 13.61 -23.61 -13.38
N ARG C 168 13.41 -22.57 -12.58
CA ARG C 168 13.86 -22.57 -11.20
C ARG C 168 12.90 -23.32 -10.28
N SER C 169 11.61 -23.35 -10.62
CA SER C 169 10.65 -24.05 -9.79
C SER C 169 10.93 -25.55 -9.75
N ALA C 170 11.20 -26.15 -10.91
CA ALA C 170 11.46 -27.58 -10.96
C ALA C 170 12.74 -27.94 -10.21
N ALA C 171 13.80 -27.16 -10.42
CA ALA C 171 15.06 -27.42 -9.72
C ALA C 171 14.89 -27.25 -8.22
N ALA C 172 14.18 -26.21 -7.79
CA ALA C 172 13.93 -26.00 -6.38
C ALA C 172 13.13 -27.15 -5.78
N LEU C 173 12.12 -27.62 -6.49
CA LEU C 173 11.32 -28.75 -5.99
C LEU C 173 12.15 -30.02 -5.89
N THR C 174 13.01 -30.28 -6.88
CA THR C 174 13.87 -31.46 -6.83
C THR C 174 14.83 -31.39 -5.65
N ALA C 175 15.47 -30.24 -5.47
CA ALA C 175 16.36 -30.08 -4.32
C ALA C 175 15.61 -30.24 -3.01
N MET C 176 14.40 -29.67 -2.94
CA MET C 176 13.56 -29.80 -1.76
C MET C 176 13.31 -31.26 -1.42
N THR C 177 12.83 -32.04 -2.40
CA THR C 177 12.46 -33.41 -2.10
C THR C 177 13.68 -34.27 -1.78
N THR C 178 14.79 -34.07 -2.49
CA THR C 178 15.99 -34.84 -2.20
C THR C 178 16.50 -34.55 -0.80
N LEU C 179 16.61 -33.27 -0.44
CA LEU C 179 17.08 -32.93 0.89
C LEU C 179 16.13 -33.41 1.97
N GLN C 180 14.83 -33.31 1.73
CA GLN C 180 13.86 -33.81 2.71
C GLN C 180 14.02 -35.30 2.92
N GLY C 181 14.21 -36.06 1.82
CA GLY C 181 14.49 -37.48 1.97
C GLY C 181 15.75 -37.74 2.75
N ARG C 182 16.79 -36.94 2.52
CA ARG C 182 18.02 -37.07 3.31
C ARG C 182 17.74 -36.91 4.79
N MET C 183 17.00 -35.85 5.16
CA MET C 183 16.67 -35.65 6.56
C MET C 183 15.85 -36.80 7.12
N LEU C 184 14.83 -37.25 6.38
CA LEU C 184 13.96 -38.28 6.89
C LEU C 184 14.72 -39.58 7.13
N ASP C 185 15.60 -39.95 6.20
CA ASP C 185 16.36 -41.19 6.40
C ASP C 185 17.37 -41.04 7.52
N LEU C 186 17.99 -39.85 7.65
CA LEU C 186 18.97 -39.67 8.72
C LEU C 186 18.30 -39.74 10.09
N ILE C 187 17.17 -39.07 10.24
CA ILE C 187 16.43 -39.15 11.50
C ILE C 187 15.86 -40.54 11.73
N ALA C 188 15.62 -41.30 10.65
CA ALA C 188 15.12 -42.66 10.81
C ALA C 188 16.12 -43.56 11.53
N GLY C 189 17.43 -43.34 11.30
CA GLY C 189 18.44 -44.23 11.82
C GLY C 189 19.14 -43.77 13.08
N ILE C 190 18.54 -42.83 13.81
CA ILE C 190 19.19 -42.33 15.04
C ILE C 190 19.41 -43.43 16.07
N PRO C 191 18.48 -44.35 16.35
CA PRO C 191 18.81 -45.40 17.33
C PRO C 191 19.96 -46.28 16.90
N THR C 192 20.12 -46.51 15.60
CA THR C 192 21.25 -47.30 15.11
C THR C 192 22.57 -46.62 15.42
N LEU C 193 22.62 -45.30 15.26
CA LEU C 193 23.83 -44.54 15.57
C LEU C 193 23.94 -44.22 17.05
N ARG C 194 22.91 -44.51 17.85
CA ARG C 194 22.99 -44.25 19.29
C ARG C 194 23.96 -45.21 19.97
N ALA C 195 23.85 -46.50 19.69
CA ALA C 195 24.68 -47.51 20.36
C ALA C 195 25.95 -47.81 19.57
N VAL C 196 26.67 -46.76 19.17
CA VAL C 196 27.98 -46.86 18.56
C VAL C 196 28.84 -45.71 19.08
N GLY C 197 30.07 -45.63 18.58
CA GLY C 197 30.95 -44.55 18.99
C GLY C 197 30.44 -43.19 18.57
N ARG C 198 29.93 -43.08 17.33
CA ARG C 198 29.46 -41.81 16.79
C ARG C 198 28.01 -41.61 17.20
N ALA C 199 27.81 -41.07 18.40
CA ALA C 199 26.48 -40.79 18.92
C ALA C 199 26.03 -39.36 18.65
N GLY C 200 26.88 -38.38 18.91
CA GLY C 200 26.57 -36.98 18.67
C GLY C 200 27.35 -36.32 17.56
N GLY C 201 28.11 -37.07 16.77
CA GLY C 201 28.88 -36.49 15.69
C GLY C 201 28.08 -36.09 14.47
N SER C 202 26.82 -36.50 14.39
CA SER C 202 25.94 -36.15 13.28
C SER C 202 25.10 -34.92 13.55
N VAL C 203 25.25 -34.30 14.72
CA VAL C 203 24.44 -33.13 15.04
C VAL C 203 24.82 -31.96 14.15
N GLN C 204 26.09 -31.86 13.74
CA GLN C 204 26.51 -30.76 12.89
C GLN C 204 25.89 -30.87 11.50
N ARG C 205 25.77 -32.08 10.97
CA ARG C 205 25.28 -32.26 9.60
C ARG C 205 23.85 -31.75 9.46
N ILE C 206 22.99 -32.07 10.42
CA ILE C 206 21.60 -31.66 10.37
C ILE C 206 21.49 -30.14 10.32
N ALA C 207 22.45 -29.43 10.91
CA ALA C 207 22.40 -27.97 10.92
C ALA C 207 22.36 -27.40 9.51
N GLU C 208 23.44 -27.61 8.73
CA GLU C 208 23.42 -27.02 7.40
C GLU C 208 22.51 -27.78 6.46
N LEU C 209 22.14 -29.03 6.76
CA LEU C 209 21.12 -29.69 5.97
C LEU C 209 19.78 -28.95 6.10
N SER C 210 19.42 -28.59 7.34
CA SER C 210 18.22 -27.79 7.56
C SER C 210 18.34 -26.43 6.91
N ALA C 211 19.52 -25.80 7.00
CA ALA C 211 19.71 -24.50 6.36
C ALA C 211 19.47 -24.57 4.86
N SER C 212 20.07 -25.56 4.20
CA SER C 212 19.90 -25.69 2.75
C SER C 212 18.47 -26.04 2.39
N HIS C 213 17.83 -26.94 3.15
CA HIS C 213 16.45 -27.30 2.86
C HIS C 213 15.53 -26.09 3.02
N ARG C 214 15.75 -25.30 4.06
CA ARG C 214 14.88 -24.15 4.30
C ARG C 214 15.11 -23.05 3.26
N ARG C 215 16.35 -22.87 2.80
CA ARG C 215 16.53 -21.89 1.72
C ARG C 215 15.95 -22.39 0.40
N SER C 216 16.00 -23.69 0.15
CA SER C 216 15.36 -24.22 -1.06
C SER C 216 13.84 -24.06 -1.01
N THR C 217 13.25 -24.36 0.15
CA THR C 217 11.81 -24.15 0.28
C THR C 217 11.48 -22.66 0.25
N MET C 218 12.41 -21.80 0.67
CA MET C 218 12.22 -20.37 0.52
C MET C 218 12.13 -19.99 -0.94
N ALA C 219 13.04 -20.54 -1.76
CA ALA C 219 13.00 -20.25 -3.19
C ALA C 219 11.69 -20.73 -3.81
N THR C 220 11.26 -21.95 -3.47
CA THR C 220 10.03 -22.44 -4.09
C THR C 220 8.80 -21.69 -3.60
N LEU C 221 8.79 -21.23 -2.34
CA LEU C 221 7.67 -20.42 -1.87
C LEU C 221 7.67 -19.06 -2.53
N ARG C 222 8.84 -18.47 -2.73
CA ARG C 222 8.91 -17.18 -3.41
C ARG C 222 8.42 -17.29 -4.84
N ILE C 223 8.75 -18.40 -5.52
CA ILE C 223 8.26 -18.57 -6.88
C ILE C 223 6.76 -18.84 -6.91
N SER C 224 6.27 -19.68 -5.99
CA SER C 224 4.89 -20.14 -6.05
C SER C 224 3.88 -19.16 -5.49
N PHE C 225 4.24 -18.04 -4.86
CA PHE C 225 3.18 -17.12 -4.37
C PHE C 225 3.00 -15.95 -5.31
N LEU C 226 3.56 -15.99 -6.50
CA LEU C 226 3.30 -14.91 -7.44
C LEU C 226 1.85 -14.89 -7.90
N SER C 227 1.19 -16.05 -7.93
CA SER C 227 -0.21 -16.09 -8.35
C SER C 227 -1.09 -15.29 -7.39
N ALA C 228 -0.86 -15.45 -6.09
CA ALA C 228 -1.63 -14.67 -5.11
C ALA C 228 -1.35 -13.18 -5.26
N LEU C 229 -0.10 -12.81 -5.52
CA LEU C 229 0.23 -11.40 -5.73
C LEU C 229 -0.52 -10.85 -6.93
N VAL C 230 -0.53 -11.59 -8.03
CA VAL C 230 -1.21 -11.12 -9.24
C VAL C 230 -2.71 -10.97 -8.98
N LEU C 231 -3.32 -11.97 -8.33
CA LEU C 231 -4.75 -11.90 -8.07
C LEU C 231 -5.09 -10.73 -7.16
N GLU C 232 -4.35 -10.54 -6.06
CA GLU C 232 -4.59 -9.43 -5.17
C GLU C 232 -4.41 -8.10 -5.88
N LEU C 233 -3.33 -7.98 -6.65
CA LEU C 233 -3.05 -6.72 -7.33
C LEU C 233 -4.14 -6.35 -8.31
N LEU C 234 -4.60 -7.33 -9.10
CA LEU C 234 -5.65 -7.02 -10.06
C LEU C 234 -6.98 -6.73 -9.36
N ALA C 235 -7.35 -7.54 -8.39
CA ALA C 235 -8.63 -7.33 -7.70
C ALA C 235 -8.65 -6.04 -6.90
N THR C 236 -7.49 -5.48 -6.59
CA THR C 236 -7.43 -4.19 -5.91
C THR C 236 -7.32 -3.02 -6.87
N LEU C 237 -6.49 -3.15 -7.92
CA LEU C 237 -6.38 -2.10 -8.91
C LEU C 237 -7.69 -1.90 -9.66
N GLY C 238 -8.49 -2.95 -9.81
CA GLY C 238 -9.80 -2.78 -10.43
C GLY C 238 -10.67 -1.81 -9.64
N VAL C 239 -10.74 -1.99 -8.32
CA VAL C 239 -11.54 -1.10 -7.49
C VAL C 239 -10.92 0.29 -7.46
N ALA C 240 -9.59 0.37 -7.43
CA ALA C 240 -8.94 1.68 -7.42
C ALA C 240 -9.28 2.46 -8.68
N LEU C 241 -9.17 1.82 -9.84
CA LEU C 241 -9.45 2.50 -11.10
C LEU C 241 -10.93 2.82 -11.24
N VAL C 242 -11.80 1.93 -10.78
CA VAL C 242 -13.24 2.22 -10.82
C VAL C 242 -13.55 3.45 -9.98
N ALA C 243 -12.97 3.52 -8.78
CA ALA C 243 -13.20 4.68 -7.92
C ALA C 243 -12.68 5.95 -8.56
N VAL C 244 -11.47 5.90 -9.13
CA VAL C 244 -10.89 7.09 -9.73
C VAL C 244 -11.76 7.56 -10.89
N SER C 245 -12.19 6.63 -11.75
CA SER C 245 -12.98 7.01 -12.91
C SER C 245 -14.33 7.59 -12.50
N VAL C 246 -15.03 6.93 -11.57
CA VAL C 246 -16.35 7.40 -11.17
C VAL C 246 -16.25 8.76 -10.49
N GLY C 247 -15.26 8.94 -9.62
CA GLY C 247 -15.09 10.22 -8.97
C GLY C 247 -14.74 11.32 -9.94
N LEU C 248 -13.85 11.04 -10.90
CA LEU C 248 -13.39 12.07 -11.81
C LEU C 248 -14.46 12.47 -12.80
N ARG C 249 -15.30 11.54 -13.25
CA ARG C 249 -16.36 11.88 -14.19
C ARG C 249 -17.68 12.16 -13.50
N LEU C 250 -17.73 12.10 -12.17
CA LEU C 250 -18.90 12.56 -11.43
C LEU C 250 -18.77 14.01 -11.00
N VAL C 251 -17.56 14.57 -10.99
CA VAL C 251 -17.37 15.94 -10.55
C VAL C 251 -18.02 16.94 -11.48
N PHE C 252 -18.23 16.59 -12.75
CA PHE C 252 -18.91 17.50 -13.67
C PHE C 252 -20.41 17.20 -13.75
N GLY C 253 -21.04 17.05 -12.59
CA GLY C 253 -22.48 16.92 -12.45
C GLY C 253 -23.22 16.11 -13.50
N ASP C 254 -22.59 15.04 -14.00
CA ASP C 254 -23.11 14.30 -15.14
C ASP C 254 -23.33 12.83 -14.84
N MET C 255 -23.54 12.49 -13.56
CA MET C 255 -23.78 11.10 -13.21
C MET C 255 -24.36 11.02 -11.80
N THR C 256 -25.46 10.29 -11.64
CA THR C 256 -26.13 10.21 -10.35
C THR C 256 -25.21 9.57 -9.32
N LEU C 257 -25.34 10.03 -8.08
CA LEU C 257 -24.54 9.44 -7.00
C LEU C 257 -24.88 7.97 -6.79
N ALA C 258 -26.15 7.61 -7.01
CA ALA C 258 -26.56 6.23 -6.77
C ALA C 258 -25.84 5.27 -7.70
N ALA C 259 -25.70 5.63 -8.98
CA ALA C 259 -24.99 4.76 -9.90
C ALA C 259 -23.53 4.61 -9.52
N GLY C 260 -22.88 5.71 -9.10
CA GLY C 260 -21.50 5.63 -8.68
C GLY C 260 -21.32 4.73 -7.47
N LEU C 261 -22.18 4.90 -6.47
CA LEU C 261 -22.09 4.04 -5.28
C LEU C 261 -22.38 2.59 -5.63
N THR C 262 -23.32 2.34 -6.53
CA THR C 262 -23.63 0.97 -6.92
C THR C 262 -22.43 0.32 -7.60
N ALA C 263 -21.80 1.02 -8.54
CA ALA C 263 -20.63 0.46 -9.20
C ALA C 263 -19.50 0.22 -8.21
N LEU C 264 -19.27 1.18 -7.31
CA LEU C 264 -18.20 1.05 -6.34
C LEU C 264 -18.44 -0.11 -5.40
N LEU C 265 -19.68 -0.32 -4.97
CA LEU C 265 -19.98 -1.42 -4.07
C LEU C 265 -19.99 -2.76 -4.80
N LEU C 266 -20.29 -2.78 -6.09
CA LEU C 266 -20.38 -4.04 -6.82
C LEU C 266 -19.04 -4.51 -7.37
N ALA C 267 -18.05 -3.63 -7.48
CA ALA C 267 -16.73 -4.12 -7.87
C ALA C 267 -16.17 -5.17 -6.93
N PRO C 268 -16.18 -4.99 -5.59
CA PRO C 268 -15.69 -6.05 -4.71
C PRO C 268 -16.49 -7.34 -4.83
N GLU C 269 -17.80 -7.26 -5.04
CA GLU C 269 -18.58 -8.48 -5.21
C GLU C 269 -18.17 -9.23 -6.47
N VAL C 270 -17.80 -8.51 -7.53
CA VAL C 270 -17.27 -9.16 -8.71
C VAL C 270 -15.94 -9.84 -8.42
N PHE C 271 -15.06 -9.15 -7.69
CA PHE C 271 -13.69 -9.64 -7.56
C PHE C 271 -13.46 -10.58 -6.38
N TRP C 272 -14.42 -10.77 -5.50
CA TRP C 272 -14.19 -11.59 -4.31
C TRP C 272 -14.19 -13.10 -4.58
N PRO C 273 -15.20 -13.66 -5.26
CA PRO C 273 -15.25 -15.13 -5.37
C PRO C 273 -14.04 -15.74 -6.02
N LEU C 274 -13.39 -15.05 -6.97
CA LEU C 274 -12.16 -15.59 -7.54
C LEU C 274 -11.07 -15.70 -6.48
N ARG C 275 -10.96 -14.69 -5.61
CA ARG C 275 -9.98 -14.76 -4.54
C ARG C 275 -10.33 -15.89 -3.56
N ARG C 276 -11.61 -16.08 -3.28
CA ARG C 276 -12.01 -17.18 -2.41
C ARG C 276 -11.64 -18.52 -3.00
N VAL C 277 -11.86 -18.69 -4.31
CA VAL C 277 -11.50 -19.94 -4.98
C VAL C 277 -9.99 -20.14 -4.93
N GLY C 278 -9.22 -19.09 -5.19
CA GLY C 278 -7.77 -19.20 -5.12
C GLY C 278 -7.29 -19.61 -3.74
N ALA C 279 -7.88 -19.02 -2.70
CA ALA C 279 -7.52 -19.39 -1.34
C ALA C 279 -7.88 -20.83 -1.04
N ALA C 280 -9.04 -21.29 -1.49
CA ALA C 280 -9.50 -22.63 -1.16
C ALA C 280 -8.89 -23.72 -2.03
N PHE C 281 -8.22 -23.36 -3.13
CA PHE C 281 -7.66 -24.38 -4.02
C PHE C 281 -6.60 -25.22 -3.33
N HIS C 282 -5.62 -24.58 -2.69
CA HIS C 282 -4.48 -25.30 -2.17
C HIS C 282 -4.85 -26.29 -1.08
N ALA C 283 -6.04 -26.18 -0.50
CA ALA C 283 -6.49 -27.09 0.53
C ALA C 283 -7.24 -28.30 -0.05
N ALA C 284 -7.33 -28.41 -1.37
CA ALA C 284 -8.09 -29.49 -2.00
C ALA C 284 -7.25 -30.37 -2.91
N GLN C 285 -5.93 -30.15 -2.97
CA GLN C 285 -5.09 -31.00 -3.80
C GLN C 285 -5.04 -32.43 -3.29
N ASP C 286 -4.96 -32.60 -1.96
CA ASP C 286 -4.86 -33.94 -1.38
C ASP C 286 -6.11 -34.75 -1.65
N GLY C 287 -7.28 -34.14 -1.48
CA GLY C 287 -8.52 -34.86 -1.72
C GLY C 287 -8.63 -35.33 -3.17
N LYS C 288 -8.24 -34.49 -4.11
CA LYS C 288 -8.28 -34.88 -5.51
C LYS C 288 -7.34 -36.05 -5.78
N THR C 289 -6.15 -36.03 -5.19
CA THR C 289 -5.22 -37.14 -5.36
C THR C 289 -5.79 -38.44 -4.79
N ALA C 290 -6.39 -38.36 -3.61
CA ALA C 290 -7.00 -39.56 -3.02
C ALA C 290 -8.13 -40.09 -3.88
N ALA C 291 -8.96 -39.19 -4.42
CA ALA C 291 -10.06 -39.62 -5.28
C ALA C 291 -9.53 -40.27 -6.56
N GLU C 292 -8.48 -39.68 -7.14
CA GLU C 292 -7.88 -40.26 -8.34
C GLU C 292 -7.31 -41.64 -8.07
N GLN C 293 -6.61 -41.80 -6.94
CA GLN C 293 -6.07 -43.10 -6.58
C GLN C 293 -7.18 -44.13 -6.37
N ALA C 294 -8.26 -43.72 -5.70
CA ALA C 294 -9.37 -44.63 -5.47
C ALA C 294 -10.04 -45.03 -6.78
N LEU C 295 -10.22 -44.09 -7.69
CA LEU C 295 -10.88 -44.39 -8.95
C LEU C 295 -9.99 -45.22 -9.87
N ARG C 296 -8.67 -45.11 -9.72
CA ARG C 296 -7.76 -45.86 -10.57
C ARG C 296 -7.76 -47.35 -10.28
N LEU C 297 -8.39 -47.79 -9.19
CA LEU C 297 -8.36 -49.20 -8.78
C LEU C 297 -9.75 -49.80 -8.74
N CYS C 298 -10.63 -49.42 -9.67
CA CYS C 298 -11.99 -49.93 -9.70
C CYS C 298 -12.41 -50.46 -11.06
N ALA C 299 -11.97 -49.83 -12.15
CA ALA C 299 -12.51 -50.15 -13.46
C ALA C 299 -11.96 -51.44 -14.05
N GLU C 300 -10.69 -51.77 -13.76
CA GLU C 300 -10.04 -52.87 -14.48
C GLU C 300 -10.70 -54.24 -14.31
N PRO C 301 -11.04 -54.71 -13.04
CA PRO C 301 -11.54 -56.11 -12.99
C PRO C 301 -12.80 -56.49 -13.73
N HIS C 302 -12.73 -57.52 -14.57
CA HIS C 302 -13.91 -58.00 -15.29
C HIS C 302 -13.89 -59.54 -15.31
N PRO C 303 -14.59 -60.18 -14.37
CA PRO C 303 -14.60 -61.65 -14.28
C PRO C 303 -15.21 -62.36 -15.49
N PRO C 304 -14.58 -63.44 -15.96
CA PRO C 304 -15.06 -64.14 -17.15
C PRO C 304 -15.67 -65.53 -16.88
N THR C 305 -15.06 -66.57 -17.45
CA THR C 305 -15.43 -68.01 -17.36
C THR C 305 -16.72 -68.45 -18.05
N GLY C 306 -16.89 -69.77 -18.22
CA GLY C 306 -18.05 -70.28 -18.94
C GLY C 306 -19.21 -70.88 -18.16
N HIS C 307 -19.90 -71.84 -18.76
CA HIS C 307 -21.08 -72.44 -18.10
C HIS C 307 -21.03 -73.97 -18.05
N GLU C 308 -19.97 -74.57 -18.60
CA GLU C 308 -19.77 -76.01 -18.55
C GLU C 308 -19.86 -76.50 -17.10
N VAL C 309 -20.53 -77.63 -16.92
CA VAL C 309 -20.77 -78.20 -15.60
C VAL C 309 -20.05 -79.54 -15.52
N VAL C 310 -19.23 -79.72 -14.50
CA VAL C 310 -18.52 -80.99 -14.29
C VAL C 310 -19.55 -82.08 -13.98
N PRO C 311 -19.43 -83.27 -14.55
CA PRO C 311 -20.40 -84.33 -14.27
C PRO C 311 -20.37 -84.76 -12.81
N ALA C 312 -21.47 -85.37 -12.38
CA ALA C 312 -21.60 -85.80 -11.00
C ALA C 312 -20.52 -86.81 -10.64
N GLY C 313 -20.05 -86.74 -9.40
CA GLY C 313 -18.98 -87.57 -8.92
C GLY C 313 -17.71 -86.77 -8.68
N ALA C 314 -16.60 -87.51 -8.56
CA ALA C 314 -15.30 -86.88 -8.35
C ALA C 314 -14.54 -86.87 -9.67
N PRO C 315 -14.32 -85.70 -10.28
CA PRO C 315 -13.64 -85.66 -11.58
C PRO C 315 -12.18 -86.11 -11.51
N VAL C 316 -11.52 -86.11 -12.68
CA VAL C 316 -10.10 -86.40 -12.79
C VAL C 316 -9.39 -85.10 -13.15
N ILE C 317 -8.36 -84.76 -12.38
CA ILE C 317 -7.56 -83.56 -12.59
C ILE C 317 -6.22 -83.98 -13.19
N GLU C 318 -5.78 -83.23 -14.20
CA GLU C 318 -4.55 -83.55 -14.91
C GLU C 318 -3.72 -82.29 -15.11
N VAL C 319 -2.41 -82.42 -14.91
CA VAL C 319 -1.46 -81.33 -15.14
C VAL C 319 -0.43 -81.78 -16.16
N PRO C 320 -0.67 -81.56 -17.45
CA PRO C 320 0.31 -81.99 -18.46
C PRO C 320 1.67 -81.33 -18.31
N ALA C 321 1.73 -80.11 -17.76
CA ALA C 321 3.00 -79.43 -17.62
C ALA C 321 3.94 -80.18 -16.67
N LEU C 322 3.41 -80.67 -15.56
CA LEU C 322 4.20 -81.41 -14.59
C LEU C 322 3.94 -82.91 -14.62
N LYS C 323 3.25 -83.40 -15.67
CA LYS C 323 2.96 -84.83 -15.84
C LYS C 323 2.24 -85.40 -14.62
N ALA C 324 1.34 -84.60 -14.05
CA ALA C 324 0.58 -84.98 -12.87
C ALA C 324 -0.88 -85.15 -13.25
N VAL C 325 -1.38 -86.38 -13.16
CA VAL C 325 -2.78 -86.69 -13.41
C VAL C 325 -3.29 -87.39 -12.16
N MET C 326 -4.25 -86.78 -11.48
CA MET C 326 -4.74 -87.28 -10.20
C MET C 326 -6.17 -87.79 -10.36
N GLU C 327 -6.37 -89.06 -10.07
CA GLU C 327 -7.61 -89.80 -10.13
C GLU C 327 -8.37 -89.69 -8.82
N PRO C 328 -9.69 -89.92 -8.85
CA PRO C 328 -10.48 -89.83 -7.62
C PRO C 328 -10.20 -90.98 -6.66
N GLY C 329 -10.49 -90.73 -5.39
CA GLY C 329 -10.43 -91.75 -4.36
C GLY C 329 -9.05 -92.02 -3.80
N ARG C 330 -8.04 -91.25 -4.19
CA ARG C 330 -6.67 -91.49 -3.76
C ARG C 330 -6.08 -90.24 -3.15
N VAL C 331 -5.02 -90.43 -2.38
CA VAL C 331 -4.36 -89.36 -1.64
C VAL C 331 -3.14 -88.90 -2.43
N THR C 332 -3.02 -87.59 -2.61
CA THR C 332 -1.92 -87.01 -3.38
C THR C 332 -1.24 -85.92 -2.56
N VAL C 333 0.09 -85.85 -2.67
CA VAL C 333 0.90 -84.88 -1.96
C VAL C 333 1.77 -84.15 -2.96
N LEU C 334 2.11 -82.90 -2.64
CA LEU C 334 2.99 -82.07 -3.46
C LEU C 334 4.21 -81.69 -2.64
N THR C 335 5.40 -81.77 -3.25
CA THR C 335 6.63 -81.46 -2.56
C THR C 335 7.50 -80.57 -3.43
N GLY C 336 8.37 -79.80 -2.78
CA GLY C 336 9.27 -78.90 -3.46
C GLY C 336 9.74 -77.79 -2.54
N PRO C 337 10.54 -76.87 -3.06
CA PRO C 337 11.00 -75.73 -2.26
C PRO C 337 9.83 -74.82 -1.89
N ASN C 338 10.13 -73.84 -1.04
CA ASN C 338 9.11 -72.93 -0.53
C ASN C 338 8.85 -71.82 -1.55
N GLY C 339 7.59 -71.65 -1.93
CA GLY C 339 7.18 -70.53 -2.77
C GLY C 339 7.31 -70.76 -4.27
N VAL C 340 7.51 -71.99 -4.72
CA VAL C 340 7.60 -72.26 -6.17
C VAL C 340 6.19 -72.53 -6.66
N GLY C 341 5.47 -71.44 -6.93
CA GLY C 341 4.14 -71.47 -7.51
C GLY C 341 3.19 -72.58 -7.06
N LYS C 342 3.20 -72.92 -5.78
CA LYS C 342 2.32 -73.97 -5.28
C LYS C 342 1.00 -73.42 -4.73
N SER C 343 1.05 -72.32 -3.97
CA SER C 343 -0.18 -71.62 -3.64
C SER C 343 -0.80 -71.04 -4.91
N THR C 344 0.03 -70.55 -5.82
CA THR C 344 -0.46 -70.08 -7.11
C THR C 344 -1.10 -71.21 -7.90
N LEU C 345 -0.49 -72.39 -7.89
CA LEU C 345 -1.07 -73.54 -8.58
C LEU C 345 -2.43 -73.89 -7.99
N LEU C 346 -2.52 -73.93 -6.67
CA LEU C 346 -3.79 -74.28 -6.04
C LEU C 346 -4.85 -73.23 -6.36
N GLN C 347 -4.55 -71.95 -6.11
CA GLN C 347 -5.53 -70.91 -6.38
C GLN C 347 -5.87 -70.82 -7.87
N ALA C 348 -5.01 -71.33 -8.73
CA ALA C 348 -5.35 -71.45 -10.14
C ALA C 348 -6.33 -72.58 -10.38
N ILE C 349 -6.16 -73.70 -9.68
CA ILE C 349 -7.09 -74.81 -9.90
C ILE C 349 -8.43 -74.55 -9.22
N LEU C 350 -8.47 -73.47 -8.44
CA LEU C 350 -9.77 -73.02 -7.92
C LEU C 350 -10.32 -72.09 -9.02
N GLY C 351 -9.48 -71.75 -10.01
CA GLY C 351 -9.91 -70.90 -11.09
C GLY C 351 -9.84 -69.42 -10.82
N LEU C 352 -9.28 -69.02 -9.68
CA LEU C 352 -9.18 -67.60 -9.36
C LEU C 352 -8.30 -66.88 -10.37
N GLN C 353 -7.17 -67.49 -10.75
CA GLN C 353 -6.21 -66.86 -11.65
C GLN C 353 -5.72 -67.89 -12.64
N GLU C 354 -4.88 -67.45 -13.58
CA GLU C 354 -4.33 -68.33 -14.59
C GLU C 354 -3.37 -69.33 -13.96
N SER C 355 -3.23 -70.48 -14.62
CA SER C 355 -2.32 -71.51 -14.14
C SER C 355 -0.91 -71.22 -14.61
N PRO C 356 0.05 -71.00 -13.70
CA PRO C 356 1.43 -70.75 -14.13
C PRO C 356 2.05 -71.92 -14.87
N CYS C 357 1.69 -73.15 -14.52
CA CYS C 357 2.30 -74.35 -15.09
C CYS C 357 1.34 -74.95 -16.10
N GLY C 358 1.37 -74.42 -17.33
CA GLY C 358 0.60 -74.97 -18.42
C GLY C 358 -0.90 -74.89 -18.20
N PRO C 359 -1.65 -75.65 -18.97
CA PRO C 359 -3.11 -75.70 -18.79
C PRO C 359 -3.52 -76.81 -17.84
N ILE C 360 -4.65 -76.58 -17.17
CA ILE C 360 -5.21 -77.52 -16.22
C ILE C 360 -6.59 -77.93 -16.71
N LEU C 361 -6.78 -79.23 -16.92
CA LEU C 361 -8.04 -79.77 -17.41
C LEU C 361 -8.74 -80.50 -16.28
N VAL C 362 -9.95 -80.06 -15.94
CA VAL C 362 -10.79 -80.76 -14.97
C VAL C 362 -11.74 -81.67 -15.74
N ALA C 363 -11.82 -82.93 -15.32
CA ALA C 363 -12.68 -83.94 -15.96
C ALA C 363 -12.51 -83.96 -17.48
N GLY C 364 -11.35 -83.51 -17.97
CA GLY C 364 -11.09 -83.44 -19.39
C GLY C 364 -11.30 -82.08 -20.02
N VAL C 365 -11.91 -81.13 -19.31
CA VAL C 365 -12.20 -79.81 -19.86
C VAL C 365 -11.38 -78.76 -19.11
N GLU C 366 -10.95 -77.74 -19.84
CA GLU C 366 -10.13 -76.69 -19.26
C GLU C 366 -10.89 -75.91 -18.20
N VAL C 367 -10.14 -75.31 -17.27
CA VAL C 367 -10.75 -74.50 -16.22
C VAL C 367 -11.34 -73.21 -16.79
N GLY C 368 -10.90 -72.78 -17.97
CA GLY C 368 -11.41 -71.54 -18.54
C GLY C 368 -12.86 -71.61 -18.95
N ALA C 369 -13.34 -72.80 -19.31
CA ALA C 369 -14.74 -73.01 -19.65
C ALA C 369 -15.57 -73.44 -18.47
N LEU C 370 -14.97 -73.59 -17.29
CA LEU C 370 -15.69 -74.03 -16.11
C LEU C 370 -16.69 -72.98 -15.65
N ASP C 371 -17.80 -73.44 -15.08
CA ASP C 371 -18.75 -72.56 -14.40
C ASP C 371 -18.35 -72.49 -12.94
N ARG C 372 -17.80 -71.34 -12.53
CA ARG C 372 -17.16 -71.23 -11.22
C ARG C 372 -18.17 -71.32 -10.09
N SER C 373 -19.40 -70.86 -10.32
CA SER C 373 -20.40 -70.86 -9.25
C SER C 373 -20.67 -72.28 -8.74
N ALA C 374 -20.96 -73.21 -9.66
CA ALA C 374 -21.21 -74.59 -9.26
C ALA C 374 -19.93 -75.32 -8.94
N TRP C 375 -18.82 -74.97 -9.60
CA TRP C 375 -17.55 -75.63 -9.32
C TRP C 375 -17.09 -75.38 -7.90
N TRP C 376 -17.27 -74.15 -7.40
CA TRP C 376 -16.83 -73.81 -6.06
C TRP C 376 -17.66 -74.51 -4.98
N GLY C 377 -18.88 -74.96 -5.31
CA GLY C 377 -19.72 -75.62 -4.33
C GLY C 377 -19.41 -77.09 -4.11
N ARG C 378 -18.53 -77.67 -4.91
CA ARG C 378 -18.15 -79.07 -4.80
C ARG C 378 -16.84 -79.28 -4.05
N LEU C 379 -16.39 -78.28 -3.30
CA LEU C 379 -15.00 -78.23 -2.88
C LEU C 379 -14.88 -77.77 -1.44
N ALA C 380 -13.87 -78.30 -0.75
CA ALA C 380 -13.52 -77.92 0.62
C ALA C 380 -12.11 -77.35 0.58
N TRP C 381 -12.03 -76.02 0.57
CA TRP C 381 -10.77 -75.29 0.46
C TRP C 381 -10.35 -74.81 1.84
N MET C 382 -9.29 -75.41 2.39
CA MET C 382 -8.80 -74.99 3.69
C MET C 382 -7.53 -74.20 3.46
N PRO C 383 -7.52 -72.90 3.71
CA PRO C 383 -6.32 -72.09 3.42
C PRO C 383 -5.34 -72.08 4.57
N HIS C 384 -4.18 -71.44 4.36
CA HIS C 384 -3.17 -71.37 5.41
C HIS C 384 -3.71 -70.67 6.65
N ARG C 385 -4.43 -69.57 6.46
CA ARG C 385 -5.06 -68.85 7.56
C ARG C 385 -6.56 -69.00 7.46
N PRO C 386 -7.21 -69.75 8.37
CA PRO C 386 -8.66 -69.93 8.28
C PRO C 386 -9.43 -68.65 8.54
N VAL C 387 -10.76 -68.72 8.53
CA VAL C 387 -11.60 -67.56 8.81
C VAL C 387 -11.78 -67.44 10.32
N LEU C 388 -11.35 -66.31 10.88
CA LEU C 388 -11.48 -66.04 12.32
C LEU C 388 -12.02 -64.62 12.47
N VAL C 389 -13.34 -64.49 12.45
CA VAL C 389 -13.99 -63.20 12.66
C VAL C 389 -14.09 -62.99 14.17
N PRO C 390 -13.89 -61.77 14.67
CA PRO C 390 -14.08 -61.53 16.12
C PRO C 390 -15.49 -61.90 16.55
N GLY C 391 -15.58 -62.55 17.69
CA GLY C 391 -16.84 -63.04 18.19
C GLY C 391 -16.62 -64.29 19.04
N THR C 392 -17.45 -65.30 18.80
CA THR C 392 -17.41 -66.54 19.56
C THR C 392 -16.98 -67.70 18.69
N VAL C 393 -16.73 -68.85 19.33
CA VAL C 393 -16.28 -70.03 18.61
C VAL C 393 -17.40 -70.58 17.72
N ARG C 394 -18.64 -70.53 18.19
CA ARG C 394 -19.75 -71.14 17.46
C ARG C 394 -19.92 -70.52 16.09
N GLU C 395 -19.93 -69.18 16.02
CA GLU C 395 -20.06 -68.52 14.72
C GLU C 395 -18.84 -68.81 13.84
N ASN C 396 -17.64 -68.73 14.41
CA ASN C 396 -16.43 -69.01 13.64
C ASN C 396 -16.44 -70.41 13.05
N LEU C 397 -17.15 -71.33 13.69
CA LEU C 397 -17.31 -72.68 13.13
C LEU C 397 -18.38 -72.76 12.06
N GLU C 398 -19.10 -71.66 11.79
CA GLU C 398 -20.24 -71.71 10.89
C GLU C 398 -20.18 -70.69 9.74
N LEU C 399 -19.19 -69.81 9.70
CA LEU C 399 -19.09 -68.87 8.58
C LEU C 399 -18.88 -69.60 7.26
N LEU C 400 -18.02 -70.62 7.26
CA LEU C 400 -17.74 -71.38 6.03
C LEU C 400 -18.87 -72.39 5.77
N GLY C 401 -20.08 -71.86 5.70
CA GLY C 401 -21.25 -72.67 5.46
C GLY C 401 -21.65 -73.48 6.68
N PRO C 402 -22.90 -73.94 6.70
CA PRO C 402 -23.33 -74.84 7.77
C PRO C 402 -22.58 -76.16 7.71
N VAL C 403 -22.35 -76.75 8.88
CA VAL C 403 -21.58 -77.98 9.00
C VAL C 403 -22.57 -79.12 9.25
N PRO C 404 -22.86 -79.96 8.26
CA PRO C 404 -23.78 -81.08 8.47
C PRO C 404 -23.10 -82.27 9.13
N GLY C 405 -23.00 -82.26 10.46
CA GLY C 405 -22.29 -83.32 11.16
C GLY C 405 -20.98 -82.87 11.76
N LEU C 406 -21.01 -81.72 12.44
CA LEU C 406 -19.80 -81.21 13.09
C LEU C 406 -19.29 -82.16 14.16
N ASP C 407 -20.18 -82.94 14.78
CA ASP C 407 -19.78 -83.78 15.91
C ASP C 407 -18.78 -84.85 15.47
N GLU C 408 -19.11 -85.61 14.42
CA GLU C 408 -18.22 -86.69 14.01
C GLU C 408 -16.94 -86.16 13.37
N VAL C 409 -17.01 -85.03 12.67
CA VAL C 409 -15.79 -84.43 12.13
C VAL C 409 -14.87 -83.98 13.26
N CYS C 410 -15.44 -83.34 14.29
CA CYS C 410 -14.64 -82.93 15.44
C CYS C 410 -14.04 -84.14 16.15
N ARG C 411 -14.82 -85.22 16.26
CA ARG C 411 -14.29 -86.44 16.86
C ARG C 411 -13.14 -87.01 16.06
N SER C 412 -13.26 -87.01 14.72
CA SER C 412 -12.19 -87.52 13.88
C SER C 412 -10.93 -86.67 14.00
N VAL C 413 -11.09 -85.34 14.03
CA VAL C 413 -9.92 -84.46 14.12
C VAL C 413 -9.44 -84.28 15.56
N GLY C 414 -10.33 -84.35 16.54
CA GLY C 414 -9.95 -84.10 17.92
C GLY C 414 -10.29 -82.71 18.41
N PHE C 415 -11.31 -82.07 17.85
CA PHE C 415 -11.72 -80.76 18.31
C PHE C 415 -12.42 -80.80 19.65
N ASP C 416 -12.87 -81.98 20.08
CA ASP C 416 -13.55 -82.09 21.37
C ASP C 416 -12.61 -81.76 22.52
N GLU C 417 -11.35 -82.21 22.43
CA GLU C 417 -10.37 -81.83 23.43
C GLU C 417 -10.11 -80.33 23.43
N VAL C 418 -10.38 -79.65 22.31
CA VAL C 418 -10.33 -78.19 22.29
C VAL C 418 -11.60 -77.61 22.91
N LEU C 419 -12.76 -78.10 22.50
CA LEU C 419 -14.02 -77.62 23.06
C LEU C 419 -14.17 -78.00 24.53
N GLY C 420 -13.61 -79.14 24.93
CA GLY C 420 -13.73 -79.57 26.31
C GLY C 420 -13.00 -78.66 27.27
N GLU C 421 -11.77 -78.25 26.91
CA GLU C 421 -10.99 -77.40 27.80
C GLU C 421 -11.50 -75.97 27.83
N LEU C 422 -12.25 -75.54 26.83
CA LEU C 422 -12.79 -74.18 26.82
C LEU C 422 -13.82 -74.02 27.93
N PRO C 423 -13.77 -72.92 28.68
CA PRO C 423 -14.71 -72.77 29.82
C PRO C 423 -16.17 -72.80 29.42
N ASP C 424 -16.51 -72.26 28.26
CA ASP C 424 -17.90 -72.18 27.81
C ASP C 424 -18.18 -73.11 26.63
N GLY C 425 -17.37 -74.17 26.48
CA GLY C 425 -17.54 -75.03 25.31
C GLY C 425 -17.26 -74.24 24.05
N SER C 426 -18.16 -74.37 23.07
CA SER C 426 -18.06 -73.59 21.84
C SER C 426 -18.71 -72.23 21.99
N GLU C 427 -18.36 -71.52 23.07
CA GLU C 427 -18.89 -70.18 23.31
C GLU C 427 -17.84 -69.21 23.85
N THR C 428 -16.58 -69.61 23.97
CA THR C 428 -15.55 -68.70 24.45
C THR C 428 -15.34 -67.59 23.43
N PRO C 429 -15.24 -66.33 23.87
CA PRO C 429 -15.02 -65.23 22.94
C PRO C 429 -13.70 -65.38 22.18
N LEU C 430 -13.71 -64.98 20.91
CA LEU C 430 -12.56 -65.08 20.03
C LEU C 430 -12.23 -63.70 19.48
N GLY C 431 -10.94 -63.35 19.54
CA GLY C 431 -10.47 -62.06 19.08
C GLY C 431 -10.16 -62.04 17.60
N ARG C 432 -9.67 -60.88 17.14
CA ARG C 432 -9.33 -60.70 15.74
C ARG C 432 -8.08 -61.50 15.40
N GLY C 433 -8.16 -62.27 14.32
CA GLY C 433 -7.03 -63.06 13.87
C GLY C 433 -6.75 -64.30 14.68
N GLY C 434 -7.60 -64.65 15.63
CA GLY C 434 -7.40 -65.82 16.45
C GLY C 434 -7.03 -65.57 17.90
N VAL C 435 -7.18 -64.33 18.39
CA VAL C 435 -6.84 -64.04 19.78
C VAL C 435 -7.72 -64.87 20.70
N GLY C 436 -7.10 -65.46 21.72
CA GLY C 436 -7.78 -66.41 22.58
C GLY C 436 -7.93 -67.79 21.99
N LEU C 437 -7.15 -68.13 20.97
CA LEU C 437 -7.31 -69.38 20.24
C LEU C 437 -5.95 -69.78 19.69
N SER C 438 -5.54 -71.01 19.99
CA SER C 438 -4.17 -71.45 19.76
C SER C 438 -3.92 -71.75 18.27
N LEU C 439 -2.67 -71.53 17.85
CA LEU C 439 -2.31 -71.62 16.43
C LEU C 439 -2.59 -73.02 15.88
N GLY C 440 -2.07 -74.05 16.53
CA GLY C 440 -2.40 -75.41 16.12
C GLY C 440 -3.87 -75.71 16.31
N GLN C 441 -4.48 -75.13 17.34
CA GLN C 441 -5.91 -75.30 17.53
C GLN C 441 -6.70 -74.44 16.55
N ARG C 442 -6.12 -73.33 16.07
CA ARG C 442 -6.68 -72.65 14.91
C ARG C 442 -6.69 -73.57 13.69
N GLN C 443 -5.58 -74.28 13.47
CA GLN C 443 -5.52 -75.21 12.36
C GLN C 443 -6.58 -76.30 12.53
N ARG C 444 -6.75 -76.78 13.77
CA ARG C 444 -7.78 -77.77 14.05
C ARG C 444 -9.17 -77.25 13.72
N LEU C 445 -9.47 -75.99 14.08
CA LEU C 445 -10.71 -75.37 13.65
C LEU C 445 -10.80 -75.37 12.12
N GLY C 446 -9.68 -75.14 11.44
CA GLY C 446 -9.68 -75.16 9.99
C GLY C 446 -10.08 -76.51 9.43
N LEU C 447 -9.50 -77.58 10.00
CA LEU C 447 -9.86 -78.95 9.55
C LEU C 447 -11.34 -79.18 9.86
N VAL C 448 -11.82 -78.71 11.01
CA VAL C 448 -13.22 -78.91 11.39
C VAL C 448 -14.13 -78.29 10.34
N ARG C 449 -13.83 -77.07 9.93
CA ARG C 449 -14.70 -76.38 8.97
C ARG C 449 -14.51 -76.91 7.55
N ALA C 450 -13.34 -77.46 7.23
CA ALA C 450 -13.07 -77.89 5.87
C ALA C 450 -13.47 -79.35 5.63
N LEU C 451 -12.90 -80.27 6.41
CA LEU C 451 -13.14 -81.70 6.19
C LEU C 451 -14.62 -82.04 6.27
N GLY C 452 -15.36 -81.34 7.12
CA GLY C 452 -16.80 -81.54 7.16
C GLY C 452 -17.52 -80.67 6.16
N ALA C 453 -17.78 -81.22 4.99
CA ALA C 453 -18.47 -80.52 3.90
C ALA C 453 -18.79 -81.50 2.78
N PRO C 454 -19.91 -81.35 2.08
CA PRO C 454 -20.16 -82.19 0.91
C PRO C 454 -19.33 -81.72 -0.27
N ALA C 455 -18.27 -82.46 -0.59
CA ALA C 455 -17.31 -82.02 -1.60
C ALA C 455 -16.55 -83.22 -2.12
N ASP C 456 -16.52 -83.38 -3.43
CA ASP C 456 -15.78 -84.47 -4.06
C ASP C 456 -14.34 -84.13 -4.36
N VAL C 457 -13.92 -82.87 -4.15
CA VAL C 457 -12.55 -82.45 -4.36
C VAL C 457 -12.04 -81.76 -3.10
N LEU C 458 -10.89 -82.20 -2.61
CA LEU C 458 -10.32 -81.69 -1.38
C LEU C 458 -8.92 -81.13 -1.66
N LEU C 459 -8.73 -79.86 -1.34
CA LEU C 459 -7.44 -79.19 -1.46
C LEU C 459 -7.03 -78.68 -0.08
N LEU C 460 -5.80 -78.95 0.30
CA LEU C 460 -5.29 -78.54 1.60
C LEU C 460 -3.85 -78.07 1.47
N ASP C 461 -3.54 -76.94 2.11
CA ASP C 461 -2.19 -76.38 2.11
C ASP C 461 -1.58 -76.64 3.48
N GLU C 462 -0.72 -77.66 3.56
CA GLU C 462 -0.03 -78.04 4.79
C GLU C 462 -1.05 -78.28 5.90
N PRO C 463 -1.81 -79.37 5.83
CA PRO C 463 -2.87 -79.61 6.81
C PRO C 463 -2.37 -79.82 8.23
N THR C 464 -1.09 -80.17 8.42
CA THR C 464 -0.56 -80.54 9.73
C THR C 464 0.29 -79.43 10.34
N ALA C 465 -0.09 -78.17 10.17
CA ALA C 465 0.67 -77.06 10.71
C ALA C 465 0.44 -76.93 12.21
N HIS C 466 1.54 -76.75 12.94
CA HIS C 466 1.52 -76.54 14.40
C HIS C 466 0.80 -77.69 15.12
N LEU C 467 1.04 -78.91 14.66
CA LEU C 467 0.41 -80.09 15.24
C LEU C 467 1.46 -81.09 15.68
N ASP C 468 1.16 -81.79 16.77
CA ASP C 468 2.05 -82.82 17.27
C ASP C 468 1.83 -84.13 16.52
N GLY C 469 2.60 -85.16 16.89
CA GLY C 469 2.54 -86.41 16.16
C GLY C 469 1.19 -87.10 16.23
N ALA C 470 0.58 -87.11 17.42
CA ALA C 470 -0.71 -87.79 17.57
C ALA C 470 -1.80 -87.12 16.75
N LEU C 471 -1.90 -85.79 16.87
CA LEU C 471 -2.91 -85.06 16.10
C LEU C 471 -2.61 -85.13 14.60
N GLU C 472 -1.33 -85.11 14.24
CA GLU C 472 -0.97 -85.27 12.83
C GLU C 472 -1.45 -86.61 12.30
N ASP C 473 -1.22 -87.68 13.05
CA ASP C 473 -1.69 -88.99 12.63
C ASP C 473 -3.21 -89.04 12.55
N ARG C 474 -3.90 -88.43 13.52
CA ARG C 474 -5.36 -88.44 13.52
C ARG C 474 -5.92 -87.71 12.30
N VAL C 475 -5.38 -86.53 12.00
CA VAL C 475 -5.89 -85.77 10.87
C VAL C 475 -5.53 -86.46 9.56
N LEU C 476 -4.35 -87.09 9.49
CA LEU C 476 -3.99 -87.83 8.30
C LEU C 476 -4.93 -89.02 8.09
N ALA C 477 -5.28 -89.72 9.17
CA ALA C 477 -6.22 -90.84 9.06
C ALA C 477 -7.60 -90.35 8.64
N ALA C 478 -8.05 -89.23 9.17
CA ALA C 478 -9.34 -88.68 8.77
C ALA C 478 -9.33 -88.29 7.29
N ILE C 479 -8.25 -87.66 6.84
CA ILE C 479 -8.13 -87.28 5.43
C ILE C 479 -8.09 -88.53 4.54
N VAL C 480 -7.39 -89.58 4.99
CA VAL C 480 -7.33 -90.81 4.23
C VAL C 480 -8.72 -91.45 4.13
N ALA C 481 -9.48 -91.42 5.23
CA ALA C 481 -10.84 -91.94 5.19
C ALA C 481 -11.71 -91.13 4.24
N ARG C 482 -11.56 -89.81 4.25
CA ARG C 482 -12.31 -88.96 3.32
C ARG C 482 -11.94 -89.29 1.88
N ALA C 483 -10.66 -89.51 1.61
CA ALA C 483 -10.24 -89.89 0.26
C ALA C 483 -10.82 -91.25 -0.13
N ARG C 484 -10.82 -92.20 0.80
CA ARG C 484 -11.43 -93.51 0.55
C ARG C 484 -12.94 -93.39 0.35
N ALA C 485 -13.56 -92.32 0.83
CA ALA C 485 -14.97 -92.06 0.55
C ALA C 485 -15.21 -91.63 -0.89
N GLY C 486 -14.18 -91.59 -1.73
CA GLY C 486 -14.34 -91.28 -3.14
C GLY C 486 -14.22 -89.80 -3.47
N ALA C 487 -13.14 -89.17 -3.01
CA ALA C 487 -12.90 -87.76 -3.26
C ALA C 487 -11.44 -87.54 -3.64
N THR C 488 -11.21 -86.54 -4.49
CA THR C 488 -9.86 -86.16 -4.88
C THR C 488 -9.28 -85.28 -3.79
N VAL C 489 -8.29 -85.80 -3.07
CA VAL C 489 -7.66 -85.09 -1.97
C VAL C 489 -6.19 -84.86 -2.34
N VAL C 490 -5.79 -83.59 -2.38
CA VAL C 490 -4.43 -83.20 -2.74
C VAL C 490 -3.92 -82.20 -1.71
N MET C 491 -2.75 -82.47 -1.16
CA MET C 491 -2.08 -81.53 -0.26
C MET C 491 -0.78 -81.06 -0.89
N VAL C 492 -0.04 -80.25 -0.13
CA VAL C 492 1.23 -79.70 -0.57
C VAL C 492 2.28 -79.90 0.51
N GLY C 493 1.98 -80.77 1.48
CA GLY C 493 2.89 -80.98 2.58
C GLY C 493 4.23 -81.51 2.12
N HIS C 494 5.29 -81.05 2.78
CA HIS C 494 6.67 -81.37 2.43
C HIS C 494 7.41 -81.94 3.62
N ARG C 495 6.75 -82.78 4.41
CA ARG C 495 7.35 -83.43 5.54
C ARG C 495 7.22 -84.94 5.40
N ALA C 496 8.05 -85.67 6.14
CA ALA C 496 8.06 -87.13 6.05
C ALA C 496 6.71 -87.75 6.41
N PRO C 497 6.04 -87.39 7.51
CA PRO C 497 4.70 -87.97 7.76
C PRO C 497 3.71 -87.65 6.65
N VAL C 498 3.76 -86.44 6.10
CA VAL C 498 2.86 -86.09 5.01
C VAL C 498 3.26 -86.82 3.73
N LEU C 499 4.57 -86.88 3.44
CA LEU C 499 5.03 -87.52 2.22
C LEU C 499 4.68 -89.00 2.21
N ALA C 500 4.87 -89.69 3.34
CA ALA C 500 4.49 -91.10 3.45
C ALA C 500 3.05 -91.25 3.92
N ALA C 501 2.12 -90.56 3.27
CA ALA C 501 0.70 -90.73 3.53
C ALA C 501 -0.15 -90.58 2.28
N ALA C 502 0.47 -90.37 1.12
CA ALA C 502 -0.25 -90.17 -0.13
C ALA C 502 0.23 -91.21 -1.15
N ASP C 503 -0.71 -91.75 -1.93
CA ASP C 503 -0.38 -92.79 -2.88
C ASP C 503 0.52 -92.29 -4.00
N HIS C 504 0.49 -90.99 -4.29
CA HIS C 504 1.30 -90.41 -5.35
C HIS C 504 1.98 -89.15 -4.84
N VAL C 505 3.18 -88.89 -5.36
CA VAL C 505 3.99 -87.74 -4.98
C VAL C 505 4.33 -86.95 -6.23
N VAL C 506 4.10 -85.64 -6.18
CA VAL C 506 4.40 -84.74 -7.30
C VAL C 506 5.55 -83.84 -6.87
N THR C 507 6.51 -83.64 -7.77
CA THR C 507 7.75 -82.96 -7.43
C THR C 507 7.89 -81.70 -8.30
N MET C 508 6.84 -80.87 -8.29
CA MET C 508 6.86 -79.60 -8.99
C MET C 508 8.13 -78.82 -8.69
N GLU C 509 8.82 -78.39 -9.76
CA GLU C 509 10.13 -77.77 -9.67
C GLU C 509 10.01 -76.31 -10.09
N SER C 510 11.03 -75.53 -9.76
CA SER C 510 11.08 -74.10 -10.05
C SER C 510 11.13 -73.86 -11.57
N SER C 511 11.13 -72.59 -11.94
CA SER C 511 11.20 -72.16 -13.34
C SER C 511 10.08 -72.78 -14.18
N HIS D 6 -0.49 -23.48 33.09
CA HIS D 6 0.58 -23.68 32.12
C HIS D 6 0.37 -24.96 31.32
N ASP D 7 -0.22 -24.83 30.15
CA ASP D 7 -0.45 -25.96 29.26
C ASP D 7 0.85 -26.37 28.57
N PRO D 8 0.94 -27.63 28.12
CA PRO D 8 2.16 -28.07 27.43
C PRO D 8 2.46 -27.30 26.17
N LEU D 9 1.45 -26.73 25.51
CA LEU D 9 1.70 -25.93 24.31
C LEU D 9 2.56 -24.72 24.64
N LEU D 10 2.24 -24.02 25.73
CA LEU D 10 3.04 -22.88 26.14
C LEU D 10 4.45 -23.29 26.54
N ARG D 11 4.57 -24.43 27.22
CA ARG D 11 5.89 -24.92 27.61
C ARG D 11 6.73 -25.22 26.38
N LEU D 12 6.13 -25.84 25.36
CA LEU D 12 6.84 -26.16 24.13
C LEU D 12 7.14 -24.92 23.31
N THR D 13 6.34 -23.86 23.45
CA THR D 13 6.59 -22.64 22.68
C THR D 13 7.93 -22.02 23.05
N LEU D 14 8.19 -21.86 24.35
CA LEU D 14 9.49 -21.35 24.78
C LEU D 14 10.57 -22.42 24.63
N GLU D 15 10.19 -23.69 24.65
CA GLU D 15 11.15 -24.78 24.47
C GLU D 15 11.77 -24.74 23.08
N LEU D 16 11.01 -24.31 22.08
CA LEU D 16 11.44 -24.40 20.69
C LEU D 16 12.38 -23.27 20.29
N LEU D 17 13.07 -22.65 21.25
CA LEU D 17 14.05 -21.61 20.95
C LEU D 17 13.38 -20.45 20.23
N ARG D 18 12.63 -19.64 21.00
CA ARG D 18 11.68 -18.60 20.60
C ARG D 18 12.08 -17.92 19.31
N PRO D 19 11.12 -17.64 18.43
CA PRO D 19 11.42 -17.47 17.00
C PRO D 19 12.17 -16.20 16.63
N ARG D 20 12.90 -15.59 17.56
CA ARG D 20 13.63 -14.34 17.30
C ARG D 20 12.64 -13.22 16.96
N LEU D 21 11.96 -12.79 18.03
CA LEU D 21 10.75 -11.97 18.00
C LEU D 21 10.79 -10.82 17.01
N GLY D 22 11.99 -10.37 16.64
CA GLY D 22 12.09 -9.36 15.59
C GLY D 22 11.35 -9.76 14.33
N ARG D 23 11.59 -10.96 13.83
CA ARG D 23 10.93 -11.42 12.61
C ARG D 23 9.50 -11.89 12.84
N PHE D 24 9.10 -12.06 14.09
CA PHE D 24 7.67 -12.23 14.41
C PHE D 24 6.93 -10.92 14.25
N LEU D 25 7.44 -9.87 14.89
CA LEU D 25 6.82 -8.56 14.80
C LEU D 25 6.90 -7.99 13.39
N LEU D 26 7.94 -8.34 12.63
CA LEU D 26 8.00 -7.91 11.24
C LEU D 26 6.83 -8.45 10.44
N ALA D 27 6.54 -9.75 10.57
CA ALA D 27 5.42 -10.34 9.85
C ALA D 27 4.10 -9.75 10.34
N ALA D 28 3.96 -9.56 11.65
CA ALA D 28 2.73 -8.97 12.17
C ALA D 28 2.52 -7.56 11.60
N ALA D 29 3.58 -6.75 11.57
CA ALA D 29 3.47 -5.39 11.04
C ALA D 29 3.14 -5.41 9.56
N LEU D 30 3.75 -6.31 8.79
CA LEU D 30 3.45 -6.38 7.36
C LEU D 30 2.00 -6.74 7.12
N GLY D 31 1.48 -7.73 7.86
CA GLY D 31 0.08 -8.09 7.70
C GLY D 31 -0.86 -6.97 8.08
N VAL D 32 -0.58 -6.29 9.19
CA VAL D 32 -1.41 -5.17 9.61
C VAL D 32 -1.36 -4.07 8.57
N LEU D 33 -0.17 -3.80 8.01
CA LEU D 33 -0.05 -2.76 7.00
C LEU D 33 -0.87 -3.11 5.76
N SER D 34 -0.81 -4.36 5.30
CA SER D 34 -1.57 -4.74 4.12
C SER D 34 -3.07 -4.61 4.34
N LEU D 35 -3.58 -5.20 5.43
CA LEU D 35 -5.02 -5.16 5.64
C LEU D 35 -5.52 -3.75 5.94
N GLY D 36 -4.75 -2.98 6.71
CA GLY D 36 -5.11 -1.60 6.94
C GLY D 36 -5.06 -0.77 5.67
N SER D 37 -4.15 -1.08 4.77
CA SER D 37 -4.11 -0.39 3.48
C SER D 37 -5.37 -0.68 2.67
N ALA D 38 -5.83 -1.93 2.68
CA ALA D 38 -7.09 -2.25 2.00
C ALA D 38 -8.26 -1.51 2.63
N LEU D 39 -8.32 -1.49 3.97
CA LEU D 39 -9.42 -0.80 4.65
C LEU D 39 -9.39 0.70 4.37
N ALA D 40 -8.20 1.30 4.40
CA ALA D 40 -8.06 2.72 4.10
C ALA D 40 -8.38 3.00 2.64
N LEU D 41 -8.08 2.07 1.73
CA LEU D 41 -8.51 2.25 0.35
C LEU D 41 -10.03 2.32 0.27
N ALA D 42 -10.72 1.42 0.97
CA ALA D 42 -12.18 1.46 0.96
C ALA D 42 -12.70 2.78 1.51
N GLY D 43 -12.14 3.22 2.64
CA GLY D 43 -12.61 4.46 3.25
C GLY D 43 -12.35 5.68 2.38
N ILE D 44 -11.13 5.78 1.85
CA ILE D 44 -10.76 6.90 0.99
C ILE D 44 -11.58 6.87 -0.29
N SER D 45 -11.90 5.68 -0.79
CA SER D 45 -12.76 5.58 -1.97
C SER D 45 -14.13 6.18 -1.69
N ALA D 46 -14.75 5.80 -0.57
CA ALA D 46 -16.05 6.36 -0.23
C ALA D 46 -15.97 7.87 -0.05
N TRP D 47 -14.91 8.34 0.62
CA TRP D 47 -14.76 9.78 0.83
C TRP D 47 -14.58 10.52 -0.49
N LEU D 48 -13.81 9.93 -1.41
CA LEU D 48 -13.58 10.56 -2.70
C LEU D 48 -14.88 10.68 -3.48
N ILE D 49 -15.66 9.61 -3.51
CA ILE D 49 -16.94 9.65 -4.23
C ILE D 49 -17.84 10.74 -3.64
N THR D 50 -17.98 10.73 -2.31
CA THR D 50 -18.90 11.69 -1.69
C THR D 50 -18.41 13.12 -1.84
N ARG D 51 -17.11 13.34 -1.77
CA ARG D 51 -16.57 14.69 -1.96
C ARG D 51 -16.74 15.15 -3.39
N ALA D 52 -16.55 14.26 -4.36
CA ALA D 52 -16.73 14.64 -5.75
C ALA D 52 -18.20 14.90 -6.06
N TRP D 53 -19.12 14.31 -5.30
CA TRP D 53 -20.53 14.60 -5.51
C TRP D 53 -20.81 16.09 -5.37
N GLN D 54 -20.57 16.65 -4.18
CA GLN D 54 -20.77 18.06 -3.97
C GLN D 54 -19.66 18.84 -4.68
N MET D 55 -19.95 19.28 -5.91
CA MET D 55 -18.97 19.69 -6.90
C MET D 55 -17.90 20.63 -6.34
N PRO D 56 -16.68 20.14 -6.14
CA PRO D 56 -15.58 21.01 -5.80
C PRO D 56 -14.74 21.32 -7.02
N PRO D 57 -13.84 22.30 -6.94
CA PRO D 57 -12.77 22.37 -7.93
C PRO D 57 -11.84 21.18 -7.78
N VAL D 58 -11.22 20.77 -8.87
CA VAL D 58 -10.40 19.54 -8.89
C VAL D 58 -9.00 19.96 -8.44
N LEU D 59 -8.85 20.10 -7.13
CA LEU D 59 -7.54 20.29 -6.50
C LEU D 59 -7.24 19.23 -5.46
N ASP D 60 -8.19 18.95 -4.55
CA ASP D 60 -8.00 17.91 -3.54
C ASP D 60 -8.18 16.52 -4.14
N LEU D 61 -9.02 16.41 -5.16
CA LEU D 61 -9.21 15.12 -5.80
C LEU D 61 -7.91 14.58 -6.38
N THR D 62 -6.95 15.44 -6.67
CA THR D 62 -5.64 14.96 -7.13
C THR D 62 -4.96 14.13 -6.05
N VAL D 63 -4.87 14.67 -4.83
CA VAL D 63 -4.22 13.93 -3.75
C VAL D 63 -5.04 12.70 -3.38
N ALA D 64 -6.38 12.82 -3.41
CA ALA D 64 -7.21 11.66 -3.10
C ALA D 64 -7.00 10.55 -4.12
N VAL D 65 -6.92 10.90 -5.40
CA VAL D 65 -6.75 9.91 -6.46
C VAL D 65 -5.38 9.25 -6.37
N VAL D 66 -4.32 10.05 -6.16
CA VAL D 66 -3.00 9.47 -6.07
C VAL D 66 -2.91 8.57 -4.84
N ALA D 67 -3.58 8.95 -3.75
CA ALA D 67 -3.63 8.09 -2.58
C ALA D 67 -4.34 6.78 -2.90
N VAL D 68 -5.43 6.84 -3.66
CA VAL D 68 -6.17 5.62 -4.00
C VAL D 68 -5.28 4.66 -4.78
N ARG D 69 -4.62 5.17 -5.84
CA ARG D 69 -3.81 4.29 -6.67
C ARG D 69 -2.63 3.71 -5.90
N ALA D 70 -1.93 4.57 -5.14
CA ALA D 70 -0.80 4.10 -4.36
C ALA D 70 -1.25 3.06 -3.34
N LEU D 71 -2.41 3.28 -2.71
CA LEU D 71 -2.91 2.32 -1.73
C LEU D 71 -3.22 0.98 -2.36
N GLY D 72 -3.81 0.98 -3.56
CA GLY D 72 -4.07 -0.30 -4.21
C GLY D 72 -2.81 -1.08 -4.51
N ILE D 73 -1.82 -0.41 -5.12
CA ILE D 73 -0.59 -1.11 -5.47
C ILE D 73 0.14 -1.58 -4.22
N SER D 74 0.18 -0.71 -3.19
CA SER D 74 0.81 -1.08 -1.93
C SER D 74 0.11 -2.26 -1.28
N ARG D 75 -1.21 -2.30 -1.34
CA ARG D 75 -1.94 -3.44 -0.78
C ARG D 75 -1.50 -4.73 -1.42
N GLY D 76 -1.44 -4.75 -2.75
CA GLY D 76 -1.01 -5.97 -3.42
C GLY D 76 0.39 -6.40 -3.02
N VAL D 77 1.35 -5.48 -3.14
CA VAL D 77 2.74 -5.86 -2.92
C VAL D 77 2.99 -6.20 -1.45
N LEU D 78 2.33 -5.50 -0.52
CA LEU D 78 2.52 -5.77 0.89
C LEU D 78 1.89 -7.08 1.30
N GLY D 79 0.75 -7.43 0.71
CA GLY D 79 0.19 -8.75 0.96
C GLY D 79 1.15 -9.85 0.55
N TYR D 80 1.73 -9.73 -0.64
CA TYR D 80 2.67 -10.76 -1.10
C TYR D 80 3.89 -10.84 -0.17
N CYS D 81 4.48 -9.69 0.15
CA CYS D 81 5.67 -9.69 0.99
C CYS D 81 5.38 -10.22 2.39
N GLN D 82 4.20 -9.88 2.93
CA GLN D 82 3.82 -10.39 4.25
C GLN D 82 3.68 -11.89 4.24
N ARG D 83 3.04 -12.45 3.21
CA ARG D 83 2.93 -13.90 3.13
C ARG D 83 4.30 -14.54 3.14
N LEU D 84 5.21 -14.00 2.32
CA LEU D 84 6.56 -14.57 2.25
C LEU D 84 7.27 -14.50 3.59
N ALA D 85 7.18 -13.34 4.26
CA ALA D 85 7.90 -13.17 5.52
C ALA D 85 7.35 -14.05 6.63
N SER D 86 6.02 -14.17 6.72
CA SER D 86 5.43 -15.01 7.76
C SER D 86 5.80 -16.48 7.54
N HIS D 87 5.75 -16.94 6.29
CA HIS D 87 6.17 -18.31 6.02
C HIS D 87 7.64 -18.51 6.38
N ASP D 88 8.48 -17.52 6.06
CA ASP D 88 9.89 -17.61 6.42
C ASP D 88 10.08 -17.77 7.91
N SER D 89 9.41 -16.94 8.70
CA SER D 89 9.57 -17.01 10.16
C SER D 89 9.11 -18.35 10.69
N ALA D 90 7.94 -18.81 10.24
CA ALA D 90 7.40 -20.06 10.76
C ALA D 90 8.32 -21.23 10.45
N LEU D 91 8.81 -21.29 9.21
CA LEU D 91 9.60 -22.45 8.82
C LEU D 91 11.01 -22.40 9.41
N ARG D 92 11.59 -21.21 9.58
CA ARG D 92 12.86 -21.12 10.31
C ARG D 92 12.68 -21.61 11.74
N ALA D 93 11.59 -21.20 12.39
CA ALA D 93 11.33 -21.66 13.74
C ALA D 93 11.18 -23.17 13.80
N ALA D 94 10.46 -23.75 12.84
CA ALA D 94 10.30 -25.20 12.81
C ALA D 94 11.63 -25.90 12.62
N ALA D 95 12.47 -25.39 11.72
CA ALA D 95 13.77 -26.02 11.49
C ALA D 95 14.64 -26.00 12.74
N ASN D 96 14.69 -24.86 13.43
CA ASN D 96 15.52 -24.80 14.63
C ASN D 96 14.95 -25.71 15.72
N ALA D 97 13.62 -25.78 15.82
CA ALA D 97 13.02 -26.67 16.80
C ALA D 97 13.34 -28.13 16.51
N ARG D 98 13.31 -28.51 15.24
CA ARG D 98 13.68 -29.87 14.85
C ARG D 98 15.13 -30.16 15.22
N THR D 99 16.04 -29.23 14.92
CA THR D 99 17.44 -29.45 15.26
C THR D 99 17.62 -29.61 16.77
N GLY D 100 16.97 -28.75 17.56
CA GLY D 100 17.10 -28.86 19.01
C GLY D 100 16.54 -30.16 19.55
N LEU D 101 15.36 -30.56 19.06
CA LEU D 101 14.76 -31.81 19.53
C LEU D 101 15.63 -33.00 19.16
N TYR D 102 16.20 -33.01 17.96
CA TYR D 102 17.11 -34.07 17.59
C TYR D 102 18.35 -34.07 18.48
N ARG D 103 18.84 -32.89 18.83
CA ARG D 103 19.97 -32.81 19.75
C ARG D 103 19.63 -33.45 21.09
N LYS D 104 18.42 -33.17 21.61
CA LYS D 104 18.00 -33.78 22.87
C LYS D 104 17.88 -35.30 22.76
N LEU D 105 17.76 -35.85 21.56
CA LEU D 105 17.68 -37.28 21.36
C LEU D 105 19.03 -37.96 21.24
N ALA D 106 20.09 -37.31 21.72
CA ALA D 106 21.46 -37.83 21.63
C ALA D 106 22.13 -37.78 22.99
N ASP D 107 21.42 -38.28 24.01
CA ASP D 107 21.91 -38.25 25.38
C ASP D 107 22.37 -39.64 25.81
N ALA D 108 23.43 -39.66 26.62
CA ALA D 108 23.98 -40.92 27.12
C ALA D 108 23.00 -41.73 27.95
N PRO D 109 22.25 -41.17 28.89
CA PRO D 109 21.38 -42.00 29.72
C PRO D 109 20.35 -42.72 28.87
N PRO D 110 19.95 -43.92 29.28
CA PRO D 110 18.95 -44.68 28.50
C PRO D 110 17.58 -44.05 28.57
N ASP D 111 17.38 -42.97 27.83
CA ASP D 111 16.12 -42.23 27.83
C ASP D 111 15.10 -42.98 26.97
N GLU D 112 14.01 -42.30 26.63
CA GLU D 112 12.99 -42.87 25.75
C GLU D 112 13.48 -43.10 24.33
N ALA D 113 14.76 -42.84 24.06
CA ALA D 113 15.30 -42.98 22.70
C ALA D 113 15.18 -44.40 22.17
N MET D 114 15.04 -45.40 23.04
CA MET D 114 14.78 -46.76 22.59
C MET D 114 13.34 -47.21 22.83
N ARG D 115 12.70 -46.64 23.85
CA ARG D 115 11.30 -47.02 24.18
C ARG D 115 10.40 -46.51 23.05
N LEU D 116 10.64 -45.29 22.60
CA LEU D 116 9.85 -44.75 21.46
C LEU D 116 10.32 -45.46 20.18
N PRO D 117 9.43 -46.07 19.36
CA PRO D 117 9.86 -46.81 18.18
C PRO D 117 10.42 -45.83 17.14
N SER D 118 11.60 -46.11 16.59
CA SER D 118 12.25 -45.19 15.61
C SER D 118 11.32 -44.96 14.42
N GLY D 119 10.57 -45.99 14.01
CA GLY D 119 9.64 -45.84 12.88
C GLY D 119 8.67 -44.69 13.10
N GLU D 120 7.99 -44.70 14.25
CA GLU D 120 6.98 -43.64 14.55
C GLU D 120 7.73 -42.34 14.94
N LEU D 121 8.96 -42.45 15.43
CA LEU D 121 9.77 -41.25 15.76
C LEU D 121 9.87 -40.39 14.49
N VAL D 122 10.04 -41.03 13.32
CA VAL D 122 10.03 -40.26 12.06
C VAL D 122 8.61 -39.73 11.85
N ALA D 123 7.60 -40.61 11.93
CA ALA D 123 6.22 -40.14 11.85
C ALA D 123 5.92 -39.05 12.87
N ARG D 124 6.76 -38.90 13.89
CA ARG D 124 6.69 -37.77 14.80
C ARG D 124 7.54 -36.60 14.29
N LEU D 125 8.84 -36.83 14.13
CA LEU D 125 9.78 -35.75 13.81
C LEU D 125 9.47 -35.08 12.47
N GLY D 126 8.77 -35.75 11.57
CA GLY D 126 8.38 -35.16 10.32
C GLY D 126 7.16 -34.27 10.44
N PRO D 127 6.02 -34.86 10.78
CA PRO D 127 4.78 -34.05 10.88
C PRO D 127 4.77 -33.07 12.05
N ALA D 128 5.39 -33.41 13.18
CA ALA D 128 5.27 -32.54 14.36
C ALA D 128 5.91 -31.17 14.11
N VAL D 129 7.07 -31.15 13.45
CA VAL D 129 7.70 -29.86 13.16
C VAL D 129 6.86 -29.08 12.15
N ASP D 130 6.20 -29.77 11.23
CA ASP D 130 5.30 -29.09 10.31
C ASP D 130 4.13 -28.47 11.06
N GLU D 131 3.58 -29.19 12.04
CA GLU D 131 2.49 -28.64 12.84
C GLU D 131 2.95 -27.43 13.66
N LEU D 132 4.15 -27.53 14.24
CA LEU D 132 4.67 -26.42 15.03
C LEU D 132 4.95 -25.20 14.14
N ALA D 133 5.36 -25.42 12.90
CA ALA D 133 5.44 -24.32 11.96
C ALA D 133 4.06 -23.74 11.67
N ASP D 134 3.06 -24.62 11.49
CA ASP D 134 1.71 -24.18 11.20
C ASP D 134 1.07 -23.44 12.36
N VAL D 135 1.58 -23.58 13.59
CA VAL D 135 1.07 -22.77 14.69
C VAL D 135 1.65 -21.37 14.68
N LEU D 136 2.62 -21.09 13.80
CA LEU D 136 3.15 -19.74 13.66
C LEU D 136 2.60 -19.02 12.44
N VAL D 137 1.85 -19.70 11.57
CA VAL D 137 1.25 -19.07 10.41
C VAL D 137 -0.22 -18.79 10.70
N ARG D 138 -0.84 -19.68 11.48
CA ARG D 138 -2.26 -19.57 11.79
C ARG D 138 -2.52 -19.13 13.22
N ALA D 139 -1.52 -18.62 13.91
CA ALA D 139 -1.72 -17.97 15.20
C ALA D 139 -1.10 -16.58 15.27
N LEU D 140 0.06 -16.38 14.65
CA LEU D 140 0.62 -15.03 14.50
C LEU D 140 -0.32 -14.20 13.65
N LEU D 141 -0.44 -14.58 12.39
CA LEU D 141 -1.11 -13.79 11.36
C LEU D 141 -2.57 -13.56 11.74
N PRO D 142 -3.40 -14.61 11.79
CA PRO D 142 -4.84 -14.35 11.94
C PRO D 142 -5.18 -13.61 13.21
N ILE D 143 -4.75 -14.12 14.36
CA ILE D 143 -5.16 -13.53 15.63
C ILE D 143 -4.57 -12.13 15.79
N VAL D 144 -3.27 -11.97 15.55
CA VAL D 144 -2.65 -10.66 15.79
C VAL D 144 -3.21 -9.62 14.83
N VAL D 145 -3.23 -9.94 13.53
CA VAL D 145 -3.73 -8.97 12.56
C VAL D 145 -5.20 -8.69 12.79
N ALA D 146 -5.97 -9.72 13.17
CA ALA D 146 -7.39 -9.52 13.41
C ALA D 146 -7.65 -8.59 14.58
N VAL D 147 -6.92 -8.76 15.69
CA VAL D 147 -7.18 -7.88 16.82
C VAL D 147 -6.74 -6.46 16.50
N VAL D 148 -5.60 -6.29 15.80
CA VAL D 148 -5.14 -4.95 15.47
C VAL D 148 -6.14 -4.26 14.53
N LEU D 149 -6.59 -4.97 13.50
CA LEU D 149 -7.52 -4.38 12.54
C LEU D 149 -8.88 -4.14 13.16
N GLY D 150 -9.34 -5.02 14.05
CA GLY D 150 -10.58 -4.77 14.75
C GLY D 150 -10.52 -3.50 15.58
N CYS D 151 -9.41 -3.31 16.30
CA CYS D 151 -9.26 -2.07 17.06
C CYS D 151 -9.24 -0.85 16.13
N ALA D 152 -8.47 -0.93 15.05
CA ALA D 152 -8.30 0.21 14.15
C ALA D 152 -9.57 0.52 13.37
N ALA D 153 -10.46 -0.45 13.16
CA ALA D 153 -11.73 -0.20 12.49
C ALA D 153 -12.84 0.18 13.45
N VAL D 154 -12.76 -0.25 14.71
CA VAL D 154 -13.73 0.22 15.70
C VAL D 154 -13.46 1.68 16.04
N GLY D 155 -12.18 2.06 16.11
CA GLY D 155 -11.85 3.44 16.47
C GLY D 155 -12.35 4.45 15.45
N VAL D 156 -12.28 4.10 14.17
CA VAL D 156 -12.70 5.02 13.11
C VAL D 156 -14.18 5.35 13.23
N ILE D 157 -15.01 4.34 13.49
CA ILE D 157 -16.42 4.61 13.71
C ILE D 157 -16.64 5.28 15.05
N ALA D 158 -15.84 4.94 16.06
CA ALA D 158 -16.03 5.51 17.39
C ALA D 158 -15.83 7.01 17.38
N VAL D 159 -14.79 7.50 16.70
CA VAL D 159 -14.54 8.94 16.68
C VAL D 159 -15.68 9.67 15.98
N ILE D 160 -16.24 9.08 14.92
CA ILE D 160 -17.41 9.66 14.27
C ILE D 160 -18.61 9.63 15.21
N SER D 161 -18.90 8.46 15.78
CA SER D 161 -20.04 8.31 16.68
C SER D 161 -19.81 7.15 17.63
N PRO D 162 -19.61 7.39 18.92
CA PRO D 162 -19.44 6.27 19.85
C PRO D 162 -20.76 5.66 20.28
N ALA D 163 -21.64 5.44 19.32
CA ALA D 163 -22.94 4.82 19.57
C ALA D 163 -23.16 3.56 18.75
N SER D 164 -22.78 3.58 17.47
CA SER D 164 -22.81 2.38 16.64
C SER D 164 -21.48 1.65 16.61
N ALA D 165 -20.40 2.29 17.05
CA ALA D 165 -19.13 1.61 17.18
C ALA D 165 -19.21 0.49 18.20
N ALA D 166 -20.01 0.66 19.24
CA ALA D 166 -20.23 -0.43 20.19
C ALA D 166 -20.88 -1.63 19.52
N VAL D 167 -21.86 -1.38 18.65
CA VAL D 167 -22.49 -2.47 17.92
C VAL D 167 -21.49 -3.14 16.98
N LEU D 168 -20.69 -2.33 16.28
CA LEU D 168 -19.69 -2.91 15.39
C LEU D 168 -18.69 -3.75 16.14
N ALA D 169 -18.23 -3.28 17.31
CA ALA D 169 -17.26 -4.04 18.09
C ALA D 169 -17.88 -5.33 18.63
N VAL D 170 -19.10 -5.27 19.14
CA VAL D 170 -19.78 -6.47 19.61
C VAL D 170 -19.91 -7.47 18.47
N CYS D 171 -20.26 -6.98 17.28
CA CYS D 171 -20.45 -7.87 16.15
C CYS D 171 -19.14 -8.48 15.67
N LEU D 172 -18.07 -7.68 15.63
CA LEU D 172 -16.77 -8.21 15.24
C LEU D 172 -16.28 -9.25 16.23
N VAL D 173 -16.46 -9.00 17.52
CA VAL D 173 -16.08 -9.99 18.53
C VAL D 173 -16.90 -11.25 18.36
N VAL D 174 -18.21 -11.11 18.16
CA VAL D 174 -19.08 -12.28 18.01
C VAL D 174 -18.62 -13.12 16.84
N ALA D 175 -18.43 -12.50 15.67
CA ALA D 175 -17.97 -13.25 14.52
C ALA D 175 -16.63 -13.90 14.82
N GLY D 176 -15.59 -13.08 14.99
CA GLY D 176 -14.23 -13.56 15.07
C GLY D 176 -13.89 -14.39 16.29
N VAL D 177 -14.80 -14.55 17.25
CA VAL D 177 -14.54 -15.43 18.37
C VAL D 177 -15.51 -16.61 18.34
N VAL D 178 -16.82 -16.33 18.35
CA VAL D 178 -17.80 -17.39 18.42
C VAL D 178 -17.72 -18.30 17.20
N ALA D 179 -17.64 -17.72 16.00
CA ALA D 179 -17.65 -18.56 14.80
C ALA D 179 -16.48 -19.54 14.77
N PRO D 180 -15.22 -19.14 14.95
CA PRO D 180 -14.14 -20.14 14.95
C PRO D 180 -14.21 -21.08 16.14
N ALA D 181 -14.66 -20.60 17.31
CA ALA D 181 -14.77 -21.49 18.47
C ALA D 181 -15.81 -22.57 18.20
N LEU D 182 -16.97 -22.19 17.67
CA LEU D 182 -18.00 -23.17 17.35
C LEU D 182 -17.52 -24.13 16.27
N ALA D 183 -16.83 -23.61 15.25
CA ALA D 183 -16.31 -24.50 14.20
C ALA D 183 -15.32 -25.50 14.76
N ALA D 184 -14.41 -25.06 15.62
CA ALA D 184 -13.43 -25.96 16.21
C ALA D 184 -14.11 -27.00 17.10
N ARG D 185 -15.08 -26.57 17.92
CA ARG D 185 -15.76 -27.52 18.80
C ARG D 185 -16.53 -28.56 17.99
N ALA D 186 -17.22 -28.14 16.92
CA ALA D 186 -17.93 -29.09 16.08
C ALA D 186 -16.97 -30.04 15.40
N ALA D 187 -15.85 -29.54 14.87
CA ALA D 187 -14.89 -30.41 14.22
C ALA D 187 -14.30 -31.42 15.19
N HIS D 188 -13.99 -30.98 16.40
CA HIS D 188 -13.44 -31.90 17.40
C HIS D 188 -14.46 -32.96 17.79
N ALA D 189 -15.70 -32.55 18.07
CA ALA D 189 -16.72 -33.50 18.49
C ALA D 189 -17.13 -34.44 17.37
N SER D 190 -16.90 -34.05 16.11
CA SER D 190 -17.28 -34.92 15.00
C SER D 190 -16.38 -36.14 14.92
N GLU D 191 -15.06 -35.95 15.02
CA GLU D 191 -14.12 -37.03 14.79
C GLU D 191 -13.95 -37.96 15.98
N THR D 192 -14.49 -37.61 17.15
CA THR D 192 -14.51 -38.52 18.29
C THR D 192 -15.85 -39.20 18.51
N VAL D 193 -16.93 -38.67 17.95
CA VAL D 193 -18.24 -39.27 18.16
C VAL D 193 -18.30 -40.61 17.45
N ALA D 194 -19.08 -41.52 18.01
CA ALA D 194 -19.27 -42.87 17.46
C ALA D 194 -17.93 -43.55 17.23
N ALA D 195 -17.03 -43.43 18.20
CA ALA D 195 -15.74 -44.09 18.08
C ALA D 195 -15.86 -45.55 18.48
N GLU D 196 -16.89 -46.22 17.97
CA GLU D 196 -17.02 -47.67 18.02
C GLU D 196 -17.47 -48.28 16.70
N HIS D 197 -18.14 -47.52 15.84
CA HIS D 197 -18.39 -47.96 14.48
C HIS D 197 -17.18 -47.73 13.58
N ARG D 198 -16.26 -46.85 13.98
CA ARG D 198 -14.98 -46.76 13.31
C ARG D 198 -14.14 -48.01 13.52
N SER D 199 -14.47 -48.82 14.53
CA SER D 199 -13.84 -50.13 14.66
C SER D 199 -14.22 -51.05 13.51
N GLN D 200 -15.39 -50.83 12.92
CA GLN D 200 -15.79 -51.67 11.79
C GLN D 200 -14.93 -51.42 10.56
N ARG D 201 -14.35 -50.23 10.43
CA ARG D 201 -13.41 -50.01 9.34
C ARG D 201 -12.22 -50.95 9.44
N ASP D 202 -11.55 -50.96 10.59
CA ASP D 202 -10.43 -51.86 10.80
C ASP D 202 -10.85 -53.31 11.00
N THR D 203 -12.14 -53.57 11.15
CA THR D 203 -12.62 -54.95 11.17
C THR D 203 -12.78 -55.48 9.75
N ALA D 204 -13.56 -54.78 8.92
CA ALA D 204 -13.85 -55.25 7.58
C ALA D 204 -12.67 -55.02 6.63
N GLY D 205 -12.23 -53.77 6.49
CA GLY D 205 -11.18 -53.48 5.52
C GLY D 205 -9.90 -54.23 5.82
N MET D 206 -9.67 -54.57 7.08
CA MET D 206 -8.57 -55.46 7.44
C MET D 206 -9.01 -56.91 7.53
N LEU D 207 -10.29 -57.20 7.32
CA LEU D 207 -10.75 -58.58 7.19
C LEU D 207 -10.84 -58.98 5.72
N ALA D 208 -11.68 -58.31 4.95
CA ALA D 208 -11.86 -58.67 3.54
C ALA D 208 -10.94 -57.88 2.63
N LEU D 209 -9.63 -57.89 2.94
CA LEU D 209 -8.63 -57.39 2.01
C LEU D 209 -7.37 -58.24 1.96
N GLU D 210 -7.04 -58.97 3.02
CA GLU D 210 -6.01 -60.00 2.99
C GLU D 210 -6.60 -61.40 3.03
N HIS D 211 -7.92 -61.51 3.18
CA HIS D 211 -8.61 -62.78 3.37
C HIS D 211 -9.56 -63.06 2.22
N ALA D 212 -9.33 -62.42 1.08
CA ALA D 212 -10.33 -62.42 0.00
C ALA D 212 -10.61 -63.79 -0.59
N PRO D 213 -9.62 -64.61 -1.00
CA PRO D 213 -9.95 -65.83 -1.76
C PRO D 213 -10.80 -66.84 -1.01
N GLU D 214 -10.38 -67.25 0.19
CA GLU D 214 -11.17 -68.24 0.93
C GLU D 214 -12.50 -67.68 1.39
N LEU D 215 -12.67 -66.36 1.40
CA LEU D 215 -13.99 -65.80 1.57
C LEU D 215 -14.80 -65.87 0.28
N ARG D 216 -14.13 -65.78 -0.87
CA ARG D 216 -14.82 -65.79 -2.16
C ARG D 216 -15.31 -67.17 -2.54
N VAL D 217 -14.56 -68.22 -2.17
CA VAL D 217 -14.97 -69.57 -2.54
C VAL D 217 -16.33 -69.88 -1.91
N SER D 218 -16.55 -69.44 -0.69
CA SER D 218 -17.86 -69.51 -0.06
C SER D 218 -18.65 -68.25 -0.38
N GLY D 219 -19.92 -68.26 0.02
CA GLY D 219 -20.78 -67.12 -0.25
C GLY D 219 -20.89 -66.18 0.94
N ARG D 220 -19.78 -65.97 1.64
CA ARG D 220 -19.76 -65.12 2.83
C ARG D 220 -19.25 -63.72 2.57
N LEU D 221 -18.90 -63.39 1.32
CA LEU D 221 -18.41 -62.05 1.03
C LEU D 221 -19.50 -61.01 1.23
N ASP D 222 -20.68 -61.24 0.63
CA ASP D 222 -21.75 -60.25 0.69
C ASP D 222 -22.29 -60.09 2.10
N SER D 223 -22.24 -61.15 2.92
CA SER D 223 -22.62 -61.00 4.31
C SER D 223 -21.71 -60.02 5.03
N VAL D 224 -20.40 -60.11 4.78
CA VAL D 224 -19.45 -59.15 5.34
C VAL D 224 -19.73 -57.76 4.80
N ILE D 225 -20.05 -57.65 3.51
CA ILE D 225 -20.34 -56.36 2.91
C ILE D 225 -21.52 -55.69 3.63
N ALA D 226 -22.61 -56.44 3.82
CA ALA D 226 -23.76 -55.88 4.51
C ALA D 226 -23.42 -55.55 5.96
N THR D 227 -22.68 -56.43 6.63
CA THR D 227 -22.43 -56.25 8.06
C THR D 227 -21.47 -55.10 8.34
N PHE D 228 -20.64 -54.69 7.38
CA PHE D 228 -19.87 -53.48 7.68
C PHE D 228 -20.51 -52.24 7.07
N GLU D 229 -21.28 -52.40 5.99
CA GLU D 229 -21.97 -51.24 5.43
C GLU D 229 -22.99 -50.70 6.41
N ARG D 230 -23.70 -51.58 7.13
CA ARG D 230 -24.66 -51.10 8.13
C ARG D 230 -23.96 -50.24 9.18
N HIS D 231 -22.81 -50.68 9.68
CA HIS D 231 -22.13 -49.94 10.72
C HIS D 231 -21.44 -48.69 10.20
N HIS D 232 -20.94 -48.73 8.97
CA HIS D 232 -20.42 -47.51 8.36
C HIS D 232 -21.52 -46.47 8.18
N ARG D 233 -22.71 -46.91 7.77
CA ARG D 233 -23.83 -45.98 7.64
C ARG D 233 -24.23 -45.41 9.00
N ALA D 234 -24.21 -46.26 10.03
CA ALA D 234 -24.48 -45.75 11.37
C ALA D 234 -23.46 -44.71 11.79
N TRP D 235 -22.18 -44.96 11.50
CA TRP D 235 -21.15 -43.98 11.81
C TRP D 235 -21.35 -42.69 11.05
N GLY D 236 -21.74 -42.78 9.78
CA GLY D 236 -21.99 -41.58 9.00
C GLY D 236 -23.13 -40.76 9.56
N GLU D 237 -24.22 -41.43 9.94
CA GLU D 237 -25.35 -40.72 10.53
C GLU D 237 -24.95 -40.05 11.85
N ALA D 238 -24.19 -40.76 12.69
CA ALA D 238 -23.76 -40.17 13.94
C ALA D 238 -22.85 -38.97 13.71
N ALA D 239 -21.94 -39.07 12.74
CA ALA D 239 -21.05 -37.96 12.45
C ALA D 239 -21.81 -36.76 11.91
N ASP D 240 -22.81 -37.00 11.06
CA ASP D 240 -23.66 -35.91 10.59
C ASP D 240 -24.38 -35.24 11.75
N ARG D 241 -24.95 -36.05 12.66
CA ARG D 241 -25.68 -35.49 13.78
C ARG D 241 -24.77 -34.68 14.69
N ALA D 242 -23.52 -35.13 14.87
CA ALA D 242 -22.60 -34.40 15.74
C ALA D 242 -22.03 -33.16 15.06
N ALA D 243 -21.88 -33.17 13.74
CA ALA D 243 -21.30 -32.05 13.02
C ALA D 243 -22.36 -31.10 12.45
N ALA D 244 -23.64 -31.34 12.73
CA ALA D 244 -24.65 -30.35 12.37
C ALA D 244 -24.38 -28.94 12.89
N PRO D 245 -23.89 -28.72 14.12
CA PRO D 245 -23.63 -27.34 14.56
C PRO D 245 -22.42 -26.69 13.91
N ALA D 246 -21.81 -27.34 12.91
CA ALA D 246 -20.78 -26.69 12.13
C ALA D 246 -21.34 -25.72 11.09
N ALA D 247 -22.52 -26.01 10.55
CA ALA D 247 -23.12 -25.11 9.57
C ALA D 247 -23.48 -23.76 10.18
N VAL D 248 -23.91 -23.77 11.45
CA VAL D 248 -24.21 -22.51 12.13
C VAL D 248 -22.97 -21.64 12.22
N ALA D 249 -21.83 -22.24 12.60
CA ALA D 249 -20.59 -21.50 12.64
C ALA D 249 -20.15 -21.07 11.24
N ALA D 250 -20.48 -21.86 10.23
CA ALA D 250 -20.15 -21.48 8.86
C ALA D 250 -20.93 -20.23 8.44
N ALA D 251 -22.20 -20.15 8.85
CA ALA D 251 -23.07 -19.05 8.42
C ALA D 251 -23.01 -17.84 9.34
N MET D 252 -22.39 -17.96 10.52
CA MET D 252 -22.38 -16.83 11.44
C MET D 252 -21.77 -15.55 10.90
N PRO D 253 -20.61 -15.56 10.24
CA PRO D 253 -20.04 -14.28 9.78
C PRO D 253 -20.94 -13.47 8.85
N THR D 254 -21.72 -14.13 8.00
CA THR D 254 -22.61 -13.38 7.12
C THR D 254 -23.71 -12.69 7.91
N ALA D 255 -24.29 -13.37 8.90
CA ALA D 255 -25.27 -12.72 9.77
C ALA D 255 -24.63 -11.58 10.52
N ALA D 256 -23.38 -11.75 10.95
CA ALA D 256 -22.67 -10.67 11.61
C ALA D 256 -22.58 -9.45 10.70
N MET D 257 -22.11 -9.64 9.47
CA MET D 257 -21.97 -8.51 8.55
C MET D 257 -23.31 -7.86 8.27
N GLY D 258 -24.36 -8.67 8.13
CA GLY D 258 -25.68 -8.11 7.87
C GLY D 258 -26.18 -7.24 9.02
N VAL D 259 -26.06 -7.75 10.25
CA VAL D 259 -26.47 -6.97 11.41
C VAL D 259 -25.63 -5.70 11.49
N SER D 260 -24.34 -5.80 11.18
CA SER D 260 -23.47 -4.64 11.28
C SER D 260 -23.87 -3.56 10.28
N VAL D 261 -24.12 -3.93 9.03
CA VAL D 261 -24.48 -2.92 8.03
C VAL D 261 -25.85 -2.33 8.32
N VAL D 262 -26.80 -3.15 8.79
CA VAL D 262 -28.11 -2.63 9.13
C VAL D 262 -28.01 -1.63 10.28
N GLY D 263 -27.23 -1.98 11.31
CA GLY D 263 -27.03 -1.05 12.41
C GLY D 263 -26.34 0.22 11.97
N ALA D 264 -25.36 0.11 11.07
CA ALA D 264 -24.67 1.29 10.57
C ALA D 264 -25.62 2.21 9.83
N VAL D 265 -26.49 1.65 8.97
CA VAL D 265 -27.44 2.48 8.25
C VAL D 265 -28.42 3.14 9.22
N ILE D 266 -28.91 2.37 10.21
CA ILE D 266 -29.85 2.95 11.17
C ILE D 266 -29.21 4.10 11.92
N ALA D 267 -27.95 3.94 12.34
CA ALA D 267 -27.26 5.02 13.04
C ALA D 267 -27.04 6.21 12.13
N GLY D 268 -26.69 5.97 10.86
CA GLY D 268 -26.45 7.07 9.95
C GLY D 268 -27.70 7.84 9.60
N ILE D 269 -28.86 7.19 9.67
CA ILE D 269 -30.12 7.89 9.40
C ILE D 269 -30.32 9.03 10.39
N ALA D 270 -30.06 8.77 11.68
CA ALA D 270 -30.29 9.75 12.73
C ALA D 270 -29.11 10.69 12.93
N LEU D 271 -28.02 10.53 12.17
CA LEU D 271 -26.85 11.39 12.30
C LEU D 271 -26.45 12.07 11.00
N ALA D 272 -27.21 11.87 9.92
CA ALA D 272 -26.87 12.54 8.66
C ALA D 272 -26.94 14.06 8.75
N PRO D 273 -28.01 14.67 9.28
CA PRO D 273 -28.04 16.14 9.30
C PRO D 273 -26.98 16.76 10.19
N THR D 274 -26.45 16.03 11.17
CA THR D 274 -25.50 16.61 12.11
C THR D 274 -24.14 16.86 11.46
N VAL D 275 -23.64 15.89 10.70
CA VAL D 275 -22.29 15.93 10.18
C VAL D 275 -22.30 16.06 8.67
N ALA D 276 -21.11 16.18 8.09
CA ALA D 276 -20.96 16.36 6.66
C ALA D 276 -21.36 15.08 5.92
N PRO D 277 -21.71 15.20 4.64
CA PRO D 277 -22.06 13.99 3.87
C PRO D 277 -20.95 12.96 3.80
N THR D 278 -19.69 13.40 3.72
CA THR D 278 -18.59 12.46 3.60
C THR D 278 -18.49 11.56 4.82
N THR D 279 -18.61 12.13 6.02
CA THR D 279 -18.54 11.32 7.23
C THR D 279 -19.71 10.34 7.31
N ALA D 280 -20.90 10.78 6.89
CA ALA D 280 -22.04 9.86 6.88
C ALA D 280 -21.80 8.69 5.93
N ALA D 281 -21.28 8.97 4.74
CA ALA D 281 -20.98 7.88 3.81
C ALA D 281 -19.92 6.95 4.37
N ILE D 282 -18.89 7.49 5.01
CA ILE D 282 -17.85 6.65 5.58
C ILE D 282 -18.42 5.75 6.66
N LEU D 283 -19.22 6.32 7.57
CA LEU D 283 -19.83 5.54 8.63
C LEU D 283 -20.75 4.47 8.07
N MET D 284 -21.41 4.74 6.95
CA MET D 284 -22.33 3.77 6.38
C MET D 284 -21.61 2.64 5.66
N LEU D 285 -20.50 2.96 4.98
CA LEU D 285 -19.87 2.02 4.07
C LEU D 285 -18.67 1.29 4.66
N LEU D 286 -18.10 1.77 5.77
CA LEU D 286 -16.97 1.05 6.37
C LEU D 286 -17.35 -0.33 6.90
N PRO D 287 -18.46 -0.51 7.63
CA PRO D 287 -18.69 -1.82 8.27
C PRO D 287 -18.67 -3.01 7.32
N LEU D 288 -19.18 -2.85 6.10
CA LEU D 288 -19.20 -3.97 5.18
C LEU D 288 -17.81 -4.34 4.67
N SER D 289 -16.79 -3.51 4.93
CA SER D 289 -15.44 -3.77 4.45
C SER D 289 -14.44 -3.98 5.57
N ALA D 290 -14.89 -4.01 6.83
CA ALA D 290 -13.99 -4.21 7.95
C ALA D 290 -13.91 -5.66 8.41
N PHE D 291 -14.65 -6.58 7.78
CA PHE D 291 -14.70 -7.97 8.19
C PHE D 291 -13.78 -8.86 7.36
N GLU D 292 -12.87 -8.29 6.58
CA GLU D 292 -12.00 -9.11 5.75
C GLU D 292 -10.93 -9.79 6.58
N ALA D 293 -10.52 -9.19 7.71
CA ALA D 293 -9.54 -9.81 8.58
C ALA D 293 -10.13 -11.02 9.30
N THR D 294 -11.39 -10.93 9.72
CA THR D 294 -11.99 -12.00 10.51
C THR D 294 -12.12 -13.29 9.72
N THR D 295 -12.46 -13.20 8.43
CA THR D 295 -12.67 -14.39 7.62
C THR D 295 -11.40 -15.20 7.44
N ALA D 296 -10.24 -14.65 7.77
CA ALA D 296 -8.98 -15.40 7.66
C ALA D 296 -8.77 -16.36 8.81
N LEU D 297 -9.64 -16.37 9.82
CA LEU D 297 -9.48 -17.27 10.97
C LEU D 297 -10.76 -18.05 11.28
N PRO D 298 -11.24 -18.87 10.33
CA PRO D 298 -12.16 -19.95 10.72
C PRO D 298 -11.43 -21.24 11.06
N ASP D 299 -10.18 -21.36 10.64
CA ASP D 299 -9.35 -22.52 10.92
C ASP D 299 -8.30 -22.25 12.00
N ALA D 300 -8.15 -21.00 12.43
CA ALA D 300 -7.16 -20.69 13.45
C ALA D 300 -7.40 -21.49 14.73
N ALA D 301 -8.67 -21.67 15.10
CA ALA D 301 -8.96 -22.52 16.25
C ALA D 301 -8.72 -23.99 15.90
N ALA D 302 -9.03 -24.40 14.67
CA ALA D 302 -8.73 -25.76 14.25
C ALA D 302 -7.23 -26.01 14.24
N GLN D 303 -6.46 -25.06 13.72
CA GLN D 303 -5.01 -25.19 13.74
C GLN D 303 -4.49 -25.20 15.18
N LEU D 304 -5.11 -24.42 16.06
CA LEU D 304 -4.72 -24.45 17.46
C LEU D 304 -4.93 -25.83 18.06
N MET D 305 -6.07 -26.45 17.77
CA MET D 305 -6.33 -27.80 18.30
C MET D 305 -5.34 -28.82 17.74
N ARG D 306 -5.08 -28.78 16.44
CA ARG D 306 -4.14 -29.72 15.85
C ARG D 306 -2.74 -29.54 16.42
N SER D 307 -2.29 -28.28 16.55
CA SER D 307 -0.98 -28.03 17.12
C SER D 307 -0.93 -28.43 18.58
N ARG D 308 -2.04 -28.28 19.32
CA ARG D 308 -2.07 -28.73 20.70
C ARG D 308 -1.90 -30.23 20.81
N VAL D 309 -2.61 -30.99 19.96
CA VAL D 309 -2.48 -32.45 20.02
C VAL D 309 -1.08 -32.87 19.59
N ALA D 310 -0.50 -32.19 18.60
CA ALA D 310 0.87 -32.49 18.20
C ALA D 310 1.86 -32.18 19.31
N ALA D 311 1.66 -31.07 20.02
CA ALA D 311 2.53 -30.72 21.13
C ALA D 311 2.42 -31.74 22.26
N ARG D 312 1.21 -32.22 22.53
CA ARG D 312 1.05 -33.26 23.54
C ARG D 312 1.79 -34.54 23.12
N ARG D 313 1.65 -34.92 21.86
CA ARG D 313 2.34 -36.12 21.37
C ARG D 313 3.86 -35.96 21.47
N LEU D 314 4.36 -34.78 21.13
CA LEU D 314 5.79 -34.53 21.22
C LEU D 314 6.27 -34.48 22.66
N LEU D 315 5.44 -33.97 23.57
CA LEU D 315 5.78 -33.96 24.99
C LEU D 315 5.83 -35.37 25.56
N GLU D 316 5.00 -36.28 25.04
CA GLU D 316 5.07 -37.67 25.47
C GLU D 316 6.48 -38.22 25.32
N LEU D 317 7.18 -37.81 24.27
CA LEU D 317 8.57 -38.18 24.08
C LEU D 317 9.45 -37.62 25.21
N PRO D 327 10.92 -54.01 31.46
CA PRO D 327 10.86 -54.86 32.65
C PRO D 327 12.23 -55.26 33.16
N ASP D 328 12.35 -55.45 34.48
CA ASP D 328 13.62 -55.85 35.07
C ASP D 328 13.99 -57.27 34.65
N VAL D 329 15.30 -57.52 34.55
CA VAL D 329 15.82 -58.81 34.16
C VAL D 329 16.94 -59.21 35.12
N ALA D 330 17.24 -60.50 35.15
CA ALA D 330 18.27 -61.03 36.04
C ALA D 330 19.66 -60.64 35.54
N THR D 331 20.62 -60.69 36.46
CA THR D 331 22.00 -60.36 36.16
C THR D 331 22.76 -61.61 35.74
N VAL D 332 23.54 -61.50 34.66
CA VAL D 332 24.31 -62.61 34.12
C VAL D 332 25.78 -62.21 34.10
N ASP D 333 26.63 -63.04 34.69
CA ASP D 333 28.06 -62.81 34.68
C ASP D 333 28.64 -63.17 33.32
N LEU D 334 29.65 -62.41 32.88
CA LEU D 334 30.24 -62.59 31.57
C LEU D 334 31.76 -62.60 31.67
N ALA D 335 32.38 -63.36 30.77
CA ALA D 335 33.83 -63.44 30.65
C ALA D 335 34.25 -63.12 29.21
N PRO D 336 35.46 -62.57 29.02
CA PRO D 336 35.87 -62.16 27.66
C PRO D 336 36.23 -63.33 26.74
N GLY D 337 35.21 -63.87 26.07
CA GLY D 337 35.42 -64.94 25.12
C GLY D 337 34.33 -66.00 25.14
N ASP D 338 33.40 -65.89 26.09
CA ASP D 338 32.32 -66.85 26.18
C ASP D 338 31.31 -66.66 25.05
N ARG D 339 30.53 -67.70 24.79
CA ARG D 339 29.48 -67.68 23.78
C ARG D 339 28.15 -67.98 24.45
N LEU D 340 27.15 -67.15 24.20
CA LEU D 340 25.82 -67.29 24.78
C LEU D 340 24.79 -67.51 23.69
N ALA D 341 23.79 -68.33 23.99
CA ALA D 341 22.72 -68.68 23.07
C ALA D 341 21.37 -68.41 23.72
N VAL D 342 21.22 -67.20 24.27
CA VAL D 342 20.02 -66.84 25.01
C VAL D 342 18.80 -66.98 24.11
N VAL D 343 17.82 -67.75 24.55
CA VAL D 343 16.57 -67.94 23.84
C VAL D 343 15.42 -67.83 24.84
N GLY D 344 14.24 -67.52 24.32
CA GLY D 344 13.07 -67.34 25.16
C GLY D 344 11.80 -67.16 24.37
N PRO D 345 10.65 -67.31 25.03
CA PRO D 345 9.38 -67.15 24.34
C PRO D 345 9.06 -65.70 24.05
N SER D 346 8.12 -65.50 23.11
CA SER D 346 7.67 -64.17 22.75
C SER D 346 6.90 -63.57 23.92
N GLY D 347 7.49 -62.58 24.58
CA GLY D 347 6.89 -61.98 25.76
C GLY D 347 7.89 -61.88 26.90
N SER D 348 9.12 -62.29 26.64
CA SER D 348 10.19 -62.24 27.62
C SER D 348 11.22 -61.19 27.20
N GLY D 349 11.75 -60.47 28.18
CA GLY D 349 12.69 -59.40 27.90
C GLY D 349 14.07 -59.89 27.51
N LYS D 350 14.14 -60.65 26.41
CA LYS D 350 15.42 -61.15 25.93
C LYS D 350 16.29 -60.01 25.40
N THR D 351 15.72 -59.16 24.54
CA THR D 351 16.46 -57.99 24.09
C THR D 351 16.70 -57.01 25.24
N THR D 352 15.74 -56.90 26.16
CA THR D 352 15.96 -56.07 27.34
C THR D 352 17.11 -56.61 28.17
N MET D 353 17.23 -57.93 28.27
CA MET D 353 18.40 -58.52 28.92
C MET D 353 19.66 -58.17 28.16
N LEU D 354 19.59 -58.17 26.82
CA LEU D 354 20.75 -57.78 26.02
C LEU D 354 21.21 -56.37 26.36
N MET D 355 20.29 -55.42 26.38
CA MET D 355 20.70 -54.04 26.67
C MET D 355 21.09 -53.88 28.13
N ALA D 356 20.51 -54.66 29.05
CA ALA D 356 20.94 -54.60 30.44
C ALA D 356 22.39 -55.07 30.57
N ILE D 357 22.74 -56.16 29.88
CA ILE D 357 24.13 -56.61 29.87
C ILE D 357 25.03 -55.56 29.25
N ALA D 358 24.59 -54.94 28.16
CA ALA D 358 25.39 -53.90 27.53
C ALA D 358 25.62 -52.73 28.47
N ASP D 359 24.58 -52.31 29.18
CA ASP D 359 24.70 -51.20 30.12
C ASP D 359 25.64 -51.53 31.27
N ARG D 360 25.49 -52.73 31.84
CA ARG D 360 26.35 -53.08 32.98
C ARG D 360 27.80 -53.29 32.55
N LEU D 361 28.02 -53.73 31.30
CA LEU D 361 29.39 -53.83 30.80
C LEU D 361 29.99 -52.46 30.53
N ASN D 362 29.22 -51.58 29.88
CA ASN D 362 29.73 -50.26 29.55
C ASN D 362 29.94 -49.40 30.79
N GLY D 363 29.11 -49.59 31.81
CA GLY D 363 29.23 -48.76 33.01
C GLY D 363 28.93 -47.31 32.77
N ALA D 364 27.90 -47.01 31.97
CA ALA D 364 27.49 -45.65 31.66
C ALA D 364 28.62 -44.84 31.04
N GLY D 365 28.49 -43.52 31.04
CA GLY D 365 29.52 -42.67 30.48
C GLY D 365 30.75 -42.61 31.36
N GLY D 366 31.82 -42.06 30.78
CA GLY D 366 33.08 -41.92 31.48
C GLY D 366 34.19 -42.80 30.95
N GLU D 367 33.93 -43.66 29.97
CA GLU D 367 34.95 -44.54 29.40
C GLU D 367 34.92 -44.43 27.89
N THR D 368 36.10 -44.31 27.28
CA THR D 368 36.22 -44.22 25.83
C THR D 368 36.10 -45.57 25.13
N PRO D 369 36.77 -46.65 25.61
CA PRO D 369 36.66 -47.91 24.84
C PRO D 369 35.40 -48.70 25.17
N GLN D 370 34.30 -48.33 24.52
CA GLN D 370 33.03 -49.01 24.73
C GLN D 370 33.16 -50.49 24.42
N ARG D 371 32.65 -51.32 25.33
CA ARG D 371 32.83 -52.76 25.25
C ARG D 371 31.65 -53.47 24.59
N ALA D 372 30.42 -53.15 25.00
CA ALA D 372 29.23 -53.85 24.54
C ALA D 372 28.35 -52.91 23.73
N ALA D 373 27.90 -53.38 22.57
CA ALA D 373 27.00 -52.64 21.70
C ALA D 373 25.96 -53.59 21.15
N VAL D 374 24.70 -53.33 21.45
CA VAL D 374 23.61 -54.18 20.99
C VAL D 374 23.35 -53.93 19.51
N PHE D 375 23.05 -54.98 18.77
CA PHE D 375 22.67 -54.88 17.37
C PHE D 375 21.23 -55.37 17.24
N ALA D 376 20.29 -54.43 17.23
CA ALA D 376 18.88 -54.78 17.14
C ALA D 376 18.54 -55.32 15.75
N GLU D 377 17.51 -56.16 15.70
CA GLU D 377 17.07 -56.71 14.42
C GLU D 377 16.54 -55.61 13.51
N ASP D 378 15.77 -54.68 14.05
CA ASP D 378 15.19 -53.58 13.27
C ASP D 378 16.18 -52.42 13.11
N ALA D 379 17.38 -52.73 12.59
CA ALA D 379 18.38 -51.71 12.37
C ALA D 379 18.13 -51.01 11.04
N HIS D 380 18.14 -49.68 11.07
CA HIS D 380 17.89 -48.92 9.86
C HIS D 380 19.05 -49.08 8.87
N LEU D 381 18.70 -49.01 7.58
CA LEU D 381 19.67 -49.12 6.49
C LEU D 381 19.75 -47.77 5.79
N PHE D 382 20.91 -47.12 5.88
CA PHE D 382 21.08 -45.83 5.24
C PHE D 382 21.05 -45.99 3.73
N ASP D 383 20.42 -45.02 3.05
CA ASP D 383 20.33 -45.04 1.60
C ASP D 383 21.53 -44.35 0.95
N THR D 384 22.72 -44.77 1.35
CA THR D 384 23.98 -44.23 0.84
C THR D 384 24.78 -45.38 0.21
N THR D 385 26.03 -45.08 -0.15
CA THR D 385 26.90 -46.10 -0.72
C THR D 385 27.14 -47.20 0.31
N VAL D 386 27.37 -48.42 -0.20
CA VAL D 386 27.56 -49.57 0.68
C VAL D 386 28.76 -49.34 1.59
N ARG D 387 29.81 -48.70 1.07
CA ARG D 387 30.95 -48.36 1.89
C ARG D 387 30.55 -47.50 3.07
N ASP D 388 29.81 -46.42 2.82
CA ASP D 388 29.32 -45.58 3.91
C ASP D 388 28.36 -46.34 4.82
N ASN D 389 27.49 -47.15 4.24
CA ASN D 389 26.53 -47.90 5.03
C ASN D 389 27.22 -48.89 5.96
N LEU D 390 28.43 -49.34 5.62
CA LEU D 390 29.13 -50.33 6.42
C LEU D 390 30.18 -49.74 7.34
N LEU D 391 30.62 -48.50 7.12
CA LEU D 391 31.61 -47.86 7.98
C LEU D 391 30.98 -47.08 9.13
N VAL D 392 29.67 -47.18 9.30
CA VAL D 392 29.01 -46.49 10.41
C VAL D 392 29.56 -46.96 11.75
N VAL D 393 29.74 -48.28 11.88
CA VAL D 393 30.34 -48.82 13.09
C VAL D 393 31.81 -48.45 13.20
N ARG D 394 32.54 -48.43 12.07
CA ARG D 394 33.96 -48.14 12.08
C ARG D 394 34.34 -47.56 10.73
N GLY D 395 34.68 -46.27 10.70
CA GLY D 395 35.03 -45.60 9.47
C GLY D 395 36.47 -45.75 9.00
N ASP D 396 37.28 -46.51 9.74
CA ASP D 396 38.68 -46.70 9.41
C ASP D 396 38.94 -48.13 8.91
N ALA D 397 37.98 -48.68 8.16
CA ALA D 397 38.09 -50.03 7.61
C ALA D 397 38.38 -49.94 6.12
N THR D 398 39.42 -50.61 5.67
CA THR D 398 39.78 -50.60 4.27
C THR D 398 38.76 -51.39 3.44
N ASP D 399 38.76 -51.14 2.14
CA ASP D 399 37.83 -51.82 1.24
C ASP D 399 38.08 -53.32 1.21
N THR D 400 39.33 -53.74 1.42
CA THR D 400 39.64 -55.16 1.44
C THR D 400 38.92 -55.86 2.58
N GLU D 401 38.89 -55.24 3.77
CA GLU D 401 38.19 -55.83 4.90
C GLU D 401 36.70 -55.94 4.62
N LEU D 402 36.11 -54.90 4.03
CA LEU D 402 34.68 -54.93 3.72
C LEU D 402 34.37 -56.01 2.70
N VAL D 403 35.20 -56.15 1.66
CA VAL D 403 34.98 -57.18 0.65
C VAL D 403 35.11 -58.56 1.27
N ALA D 404 36.12 -58.77 2.12
CA ALA D 404 36.30 -60.06 2.76
C ALA D 404 35.12 -60.39 3.66
N ALA D 405 34.63 -59.41 4.42
CA ALA D 405 33.47 -59.65 5.28
C ALA D 405 32.24 -59.99 4.46
N LEU D 406 32.01 -59.26 3.37
CA LEU D 406 30.86 -59.54 2.52
C LEU D 406 30.94 -60.92 1.91
N ASP D 407 32.14 -61.32 1.46
CA ASP D 407 32.32 -62.67 0.92
C ASP D 407 32.08 -63.73 1.99
N ARG D 408 32.58 -63.51 3.21
CA ARG D 408 32.46 -64.51 4.26
C ARG D 408 31.05 -64.60 4.83
N VAL D 409 30.24 -63.55 4.69
CA VAL D 409 28.86 -63.62 5.15
C VAL D 409 27.90 -64.08 4.05
N GLY D 410 28.34 -64.06 2.79
CA GLY D 410 27.49 -64.50 1.70
C GLY D 410 27.01 -63.38 0.82
N LEU D 411 27.85 -62.35 0.64
CA LEU D 411 27.50 -61.21 -0.19
C LEU D 411 28.54 -60.90 -1.26
N GLY D 412 29.48 -61.83 -1.51
CA GLY D 412 30.42 -61.62 -2.59
C GLY D 412 29.75 -61.60 -3.96
N GLU D 413 28.81 -62.53 -4.18
CA GLU D 413 28.07 -62.54 -5.44
C GLU D 413 27.13 -61.36 -5.54
N TRP D 414 26.59 -60.88 -4.42
CA TRP D 414 25.74 -59.70 -4.43
C TRP D 414 26.56 -58.46 -4.77
N LEU D 415 27.77 -58.37 -4.24
CA LEU D 415 28.63 -57.22 -4.52
C LEU D 415 29.19 -57.27 -5.94
N ALA D 416 29.40 -58.47 -6.48
CA ALA D 416 29.96 -58.59 -7.83
C ALA D 416 29.02 -57.99 -8.87
N GLY D 417 27.72 -58.22 -8.73
CA GLY D 417 26.77 -57.68 -9.68
C GLY D 417 26.44 -56.22 -9.54
N LEU D 418 26.92 -55.59 -8.48
CA LEU D 418 26.64 -54.17 -8.26
C LEU D 418 27.37 -53.33 -9.30
N PRO D 419 26.67 -52.47 -10.06
CA PRO D 419 27.35 -51.69 -11.09
C PRO D 419 28.46 -50.79 -10.54
N ASP D 420 28.27 -50.22 -9.36
CA ASP D 420 29.27 -49.35 -8.75
C ASP D 420 30.11 -50.07 -7.70
N GLY D 421 29.97 -51.37 -7.58
CA GLY D 421 30.70 -52.10 -6.55
C GLY D 421 30.25 -51.67 -5.18
N LEU D 422 31.18 -51.16 -4.38
CA LEU D 422 30.86 -50.65 -3.05
C LEU D 422 30.28 -49.25 -3.08
N SER D 423 30.20 -48.62 -4.25
CA SER D 423 29.70 -47.25 -4.39
C SER D 423 28.23 -47.20 -4.78
N THR D 424 27.52 -48.32 -4.74
CA THR D 424 26.11 -48.34 -5.10
C THR D 424 25.30 -47.55 -4.07
N VAL D 425 24.48 -46.61 -4.55
CA VAL D 425 23.82 -45.67 -3.66
C VAL D 425 22.67 -46.28 -2.87
N LEU D 426 22.04 -47.35 -3.37
CA LEU D 426 20.97 -48.05 -2.67
C LEU D 426 19.82 -47.09 -2.31
N VAL D 427 19.18 -46.56 -3.36
CA VAL D 427 18.05 -45.67 -3.17
C VAL D 427 16.91 -46.41 -2.49
N GLY D 428 16.29 -45.76 -1.51
CA GLY D 428 15.19 -46.33 -0.77
C GLY D 428 15.56 -47.03 0.51
N GLY D 429 16.85 -47.16 0.81
CA GLY D 429 17.28 -47.81 2.02
C GLY D 429 17.10 -49.31 2.00
N ALA D 430 16.33 -49.84 2.95
CA ALA D 430 16.13 -51.28 3.03
C ALA D 430 15.38 -51.84 1.82
N ALA D 431 14.59 -51.02 1.15
CA ALA D 431 13.83 -51.49 -0.01
C ALA D 431 14.74 -51.74 -1.22
N ALA D 432 15.96 -51.20 -1.21
CA ALA D 432 16.87 -51.42 -2.33
C ALA D 432 17.42 -52.83 -2.37
N VAL D 433 17.37 -53.56 -1.25
CA VAL D 433 17.89 -54.91 -1.16
C VAL D 433 16.81 -55.82 -0.57
N SER D 434 17.06 -57.13 -0.63
CA SER D 434 16.14 -58.10 -0.07
C SER D 434 16.30 -58.15 1.46
N ALA D 435 15.29 -58.73 2.11
CA ALA D 435 15.32 -58.83 3.57
C ALA D 435 16.50 -59.68 4.04
N GLY D 436 16.69 -60.85 3.41
CA GLY D 436 17.84 -61.67 3.75
C GLY D 436 19.16 -60.97 3.45
N GLN D 437 19.21 -60.27 2.31
CA GLN D 437 20.41 -59.49 1.99
C GLN D 437 20.64 -58.40 3.03
N ARG D 438 19.56 -57.73 3.47
CA ARG D 438 19.70 -56.67 4.46
C ARG D 438 20.23 -57.21 5.78
N ARG D 439 19.71 -58.37 6.22
CA ARG D 439 20.23 -58.97 7.44
C ARG D 439 21.66 -59.43 7.27
N ARG D 440 22.04 -59.86 6.07
CA ARG D 440 23.43 -60.19 5.80
C ARG D 440 24.34 -58.97 5.92
N LEU D 441 23.88 -57.82 5.39
CA LEU D 441 24.66 -56.60 5.56
C LEU D 441 24.76 -56.21 7.02
N LEU D 442 23.69 -56.40 7.79
CA LEU D 442 23.76 -56.11 9.22
C LEU D 442 24.77 -57.01 9.92
N ILE D 443 24.78 -58.30 9.57
CA ILE D 443 25.75 -59.21 10.16
C ILE D 443 27.17 -58.81 9.79
N ALA D 444 27.37 -58.40 8.54
CA ALA D 444 28.69 -57.92 8.12
C ALA D 444 29.10 -56.67 8.90
N ARG D 445 28.16 -55.75 9.12
CA ARG D 445 28.44 -54.56 9.91
C ARG D 445 28.83 -54.94 11.33
N ALA D 446 28.14 -55.91 11.92
CA ALA D 446 28.50 -56.37 13.26
C ALA D 446 29.90 -56.98 13.27
N LEU D 447 30.24 -57.72 12.21
CA LEU D 447 31.59 -58.28 12.09
C LEU D 447 32.64 -57.17 12.01
N ILE D 448 32.35 -56.11 11.25
CA ILE D 448 33.34 -55.04 11.06
C ILE D 448 33.64 -54.33 12.36
N SER D 449 32.61 -54.08 13.17
CA SER D 449 32.80 -53.37 14.43
C SER D 449 33.77 -54.12 15.34
N ALA D 450 34.68 -53.36 15.96
CA ALA D 450 35.72 -53.93 16.83
C ALA D 450 35.34 -53.87 18.30
N PHE D 451 34.05 -53.97 18.61
CA PHE D 451 33.62 -53.95 20.01
C PHE D 451 34.07 -55.22 20.70
N PRO D 452 34.63 -55.14 21.91
CA PRO D 452 35.03 -56.35 22.63
C PRO D 452 33.88 -57.31 22.87
N VAL D 453 32.68 -56.79 23.14
CA VAL D 453 31.48 -57.60 23.33
C VAL D 453 30.48 -57.19 22.27
N VAL D 454 30.03 -58.17 21.49
CA VAL D 454 29.06 -57.95 20.41
C VAL D 454 27.79 -58.71 20.75
N LEU D 455 26.66 -58.02 20.71
CA LEU D 455 25.38 -58.59 21.10
C LEU D 455 24.46 -58.61 19.88
N LEU D 456 23.89 -59.78 19.60
CA LEU D 456 23.05 -59.99 18.44
C LEU D 456 21.62 -60.26 18.87
N ASP D 457 20.66 -59.76 18.08
CA ASP D 457 19.24 -59.94 18.34
C ASP D 457 18.61 -60.61 17.12
N GLU D 458 18.38 -61.94 17.23
CA GLU D 458 17.82 -62.75 16.17
C GLU D 458 18.59 -62.57 14.86
N PRO D 459 19.82 -63.09 14.77
CA PRO D 459 20.59 -62.93 13.54
C PRO D 459 20.31 -63.99 12.49
N THR D 460 19.41 -64.93 12.74
CA THR D 460 19.12 -66.01 11.80
C THR D 460 17.72 -65.89 11.21
N GLU D 461 17.07 -64.74 11.36
CA GLU D 461 15.73 -64.54 10.82
C GLU D 461 15.82 -64.11 9.36
N ASN D 462 14.80 -64.48 8.59
CA ASN D 462 14.64 -64.09 7.19
C ASN D 462 15.84 -64.51 6.33
N LEU D 463 16.60 -65.50 6.77
CA LEU D 463 17.76 -65.99 6.04
C LEU D 463 17.40 -67.20 5.19
N ASP D 464 18.36 -67.64 4.39
CA ASP D 464 18.14 -68.79 3.52
C ASP D 464 17.97 -70.05 4.36
N ALA D 465 17.12 -70.97 3.86
CA ALA D 465 16.87 -72.20 4.58
C ALA D 465 18.12 -73.05 4.70
N GLY D 466 18.91 -73.13 3.63
CA GLY D 466 20.14 -73.88 3.64
C GLY D 466 21.36 -73.15 4.16
N ASP D 467 21.17 -71.93 4.67
CA ASP D 467 22.29 -71.13 5.16
C ASP D 467 22.13 -70.68 6.60
N ALA D 468 20.91 -70.45 7.08
CA ALA D 468 20.71 -69.85 8.40
C ALA D 468 21.29 -70.71 9.50
N ARG D 469 21.11 -72.03 9.42
CA ARG D 469 21.68 -72.92 10.41
C ARG D 469 23.20 -72.82 10.44
N GLN D 470 23.82 -72.76 9.26
CA GLN D 470 25.28 -72.66 9.19
C GLN D 470 25.77 -71.33 9.75
N MET D 471 25.08 -70.23 9.45
CA MET D 471 25.49 -68.94 10.00
C MET D 471 25.34 -68.93 11.52
N LEU D 472 24.25 -69.50 12.04
CA LEU D 472 24.09 -69.56 13.49
C LEU D 472 25.19 -70.41 14.12
N GLU D 473 25.52 -71.55 13.50
CA GLU D 473 26.57 -72.40 14.02
C GLU D 473 27.90 -71.67 14.04
N GLY D 474 28.23 -70.97 12.96
CA GLY D 474 29.48 -70.23 12.90
C GLY D 474 29.54 -69.08 13.88
N LEU D 475 28.45 -68.34 14.01
CA LEU D 475 28.42 -67.21 14.94
C LEU D 475 28.57 -67.68 16.38
N LEU D 476 27.88 -68.77 16.74
CA LEU D 476 27.99 -69.27 18.10
C LEU D 476 29.22 -70.15 18.31
N THR D 477 29.94 -70.49 17.24
CA THR D 477 31.22 -71.17 17.39
C THR D 477 32.31 -70.16 17.79
N PRO D 478 33.03 -70.41 18.88
CA PRO D 478 34.01 -69.42 19.36
C PRO D 478 35.23 -69.26 18.45
N GLY D 479 35.30 -69.94 17.31
CA GLY D 479 36.46 -69.83 16.46
C GLY D 479 36.16 -69.85 14.97
N ALA D 480 34.91 -69.59 14.60
CA ALA D 480 34.54 -69.59 13.18
C ALA D 480 34.61 -68.18 12.58
N LEU D 481 33.86 -67.24 13.13
CA LEU D 481 33.85 -65.86 12.65
C LEU D 481 34.45 -64.90 13.67
N PHE D 482 33.94 -64.89 14.90
CA PHE D 482 34.56 -64.15 15.99
C PHE D 482 35.48 -65.09 16.74
N ALA D 483 36.76 -64.72 16.84
CA ALA D 483 37.79 -65.61 17.36
C ALA D 483 38.22 -65.14 18.76
N ALA D 484 38.21 -66.08 19.71
CA ALA D 484 38.84 -65.91 21.01
C ALA D 484 38.26 -64.75 21.82
N ASP D 485 38.96 -63.62 21.82
CA ASP D 485 38.71 -62.52 22.74
C ASP D 485 37.44 -61.74 22.42
N ARG D 486 36.61 -62.20 21.50
CA ARG D 486 35.38 -61.51 21.14
C ARG D 486 34.19 -62.27 21.71
N THR D 487 33.31 -61.55 22.41
CA THR D 487 32.14 -62.12 23.04
C THR D 487 30.93 -61.94 22.14
N VAL D 488 30.18 -63.02 21.93
CA VAL D 488 28.98 -63.01 21.09
C VAL D 488 27.81 -63.48 21.93
N VAL D 489 26.78 -62.64 22.01
CA VAL D 489 25.53 -62.98 22.70
C VAL D 489 24.42 -62.92 21.66
N VAL D 490 23.67 -64.01 21.53
CA VAL D 490 22.66 -64.15 20.50
C VAL D 490 21.31 -64.40 21.17
N ALA D 491 20.30 -63.61 20.79
CA ALA D 491 18.94 -63.78 21.26
C ALA D 491 18.12 -64.26 20.05
N THR D 492 18.09 -65.57 19.86
CA THR D 492 17.48 -66.19 18.69
C THR D 492 16.25 -66.98 19.07
N HIS D 493 15.63 -67.60 18.06
CA HIS D 493 14.45 -68.43 18.24
C HIS D 493 14.61 -69.83 17.64
N HIS D 494 15.67 -70.08 16.89
CA HIS D 494 15.82 -71.35 16.17
C HIS D 494 17.09 -72.08 16.60
N LEU D 495 17.33 -72.17 17.90
CA LEU D 495 18.50 -72.88 18.40
C LEU D 495 18.42 -74.35 18.01
N PRO D 496 19.50 -74.93 17.48
CA PRO D 496 19.46 -76.34 17.06
C PRO D 496 19.18 -77.26 18.23
N PRO D 497 18.41 -78.33 18.01
CA PRO D 497 18.14 -79.26 19.12
C PRO D 497 19.40 -79.88 19.71
N GLY D 498 20.38 -80.21 18.87
CA GLY D 498 21.65 -80.68 19.36
C GLY D 498 22.72 -79.62 19.21
N PHE D 499 23.10 -78.97 20.32
CA PHE D 499 24.01 -77.85 20.26
C PHE D 499 24.70 -77.72 21.62
N ASP D 500 25.39 -76.59 21.81
CA ASP D 500 26.20 -76.34 22.99
C ASP D 500 26.04 -74.88 23.38
N CYS D 501 26.95 -74.39 24.23
CA CYS D 501 26.94 -73.06 24.87
C CYS D 501 25.84 -72.99 25.94
N PRO D 502 26.04 -72.18 26.98
CA PRO D 502 25.05 -72.11 28.06
C PRO D 502 23.71 -71.56 27.57
N ILE D 503 22.64 -71.98 28.25
CA ILE D 503 21.28 -71.59 27.91
C ILE D 503 20.73 -70.75 29.08
N VAL D 504 20.17 -69.59 28.75
CA VAL D 504 19.70 -68.64 29.75
C VAL D 504 18.21 -68.41 29.50
N ARG D 505 17.51 -69.46 29.08
CA ARG D 505 16.08 -69.40 28.78
C ARG D 505 15.31 -68.63 29.84
N CYS D 506 14.59 -67.60 29.39
CA CYS D 506 13.87 -66.71 30.29
C CYS D 506 12.45 -67.22 30.51
N THR D 507 11.61 -66.40 31.13
CA THR D 507 10.22 -66.76 31.39
C THR D 507 9.27 -65.79 30.69
#